data_1CIZ
# 
_entry.id   1CIZ 
# 
_audit_conform.dict_name       mmcif_pdbx.dic 
_audit_conform.dict_version    5.375 
_audit_conform.dict_location   http://mmcif.pdb.org/dictionaries/ascii/mmcif_pdbx.dic 
# 
loop_
_database_2.database_id 
_database_2.database_code 
_database_2.pdbx_database_accession 
_database_2.pdbx_DOI 
PDB   1CIZ         pdb_00001ciz 10.2210/pdb1ciz/pdb 
RCSB  RCSB000801   ?            ?                   
WWPDB D_1000000801 ?            ?                   
# 
_pdbx_database_status.status_code                     REL 
_pdbx_database_status.entry_id                        1CIZ 
_pdbx_database_status.recvd_initial_deposition_date   1999-04-06 
_pdbx_database_status.deposit_site                    BNL 
_pdbx_database_status.process_site                    RCSB 
_pdbx_database_status.SG_entry                        . 
_pdbx_database_status.pdb_format_compatible           Y 
_pdbx_database_status.status_code_mr                  ? 
_pdbx_database_status.status_code_sf                  ? 
_pdbx_database_status.status_code_cs                  ? 
_pdbx_database_status.methods_development_category    ? 
_pdbx_database_status.status_code_nmr_data            ? 
# 
loop_
_audit_author.name 
_audit_author.pdbx_ordinal 
'Pavlovsky, A.G.'   1  
'Williams, M.G.'    2  
'Ye, Q.-Z.'         3  
'Ortwine, D.F.'     4  
'Purchase II, C.F.' 5  
'White, A.D.'       6  
'Dhanaraj, V.'      7  
'Roth, B.D.'        8  
'Johnson, L.L.'     9  
'Hupe, D.'          10 
'Humblet, C.'       11 
'Blundell, T.L.'    12 
# 
_citation.id                        primary 
_citation.title                     
'X-ray structure of human stromelysin catalytic domain complexed with nonpeptide inhibitors: implications for inhibitor selectivity.' 
_citation.journal_abbrev            'Protein Sci.' 
_citation.journal_volume            8 
_citation.page_first                1455 
_citation.page_last                 1462 
_citation.year                      1999 
_citation.journal_id_ASTM           PRCIEI 
_citation.country                   US 
_citation.journal_id_ISSN           0961-8368 
_citation.journal_id_CSD            0795 
_citation.book_publisher            ? 
_citation.pdbx_database_id_PubMed   10422833 
_citation.pdbx_database_id_DOI      ? 
# 
loop_
_citation_author.citation_id 
_citation_author.name 
_citation_author.ordinal 
_citation_author.identifier_ORCID 
primary 'Pavlovsky, A.G.'   1  ? 
primary 'Williams, M.G.'    2  ? 
primary 'Ye, Q.Z.'          3  ? 
primary 'Ortwine, D.F.'     4  ? 
primary 'Purchase II, C.F.' 5  ? 
primary 'White, A.D.'       6  ? 
primary 'Dhanaraj, V.'      7  ? 
primary 'Roth, B.D.'        8  ? 
primary 'Johnson, L.L.'     9  ? 
primary 'Hupe, D.'          10 ? 
primary 'Humblet, C.'       11 ? 
primary 'Blundell, T.L.'    12 ? 
# 
_cell.entry_id           1CIZ 
_cell.length_a           69.370 
_cell.length_b           69.370 
_cell.length_c           74.400 
_cell.angle_alpha        90.00 
_cell.angle_beta         90.00 
_cell.angle_gamma        90.00 
_cell.Z_PDB              8 
_cell.pdbx_unique_axis   ? 
# 
_symmetry.entry_id                         1CIZ 
_symmetry.space_group_name_H-M             'P 41 21 2' 
_symmetry.pdbx_full_space_group_name_H-M   ? 
_symmetry.cell_setting                     ? 
_symmetry.Int_Tables_number                92 
# 
loop_
_entity.id 
_entity.type 
_entity.src_method 
_entity.pdbx_description 
_entity.formula_weight 
_entity.pdbx_number_of_molecules 
_entity.pdbx_ec 
_entity.pdbx_mutation 
_entity.pdbx_fragment 
_entity.details 
1 polymer     man 'PROTEIN (STROMELYSIN-1)'                                                               18887.029 1   3.4.24.17 
? 'CATALYTIC DOMAIN' ? 
2 non-polymer syn 'ZINC ION'                                                                              65.409    2   ?         
? ?                  ? 
3 non-polymer syn 'CALCIUM ION'                                                                           40.078    3   ?         
? ?                  ? 
4 non-polymer syn 'SULFATE ION'                                                                           96.063    1   ?         
? ?                  ? 
5 non-polymer syn '3-(1H-INDOL-3-YL)-2-[4-(4-PHENYL-PIPERIDIN-1-YL)-BENZENESULFONYLAMINO]-PROPIONIC ACID' 503.613   1   ?         
? ?                  ? 
6 water       nat water                                                                                   18.015    147 ?         
? ?                  ? 
# 
_entity_name_com.entity_id   1 
_entity_name_com.name        'MATRIX METALLOPROTEINASE-3' 
# 
_entity_poly.entity_id                      1 
_entity_poly.type                           'polypeptide(L)' 
_entity_poly.nstd_linkage                   no 
_entity_poly.nstd_monomer                   no 
_entity_poly.pdbx_seq_one_letter_code       
;FRTFPGIPKWRKTHLTYRIVNYTPDLPKDAVDSAVEKALKVWEEVTPLTFSRLYEGEADIMISFAVREHGDFYPFDGPGN
VLAHAYAPGPGINGDAHFDDDEQWTKDTTGTNLFLVAAHEIGHSLGLFHSANTEALMYPLYHSLTDLTRFRLSQDDINGI
QSLYGPPP
;
_entity_poly.pdbx_seq_one_letter_code_can   
;FRTFPGIPKWRKTHLTYRIVNYTPDLPKDAVDSAVEKALKVWEEVTPLTFSRLYEGEADIMISFAVREHGDFYPFDGPGN
VLAHAYAPGPGINGDAHFDDDEQWTKDTTGTNLFLVAAHEIGHSLGLFHSANTEALMYPLYHSLTDLTRFRLSQDDINGI
QSLYGPPP
;
_entity_poly.pdbx_strand_id                 A 
_entity_poly.pdbx_target_identifier         ? 
# 
loop_
_entity_poly_seq.entity_id 
_entity_poly_seq.num 
_entity_poly_seq.mon_id 
_entity_poly_seq.hetero 
1 1   PHE n 
1 2   ARG n 
1 3   THR n 
1 4   PHE n 
1 5   PRO n 
1 6   GLY n 
1 7   ILE n 
1 8   PRO n 
1 9   LYS n 
1 10  TRP n 
1 11  ARG n 
1 12  LYS n 
1 13  THR n 
1 14  HIS n 
1 15  LEU n 
1 16  THR n 
1 17  TYR n 
1 18  ARG n 
1 19  ILE n 
1 20  VAL n 
1 21  ASN n 
1 22  TYR n 
1 23  THR n 
1 24  PRO n 
1 25  ASP n 
1 26  LEU n 
1 27  PRO n 
1 28  LYS n 
1 29  ASP n 
1 30  ALA n 
1 31  VAL n 
1 32  ASP n 
1 33  SER n 
1 34  ALA n 
1 35  VAL n 
1 36  GLU n 
1 37  LYS n 
1 38  ALA n 
1 39  LEU n 
1 40  LYS n 
1 41  VAL n 
1 42  TRP n 
1 43  GLU n 
1 44  GLU n 
1 45  VAL n 
1 46  THR n 
1 47  PRO n 
1 48  LEU n 
1 49  THR n 
1 50  PHE n 
1 51  SER n 
1 52  ARG n 
1 53  LEU n 
1 54  TYR n 
1 55  GLU n 
1 56  GLY n 
1 57  GLU n 
1 58  ALA n 
1 59  ASP n 
1 60  ILE n 
1 61  MET n 
1 62  ILE n 
1 63  SER n 
1 64  PHE n 
1 65  ALA n 
1 66  VAL n 
1 67  ARG n 
1 68  GLU n 
1 69  HIS n 
1 70  GLY n 
1 71  ASP n 
1 72  PHE n 
1 73  TYR n 
1 74  PRO n 
1 75  PHE n 
1 76  ASP n 
1 77  GLY n 
1 78  PRO n 
1 79  GLY n 
1 80  ASN n 
1 81  VAL n 
1 82  LEU n 
1 83  ALA n 
1 84  HIS n 
1 85  ALA n 
1 86  TYR n 
1 87  ALA n 
1 88  PRO n 
1 89  GLY n 
1 90  PRO n 
1 91  GLY n 
1 92  ILE n 
1 93  ASN n 
1 94  GLY n 
1 95  ASP n 
1 96  ALA n 
1 97  HIS n 
1 98  PHE n 
1 99  ASP n 
1 100 ASP n 
1 101 ASP n 
1 102 GLU n 
1 103 GLN n 
1 104 TRP n 
1 105 THR n 
1 106 LYS n 
1 107 ASP n 
1 108 THR n 
1 109 THR n 
1 110 GLY n 
1 111 THR n 
1 112 ASN n 
1 113 LEU n 
1 114 PHE n 
1 115 LEU n 
1 116 VAL n 
1 117 ALA n 
1 118 ALA n 
1 119 HIS n 
1 120 GLU n 
1 121 ILE n 
1 122 GLY n 
1 123 HIS n 
1 124 SER n 
1 125 LEU n 
1 126 GLY n 
1 127 LEU n 
1 128 PHE n 
1 129 HIS n 
1 130 SER n 
1 131 ALA n 
1 132 ASN n 
1 133 THR n 
1 134 GLU n 
1 135 ALA n 
1 136 LEU n 
1 137 MET n 
1 138 TYR n 
1 139 PRO n 
1 140 LEU n 
1 141 TYR n 
1 142 HIS n 
1 143 SER n 
1 144 LEU n 
1 145 THR n 
1 146 ASP n 
1 147 LEU n 
1 148 THR n 
1 149 ARG n 
1 150 PHE n 
1 151 ARG n 
1 152 LEU n 
1 153 SER n 
1 154 GLN n 
1 155 ASP n 
1 156 ASP n 
1 157 ILE n 
1 158 ASN n 
1 159 GLY n 
1 160 ILE n 
1 161 GLN n 
1 162 SER n 
1 163 LEU n 
1 164 TYR n 
1 165 GLY n 
1 166 PRO n 
1 167 PRO n 
1 168 PRO n 
# 
_entity_src_gen.entity_id                          1 
_entity_src_gen.pdbx_src_id                        1 
_entity_src_gen.pdbx_alt_source_flag               sample 
_entity_src_gen.pdbx_seq_type                      ? 
_entity_src_gen.pdbx_beg_seq_num                   ? 
_entity_src_gen.pdbx_end_seq_num                   ? 
_entity_src_gen.gene_src_common_name               human 
_entity_src_gen.gene_src_genus                     Homo 
_entity_src_gen.pdbx_gene_src_gene                 ? 
_entity_src_gen.gene_src_species                   ? 
_entity_src_gen.gene_src_strain                    ? 
_entity_src_gen.gene_src_tissue                    ? 
_entity_src_gen.gene_src_tissue_fraction           ? 
_entity_src_gen.gene_src_details                   ? 
_entity_src_gen.pdbx_gene_src_fragment             ? 
_entity_src_gen.pdbx_gene_src_scientific_name      'Homo sapiens' 
_entity_src_gen.pdbx_gene_src_ncbi_taxonomy_id     9606 
_entity_src_gen.pdbx_gene_src_variant              ? 
_entity_src_gen.pdbx_gene_src_cell_line            FIBROBLAST 
_entity_src_gen.pdbx_gene_src_atcc                 ? 
_entity_src_gen.pdbx_gene_src_organ                ? 
_entity_src_gen.pdbx_gene_src_organelle            ? 
_entity_src_gen.pdbx_gene_src_cell                 ? 
_entity_src_gen.pdbx_gene_src_cellular_location    ? 
_entity_src_gen.host_org_common_name               ? 
_entity_src_gen.pdbx_host_org_scientific_name      'Escherichia coli' 
_entity_src_gen.pdbx_host_org_ncbi_taxonomy_id     562 
_entity_src_gen.host_org_genus                     Escherichia 
_entity_src_gen.pdbx_host_org_gene                 ? 
_entity_src_gen.pdbx_host_org_organ                ? 
_entity_src_gen.host_org_species                   ? 
_entity_src_gen.pdbx_host_org_tissue               ? 
_entity_src_gen.pdbx_host_org_tissue_fraction      ? 
_entity_src_gen.pdbx_host_org_strain               ? 
_entity_src_gen.pdbx_host_org_variant              ? 
_entity_src_gen.pdbx_host_org_cell_line            ? 
_entity_src_gen.pdbx_host_org_atcc                 ? 
_entity_src_gen.pdbx_host_org_culture_collection   ? 
_entity_src_gen.pdbx_host_org_cell                 ? 
_entity_src_gen.pdbx_host_org_organelle            ? 
_entity_src_gen.pdbx_host_org_cellular_location    ? 
_entity_src_gen.pdbx_host_org_vector_type          ? 
_entity_src_gen.pdbx_host_org_vector               ? 
_entity_src_gen.host_org_details                   ? 
_entity_src_gen.expression_system_id               ? 
_entity_src_gen.plasmid_name                       PGEMEX-1 
_entity_src_gen.plasmid_details                    ? 
_entity_src_gen.pdbx_description                   ? 
# 
_struct_ref.id                         1 
_struct_ref.db_name                    UNP 
_struct_ref.db_code                    MMP3_HUMAN 
_struct_ref.entity_id                  1 
_struct_ref.pdbx_db_accession          P08254 
_struct_ref.pdbx_db_isoform            ? 
_struct_ref.pdbx_seq_one_letter_code   ? 
_struct_ref.pdbx_align_begin           ? 
# 
_struct_ref_seq.align_id                      1 
_struct_ref_seq.ref_id                        1 
_struct_ref_seq.pdbx_PDB_id_code              1CIZ 
_struct_ref_seq.pdbx_strand_id                A 
_struct_ref_seq.seq_align_beg                 1 
_struct_ref_seq.pdbx_seq_align_beg_ins_code   ? 
_struct_ref_seq.seq_align_end                 168 
_struct_ref_seq.pdbx_seq_align_end_ins_code   ? 
_struct_ref_seq.pdbx_db_accession             P08254 
_struct_ref_seq.db_align_beg                  100 
_struct_ref_seq.pdbx_db_align_beg_ins_code    ? 
_struct_ref_seq.db_align_end                  267 
_struct_ref_seq.pdbx_db_align_end_ins_code    ? 
_struct_ref_seq.pdbx_auth_seq_align_beg       83 
_struct_ref_seq.pdbx_auth_seq_align_end       250 
# 
loop_
_chem_comp.id 
_chem_comp.type 
_chem_comp.mon_nstd_flag 
_chem_comp.name 
_chem_comp.pdbx_synonyms 
_chem_comp.formula 
_chem_comp.formula_weight 
ALA 'L-peptide linking' y ALANINE                                                                                 ? 'C3 H7 N O2' 
89.093  
ARG 'L-peptide linking' y ARGININE                                                                                ? 
'C6 H15 N4 O2 1'  175.209 
ASN 'L-peptide linking' y ASPARAGINE                                                                              ? 'C4 H8 N2 O3' 
132.118 
ASP 'L-peptide linking' y 'ASPARTIC ACID'                                                                         ? 'C4 H7 N O4' 
133.103 
CA  non-polymer         . 'CALCIUM ION'                                                                           ? 'Ca 2' 40.078  
DPS non-polymer         . '3-(1H-INDOL-3-YL)-2-[4-(4-PHENYL-PIPERIDIN-1-YL)-BENZENESULFONYLAMINO]-PROPIONIC ACID' ? 
'C28 H29 N3 O4 S' 503.613 
GLN 'L-peptide linking' y GLUTAMINE                                                                               ? 'C5 H10 N2 O3' 
146.144 
GLU 'L-peptide linking' y 'GLUTAMIC ACID'                                                                         ? 'C5 H9 N O4' 
147.129 
GLY 'peptide linking'   y GLYCINE                                                                                 ? 'C2 H5 N O2' 
75.067  
HIS 'L-peptide linking' y HISTIDINE                                                                               ? 
'C6 H10 N3 O2 1'  156.162 
HOH non-polymer         . WATER                                                                                   ? 'H2 O' 18.015  
ILE 'L-peptide linking' y ISOLEUCINE                                                                              ? 'C6 H13 N O2' 
131.173 
LEU 'L-peptide linking' y LEUCINE                                                                                 ? 'C6 H13 N O2' 
131.173 
LYS 'L-peptide linking' y LYSINE                                                                                  ? 
'C6 H15 N2 O2 1'  147.195 
MET 'L-peptide linking' y METHIONINE                                                                              ? 
'C5 H11 N O2 S'   149.211 
PHE 'L-peptide linking' y PHENYLALANINE                                                                           ? 'C9 H11 N O2' 
165.189 
PRO 'L-peptide linking' y PROLINE                                                                                 ? 'C5 H9 N O2' 
115.130 
SER 'L-peptide linking' y SERINE                                                                                  ? 'C3 H7 N O3' 
105.093 
SO4 non-polymer         . 'SULFATE ION'                                                                           ? 'O4 S -2' 
96.063  
THR 'L-peptide linking' y THREONINE                                                                               ? 'C4 H9 N O3' 
119.119 
TRP 'L-peptide linking' y TRYPTOPHAN                                                                              ? 
'C11 H12 N2 O2'   204.225 
TYR 'L-peptide linking' y TYROSINE                                                                                ? 'C9 H11 N O3' 
181.189 
VAL 'L-peptide linking' y VALINE                                                                                  ? 'C5 H11 N O2' 
117.146 
ZN  non-polymer         . 'ZINC ION'                                                                              ? 'Zn 2' 65.409  
# 
_exptl.entry_id          1CIZ 
_exptl.method            'X-RAY DIFFRACTION' 
_exptl.crystals_number   1 
# 
_exptl_crystal.id                    1 
_exptl_crystal.density_meas          ? 
_exptl_crystal.density_Matthews      2.37 
_exptl_crystal.density_percent_sol   48.05 
_exptl_crystal.description           ? 
# 
_exptl_crystal_grow.crystal_id      1 
_exptl_crystal_grow.method          ? 
_exptl_crystal_grow.temp            ? 
_exptl_crystal_grow.temp_details    ? 
_exptl_crystal_grow.pH              6.5 
_exptl_crystal_grow.pdbx_details    'pH 6.5' 
_exptl_crystal_grow.pdbx_pH_range   . 
# 
_diffrn.id                     1 
_diffrn.ambient_temp           87 
_diffrn.ambient_temp_details   ? 
_diffrn.crystal_id             1 
# 
_diffrn_detector.diffrn_id              1 
_diffrn_detector.detector               'IMAGE PLATE' 
_diffrn_detector.type                   'MAR scanner 300 mm plate' 
_diffrn_detector.pdbx_collection_date   1997-01 
_diffrn_detector.details                'SUPPER 8CM/16CM FOCUSING MIRRORS' 
# 
_diffrn_radiation.diffrn_id                        1 
_diffrn_radiation.wavelength_id                    1 
_diffrn_radiation.pdbx_monochromatic_or_laue_m_l   M 
_diffrn_radiation.monochromator                    ? 
_diffrn_radiation.pdbx_diffrn_protocol             'SINGLE WAVELENGTH' 
_diffrn_radiation.pdbx_scattering_type             x-ray 
# 
_diffrn_radiation_wavelength.id           1 
_diffrn_radiation_wavelength.wavelength   1.5418 
_diffrn_radiation_wavelength.wt           1.0 
# 
_diffrn_source.diffrn_id                   1 
_diffrn_source.source                      'ROTATING ANODE' 
_diffrn_source.type                        'RIGAKU RU200' 
_diffrn_source.pdbx_synchrotron_site       ? 
_diffrn_source.pdbx_synchrotron_beamline   ? 
_diffrn_source.pdbx_wavelength             1.5418 
_diffrn_source.pdbx_wavelength_list        ? 
# 
_reflns.entry_id                     1CIZ 
_reflns.observed_criterion_sigma_I   2 
_reflns.observed_criterion_sigma_F   ? 
_reflns.d_resolution_low             10.0 
_reflns.d_resolution_high            1.64 
_reflns.number_obs                   21098 
_reflns.number_all                   ? 
_reflns.percent_possible_obs         92.3 
_reflns.pdbx_Rmerge_I_obs            ? 
_reflns.pdbx_Rsym_value              0.038 
_reflns.pdbx_netI_over_sigmaI        22.9 
_reflns.B_iso_Wilson_estimate        ? 
_reflns.pdbx_redundancy              3.8 
_reflns.R_free_details               ? 
_reflns.pdbx_ordinal                 1 
_reflns.pdbx_diffrn_id               1 
# 
_reflns_shell.d_res_high             1.64 
_reflns_shell.d_res_low              1.7 
_reflns_shell.percent_possible_all   92.4 
_reflns_shell.Rmerge_I_obs           ? 
_reflns_shell.pdbx_Rsym_value        0.121 
_reflns_shell.meanI_over_sigI_obs    11.2 
_reflns_shell.pdbx_redundancy        ? 
_reflns_shell.percent_possible_obs   ? 
_reflns_shell.number_unique_all      ? 
_reflns_shell.pdbx_ordinal           1 
_reflns_shell.pdbx_diffrn_id         1 
# 
_refine.entry_id                                 1CIZ 
_refine.ls_number_reflns_obs                     20767 
_refine.ls_number_reflns_all                     ? 
_refine.pdbx_ls_sigma_I                          ? 
_refine.pdbx_ls_sigma_F                          2.0 
_refine.pdbx_data_cutoff_high_absF               ? 
_refine.pdbx_data_cutoff_low_absF                ? 
_refine.pdbx_data_cutoff_high_rms_absF           ? 
_refine.ls_d_res_low                             8.0 
_refine.ls_d_res_high                            1.64 
_refine.ls_percent_reflns_obs                    90.9 
_refine.ls_R_factor_obs                          ? 
_refine.ls_R_factor_all                          ? 
_refine.ls_R_factor_R_work                       0.2090000 
_refine.ls_R_factor_R_free                       0.2450000 
_refine.ls_R_factor_R_free_error                 ? 
_refine.ls_R_factor_R_free_error_details         ? 
_refine.ls_percent_reflns_R_free                 10 
_refine.ls_number_reflns_R_free                  ? 
_refine.ls_number_parameters                     ? 
_refine.ls_number_restraints                     ? 
_refine.occupancy_min                            ? 
_refine.occupancy_max                            ? 
_refine.B_iso_mean                               ? 
_refine.aniso_B[1][1]                            ? 
_refine.aniso_B[2][2]                            ? 
_refine.aniso_B[3][3]                            ? 
_refine.aniso_B[1][2]                            ? 
_refine.aniso_B[1][3]                            ? 
_refine.aniso_B[2][3]                            ? 
_refine.solvent_model_details                    ? 
_refine.solvent_model_param_ksol                 ? 
_refine.solvent_model_param_bsol                 ? 
_refine.pdbx_ls_cross_valid_method               THROUGHOUT 
_refine.details                                  ? 
_refine.pdbx_starting_model                      'PROTEIN FROM 1B8Y' 
_refine.pdbx_method_to_determine_struct          'MOLECULAR REPLACEMENT' 
_refine.pdbx_isotropic_thermal_model             ? 
_refine.pdbx_stereochemistry_target_values       ? 
_refine.pdbx_stereochem_target_val_spec_case     ? 
_refine.pdbx_R_Free_selection_details            RANDOM 
_refine.pdbx_overall_ESU_R                       ? 
_refine.pdbx_overall_ESU_R_Free                  ? 
_refine.overall_SU_ML                            ? 
_refine.overall_SU_B                             ? 
_refine.ls_redundancy_reflns_obs                 ? 
_refine.pdbx_refine_id                           'X-RAY DIFFRACTION' 
_refine.pdbx_diffrn_id                           1 
_refine.pdbx_TLS_residual_ADP_flag               ? 
_refine.correlation_coeff_Fo_to_Fc               ? 
_refine.correlation_coeff_Fo_to_Fc_free          ? 
_refine.pdbx_solvent_vdw_probe_radii             ? 
_refine.pdbx_solvent_ion_probe_radii             ? 
_refine.pdbx_solvent_shrinkage_radii             ? 
_refine.pdbx_overall_phase_error                 ? 
_refine.overall_SU_R_Cruickshank_DPI             ? 
_refine.pdbx_overall_SU_R_free_Cruickshank_DPI   ? 
_refine.pdbx_overall_SU_R_Blow_DPI               ? 
_refine.pdbx_overall_SU_R_free_Blow_DPI          ? 
# 
_refine_hist.pdbx_refine_id                   'X-RAY DIFFRACTION' 
_refine_hist.cycle_id                         LAST 
_refine_hist.pdbx_number_atoms_protein        1339 
_refine_hist.pdbx_number_atoms_nucleic_acid   0 
_refine_hist.pdbx_number_atoms_ligand         46 
_refine_hist.number_atoms_solvent             147 
_refine_hist.number_atoms_total               1532 
_refine_hist.d_res_high                       1.64 
_refine_hist.d_res_low                        8.0 
# 
loop_
_refine_ls_restr.type 
_refine_ls_restr.dev_ideal 
_refine_ls_restr.dev_ideal_target 
_refine_ls_restr.weight 
_refine_ls_restr.number 
_refine_ls_restr.pdbx_refine_id 
_refine_ls_restr.pdbx_restraint_function 
x_bond_d                0.009 ? ? ? 'X-RAY DIFFRACTION' ? 
x_bond_d_na             ?     ? ? ? 'X-RAY DIFFRACTION' ? 
x_bond_d_prot           ?     ? ? ? 'X-RAY DIFFRACTION' ? 
x_angle_d               ?     ? ? ? 'X-RAY DIFFRACTION' ? 
x_angle_d_na            ?     ? ? ? 'X-RAY DIFFRACTION' ? 
x_angle_d_prot          ?     ? ? ? 'X-RAY DIFFRACTION' ? 
x_angle_deg             3.1   ? ? ? 'X-RAY DIFFRACTION' ? 
x_angle_deg_na          ?     ? ? ? 'X-RAY DIFFRACTION' ? 
x_angle_deg_prot        ?     ? ? ? 'X-RAY DIFFRACTION' ? 
x_dihedral_angle_d      27.0  ? ? ? 'X-RAY DIFFRACTION' ? 
x_dihedral_angle_d_na   ?     ? ? ? 'X-RAY DIFFRACTION' ? 
x_dihedral_angle_d_prot ?     ? ? ? 'X-RAY DIFFRACTION' ? 
x_improper_angle_d      1.9   ? ? ? 'X-RAY DIFFRACTION' ? 
x_improper_angle_d_na   ?     ? ? ? 'X-RAY DIFFRACTION' ? 
x_improper_angle_d_prot ?     ? ? ? 'X-RAY DIFFRACTION' ? 
x_mcbond_it             ?     ? ? ? 'X-RAY DIFFRACTION' ? 
x_mcangle_it            ?     ? ? ? 'X-RAY DIFFRACTION' ? 
x_scbond_it             ?     ? ? ? 'X-RAY DIFFRACTION' ? 
x_scangle_it            ?     ? ? ? 'X-RAY DIFFRACTION' ? 
# 
_refine_ls_shell.pdbx_total_number_of_bins_used   8 
_refine_ls_shell.d_res_high                       1.6 
_refine_ls_shell.d_res_low                        1.67 
_refine_ls_shell.number_reflns_R_work             1048 
_refine_ls_shell.R_factor_R_work                  0.3080000 
_refine_ls_shell.percent_reflns_obs               ? 
_refine_ls_shell.R_factor_R_free                  0.3050000 
_refine_ls_shell.R_factor_R_free_error            ? 
_refine_ls_shell.percent_reflns_R_free            11 
_refine_ls_shell.number_reflns_R_free             119 
_refine_ls_shell.redundancy_reflns_obs            ? 
_refine_ls_shell.pdbx_refine_id                   'X-RAY DIFFRACTION' 
_refine_ls_shell.number_reflns_all                ? 
_refine_ls_shell.R_factor_all                     ? 
# 
_pdbx_xplor_file.serial_no        1 
_pdbx_xplor_file.param_file       PARAM19X.PRO 
_pdbx_xplor_file.topol_file       TOPH19X.PRO 
_pdbx_xplor_file.pdbx_refine_id   'X-RAY DIFFRACTION' 
# 
_struct.entry_id                  1CIZ 
_struct.title                     
'X-RAY STRUCTURE OF HUMAN STROMELYSIN CATALYTIC DOMAIN COMPLEXES WITH NON-PEPTIDE INHIBITORS: IMPLICATION FOR INHIBITOR SELECTIVITY' 
_struct.pdbx_model_details        ? 
_struct.pdbx_CASP_flag            ? 
_struct.pdbx_model_type_details   ? 
# 
_struct_keywords.entry_id        1CIZ 
_struct_keywords.pdbx_keywords   METALLOPROTEINASE 
_struct_keywords.text            'MATRIX METALLOPROTEINASE, MMP-3, NON-PEPTIDE INHIBITOR, METALLOPROTEINASE' 
# 
loop_
_struct_asym.id 
_struct_asym.pdbx_blank_PDB_chainid_flag 
_struct_asym.pdbx_modified 
_struct_asym.entity_id 
_struct_asym.details 
A N N 1 ? 
B N N 2 ? 
C N N 2 ? 
D N N 3 ? 
E N N 3 ? 
F N N 3 ? 
G N N 4 ? 
H N N 5 ? 
I N N 6 ? 
# 
_struct_biol.id   1 
# 
loop_
_struct_conf.conf_type_id 
_struct_conf.id 
_struct_conf.pdbx_PDB_helix_id 
_struct_conf.beg_label_comp_id 
_struct_conf.beg_label_asym_id 
_struct_conf.beg_label_seq_id 
_struct_conf.pdbx_beg_PDB_ins_code 
_struct_conf.end_label_comp_id 
_struct_conf.end_label_asym_id 
_struct_conf.end_label_seq_id 
_struct_conf.pdbx_end_PDB_ins_code 
_struct_conf.beg_auth_comp_id 
_struct_conf.beg_auth_asym_id 
_struct_conf.beg_auth_seq_id 
_struct_conf.end_auth_comp_id 
_struct_conf.end_auth_asym_id 
_struct_conf.end_auth_seq_id 
_struct_conf.pdbx_PDB_helix_class 
_struct_conf.details 
_struct_conf.pdbx_PDB_helix_length 
HELX_P HELX_P1 1 LYS A 28  ? VAL A 45  ? LYS A 110 VAL A 127 1 ? 18 
HELX_P HELX_P2 2 LEU A 113 ? LEU A 125 ? LEU A 195 LEU A 207 1 ? 13 
HELX_P HELX_P3 3 LEU A 147 ? ARG A 149 ? LEU A 229 ARG A 231 5 ? 3  
HELX_P HELX_P4 4 GLN A 154 ? TYR A 164 ? GLN A 236 TYR A 246 1 ? 11 
# 
_struct_conf_type.id          HELX_P 
_struct_conf_type.criteria    ? 
_struct_conf_type.reference   ? 
# 
loop_
_struct_conn.id 
_struct_conn.conn_type_id 
_struct_conn.pdbx_leaving_atom_flag 
_struct_conn.pdbx_PDB_id 
_struct_conn.ptnr1_label_asym_id 
_struct_conn.ptnr1_label_comp_id 
_struct_conn.ptnr1_label_seq_id 
_struct_conn.ptnr1_label_atom_id 
_struct_conn.pdbx_ptnr1_label_alt_id 
_struct_conn.pdbx_ptnr1_PDB_ins_code 
_struct_conn.pdbx_ptnr1_standard_comp_id 
_struct_conn.ptnr1_symmetry 
_struct_conn.ptnr2_label_asym_id 
_struct_conn.ptnr2_label_comp_id 
_struct_conn.ptnr2_label_seq_id 
_struct_conn.ptnr2_label_atom_id 
_struct_conn.pdbx_ptnr2_label_alt_id 
_struct_conn.pdbx_ptnr2_PDB_ins_code 
_struct_conn.ptnr1_auth_asym_id 
_struct_conn.ptnr1_auth_comp_id 
_struct_conn.ptnr1_auth_seq_id 
_struct_conn.ptnr2_auth_asym_id 
_struct_conn.ptnr2_auth_comp_id 
_struct_conn.ptnr2_auth_seq_id 
_struct_conn.ptnr2_symmetry 
_struct_conn.pdbx_ptnr3_label_atom_id 
_struct_conn.pdbx_ptnr3_label_seq_id 
_struct_conn.pdbx_ptnr3_label_comp_id 
_struct_conn.pdbx_ptnr3_label_asym_id 
_struct_conn.pdbx_ptnr3_label_alt_id 
_struct_conn.pdbx_ptnr3_PDB_ins_code 
_struct_conn.details 
_struct_conn.pdbx_dist_value 
_struct_conn.pdbx_value_order 
_struct_conn.pdbx_role 
metalc1  metalc ? ? A ASP 25  OD2 ? ? ? 1_555 F CA  . CA ? ? A ASP 107 A CA  305 1_555 ? ? ? ? ? ? ? 2.469 ? ? 
metalc2  metalc ? ? A ASP 25  OD1 ? ? ? 1_555 F CA  . CA ? ? A ASP 107 A CA  305 1_555 ? ? ? ? ? ? ? 3.341 ? ? 
metalc3  metalc ? ? A ASP 59  O   ? ? ? 1_555 E CA  . CA ? ? A ASP 141 A CA  304 1_555 ? ? ? ? ? ? ? 2.431 ? ? 
metalc4  metalc ? ? A HIS 69  NE2 ? ? ? 1_555 C ZN  . ZN ? ? A HIS 151 A ZN  302 1_555 ? ? ? ? ? ? ? 2.138 ? ? 
metalc5  metalc ? ? A ASP 71  OD2 ? ? ? 1_555 C ZN  . ZN ? ? A ASP 153 A ZN  302 1_555 ? ? ? ? ? ? ? 2.163 ? ? 
metalc6  metalc ? ? A ASP 76  OD1 ? ? ? 1_555 D CA  . CA ? ? A ASP 158 A CA  303 1_555 ? ? ? ? ? ? ? 2.460 ? ? 
metalc7  metalc ? ? A GLY 77  O   ? ? ? 1_555 D CA  . CA ? ? A GLY 159 A CA  303 1_555 ? ? ? ? ? ? ? 2.344 ? ? 
metalc8  metalc ? ? A GLY 79  O   ? ? ? 1_555 D CA  . CA ? ? A GLY 161 A CA  303 1_555 ? ? ? ? ? ? ? 2.402 ? ? 
metalc9  metalc ? ? A VAL 81  O   ? ? ? 1_555 D CA  . CA ? ? A VAL 163 A CA  303 1_555 ? ? ? ? ? ? ? 2.387 ? ? 
metalc10 metalc ? ? A HIS 84  NE2 ? ? ? 1_555 C ZN  . ZN ? ? A HIS 166 A ZN  302 1_555 ? ? ? ? ? ? ? 2.136 ? ? 
metalc11 metalc ? ? A GLY 91  O   ? ? ? 1_555 E CA  . CA ? ? A GLY 173 A CA  304 1_555 ? ? ? ? ? ? ? 2.377 ? ? 
metalc12 metalc ? ? A ASN 93  O   ? ? ? 1_555 E CA  . CA ? ? A ASN 175 A CA  304 1_555 ? ? ? ? ? ? ? 2.448 ? ? 
metalc13 metalc ? ? A ASP 95  OD1 ? ? ? 1_555 E CA  . CA ? ? A ASP 177 A CA  304 1_555 ? ? ? ? ? ? ? 2.501 ? ? 
metalc14 metalc ? ? A HIS 97  ND1 ? ? ? 1_555 C ZN  . ZN ? ? A HIS 179 A ZN  302 1_555 ? ? ? ? ? ? ? 2.216 ? ? 
metalc15 metalc ? ? A ASP 99  OD2 ? ? ? 1_555 D CA  . CA ? ? A ASP 181 A CA  303 1_555 ? ? ? ? ? ? ? 2.484 ? ? 
metalc16 metalc ? ? A ASP 100 O   ? ? ? 1_555 F CA  . CA ? ? A ASP 182 A CA  305 1_555 ? ? ? ? ? ? ? 2.502 ? ? 
metalc17 metalc ? ? A ASP 100 OD1 ? ? ? 1_555 F CA  . CA ? ? A ASP 182 A CA  305 1_555 ? ? ? ? ? ? ? 2.440 ? ? 
metalc18 metalc ? ? A GLU 102 OE2 ? ? ? 1_555 D CA  . CA ? ? A GLU 184 A CA  303 1_555 ? ? ? ? ? ? ? 2.404 ? ? 
metalc19 metalc ? ? A GLU 102 O   ? ? ? 1_555 F CA  . CA ? ? A GLU 184 A CA  305 1_555 ? ? ? ? ? ? ? 2.344 ? ? 
metalc20 metalc ? ? A HIS 119 NE2 ? ? ? 1_555 B ZN  . ZN ? ? A HIS 201 A ZN  301 1_555 ? ? ? ? ? ? ? 2.169 ? ? 
metalc21 metalc ? ? A HIS 123 NE2 ? ? ? 1_555 B ZN  . ZN ? ? A HIS 205 A ZN  301 1_555 ? ? ? ? ? ? ? 2.171 ? ? 
metalc22 metalc ? ? A HIS 129 NE2 ? ? ? 1_555 B ZN  . ZN ? ? A HIS 211 A ZN  301 1_555 ? ? ? ? ? ? ? 2.155 ? ? 
metalc23 metalc ? ? B ZN  .   ZN  ? ? ? 1_555 H DPS . O4 ? ? A ZN  301 A DPS 307 1_555 ? ? ? ? ? ? ? 2.085 ? ? 
metalc24 metalc ? ? B ZN  .   ZN  ? ? ? 1_555 H DPS . O3 ? ? A ZN  301 A DPS 307 1_555 ? ? ? ? ? ? ? 2.616 ? ? 
metalc25 metalc ? ? E CA  .   CA  ? ? ? 1_555 I HOH . O  ? ? A CA  304 A HOH 403 1_555 ? ? ? ? ? ? ? 2.561 ? ? 
metalc26 metalc ? ? E CA  .   CA  ? ? ? 1_555 I HOH . O  ? ? A CA  304 A HOH 404 1_555 ? ? ? ? ? ? ? 2.535 ? ? 
metalc27 metalc ? ? F CA  .   CA  ? ? ? 1_555 I HOH . O  ? ? A CA  305 A HOH 401 1_555 ? ? ? ? ? ? ? 2.520 ? ? 
# 
_struct_conn_type.id          metalc 
_struct_conn_type.criteria    ? 
_struct_conn_type.reference   ? 
# 
_struct_sheet.id               A 
_struct_sheet.type             ? 
_struct_sheet.number_strands   5 
_struct_sheet.details          ? 
# 
loop_
_struct_sheet_order.sheet_id 
_struct_sheet_order.range_id_1 
_struct_sheet_order.range_id_2 
_struct_sheet_order.offset 
_struct_sheet_order.sense 
A 1 2 ? parallel      
A 2 3 ? parallel      
A 3 4 ? parallel      
A 4 5 ? anti-parallel 
# 
loop_
_struct_sheet_range.sheet_id 
_struct_sheet_range.id 
_struct_sheet_range.beg_label_comp_id 
_struct_sheet_range.beg_label_asym_id 
_struct_sheet_range.beg_label_seq_id 
_struct_sheet_range.pdbx_beg_PDB_ins_code 
_struct_sheet_range.end_label_comp_id 
_struct_sheet_range.end_label_asym_id 
_struct_sheet_range.end_label_seq_id 
_struct_sheet_range.pdbx_end_PDB_ins_code 
_struct_sheet_range.beg_auth_comp_id 
_struct_sheet_range.beg_auth_asym_id 
_struct_sheet_range.beg_auth_seq_id 
_struct_sheet_range.end_auth_comp_id 
_struct_sheet_range.end_auth_asym_id 
_struct_sheet_range.end_auth_seq_id 
A 1 THR A 49 ? ARG A 52 ? THR A 131 ARG A 134 
A 2 HIS A 14 ? ILE A 19 ? HIS A 96  ILE A 101 
A 3 ILE A 60 ? ALA A 65 ? ILE A 142 ALA A 147 
A 4 ALA A 96 ? ASP A 99 ? ALA A 178 ASP A 181 
A 5 ALA A 83 ? ALA A 85 ? ALA A 165 ALA A 167 
# 
loop_
_pdbx_struct_sheet_hbond.sheet_id 
_pdbx_struct_sheet_hbond.range_id_1 
_pdbx_struct_sheet_hbond.range_id_2 
_pdbx_struct_sheet_hbond.range_1_label_atom_id 
_pdbx_struct_sheet_hbond.range_1_label_comp_id 
_pdbx_struct_sheet_hbond.range_1_label_asym_id 
_pdbx_struct_sheet_hbond.range_1_label_seq_id 
_pdbx_struct_sheet_hbond.range_1_PDB_ins_code 
_pdbx_struct_sheet_hbond.range_1_auth_atom_id 
_pdbx_struct_sheet_hbond.range_1_auth_comp_id 
_pdbx_struct_sheet_hbond.range_1_auth_asym_id 
_pdbx_struct_sheet_hbond.range_1_auth_seq_id 
_pdbx_struct_sheet_hbond.range_2_label_atom_id 
_pdbx_struct_sheet_hbond.range_2_label_comp_id 
_pdbx_struct_sheet_hbond.range_2_label_asym_id 
_pdbx_struct_sheet_hbond.range_2_label_seq_id 
_pdbx_struct_sheet_hbond.range_2_PDB_ins_code 
_pdbx_struct_sheet_hbond.range_2_auth_atom_id 
_pdbx_struct_sheet_hbond.range_2_auth_comp_id 
_pdbx_struct_sheet_hbond.range_2_auth_asym_id 
_pdbx_struct_sheet_hbond.range_2_auth_seq_id 
A 1 2 O THR A 49 ? O THR A 131 N LEU A 15 ? N LEU A 97  
A 2 3 O ARG A 18 ? O ARG A 100 N ILE A 60 ? N ILE A 142 
A 3 4 O SER A 63 ? O SER A 145 N ALA A 96 ? N ALA A 178 
A 4 5 O HIS A 97 ? O HIS A 179 N HIS A 84 ? N HIS A 166 
# 
loop_
_struct_site.id 
_struct_site.pdbx_evidence_code 
_struct_site.pdbx_auth_asym_id 
_struct_site.pdbx_auth_comp_id 
_struct_site.pdbx_auth_seq_id 
_struct_site.pdbx_auth_ins_code 
_struct_site.pdbx_num_residues 
_struct_site.details 
INH Author   ? ?   ?   ? 4  ?                                          
ZN1 Author   ? ?   ?   ? 4  'ZN1 IS THE CATALYTIC ZINC BINDING SITE.'  
ZN2 Author   ? ?   ?   ? 4  'ZN1 IS THE STRUCTURAL ZINC BINDING SITE.' 
CA1 Author   ? ?   ?   ? 6  'CA1 IS THE FIRST CALCIUM BINDING SITE.'   
CA2 Author   ? ?   ?   ? 6  'CA2 IS THE SECOND CALCIUM BINDING SITE.'  
CA3 Author   ? ?   ?   ? 4  'CA1 IS THE THIRD CALCIUM BINDING SITE.'   
AC1 Software A ZN  301 ? 4  'BINDING SITE FOR RESIDUE ZN A 301'        
AC2 Software A ZN  302 ? 4  'BINDING SITE FOR RESIDUE ZN A 302'        
AC3 Software A CA  303 ? 6  'BINDING SITE FOR RESIDUE CA A 303'        
AC4 Software A CA  304 ? 6  'BINDING SITE FOR RESIDUE CA A 304'        
AC5 Software A CA  305 ? 4  'BINDING SITE FOR RESIDUE CA A 305'        
AC6 Software A SO4 306 ? 8  'BINDING SITE FOR RESIDUE SO4 A 306'       
AC7 Software A DPS 307 ? 17 'BINDING SITE FOR RESIDUE DPS A 307'       
# 
loop_
_struct_site_gen.id 
_struct_site_gen.site_id 
_struct_site_gen.pdbx_num_res 
_struct_site_gen.label_comp_id 
_struct_site_gen.label_asym_id 
_struct_site_gen.label_seq_id 
_struct_site_gen.pdbx_auth_ins_code 
_struct_site_gen.auth_comp_id 
_struct_site_gen.auth_asym_id 
_struct_site_gen.auth_seq_id 
_struct_site_gen.label_atom_id 
_struct_site_gen.label_alt_id 
_struct_site_gen.symmetry 
_struct_site_gen.details 
1  INH 4  DPS H .   ? DPS A 307 . ? 1_555 ? 
2  INH 4  ZN  B .   ? ZN  A 301 . ? 1_555 ? 
3  INH 4  ZN  C .   ? ZN  A 302 . ? 1_555 ? 
4  INH 4  CA  D .   ? CA  A 303 . ? 1_555 ? 
5  ZN1 4  CA  E .   ? CA  A 304 . ? 1_555 ? 
6  ZN1 4  CA  F .   ? CA  A 305 . ? 1_555 ? 
7  ZN1 4  HIS A 129 ? HIS A 211 . ? 1_555 ? 
8  ZN1 4  DPS H .   ? DPS A 307 . ? 1_555 ? 
9  ZN2 4  HIS A 69  ? HIS A 151 . ? 1_555 ? 
10 ZN2 4  ASP A 71  ? ASP A 153 . ? 1_555 ? 
11 ZN2 4  HIS A 84  ? HIS A 166 . ? 1_555 ? 
12 ZN2 4  HIS A 97  ? HIS A 179 . ? 1_555 ? 
13 CA1 6  ASP A 76  ? ASP A 158 . ? 1_555 ? 
14 CA1 6  GLY A 77  ? GLY A 159 . ? 1_555 ? 
15 CA1 6  GLY A 79  ? GLY A 161 . ? 1_555 ? 
16 CA1 6  VAL A 81  ? VAL A 163 . ? 1_555 ? 
17 CA1 6  ASP A 99  ? ASP A 181 . ? 1_555 ? 
18 CA1 6  GLU A 102 ? GLU A 184 . ? 1_555 ? 
19 CA2 6  ASP A 59  ? ASP A 141 . ? 1_555 ? 
20 CA2 6  GLY A 91  ? GLY A 173 . ? 1_555 ? 
21 CA2 6  ASN A 93  ? ASN A 175 . ? 1_555 ? 
22 CA2 6  ASP A 95  ? ASP A 177 . ? 1_555 ? 
23 CA2 6  HOH I .   ? HOH A 403 . ? 1_555 ? 
24 CA2 6  HOH I .   ? HOH A 404 . ? 1_555 ? 
25 CA3 4  ASP A 25  ? ASP A 107 . ? 1_555 ? 
26 CA3 4  ASP A 100 ? ASP A 182 . ? 1_555 ? 
27 CA3 4  GLU A 102 ? GLU A 184 . ? 1_555 ? 
28 CA3 4  HOH I .   ? HOH A 401 . ? 1_555 ? 
29 AC1 4  HIS A 119 ? HIS A 201 . ? 1_555 ? 
30 AC1 4  HIS A 123 ? HIS A 205 . ? 1_555 ? 
31 AC1 4  HIS A 129 ? HIS A 211 . ? 1_555 ? 
32 AC1 4  DPS H .   ? DPS A 307 . ? 1_555 ? 
33 AC2 4  HIS A 69  ? HIS A 151 . ? 1_555 ? 
34 AC2 4  ASP A 71  ? ASP A 153 . ? 1_555 ? 
35 AC2 4  HIS A 84  ? HIS A 166 . ? 1_555 ? 
36 AC2 4  HIS A 97  ? HIS A 179 . ? 1_555 ? 
37 AC3 6  ASP A 76  ? ASP A 158 . ? 1_555 ? 
38 AC3 6  GLY A 77  ? GLY A 159 . ? 1_555 ? 
39 AC3 6  GLY A 79  ? GLY A 161 . ? 1_555 ? 
40 AC3 6  VAL A 81  ? VAL A 163 . ? 1_555 ? 
41 AC3 6  ASP A 99  ? ASP A 181 . ? 1_555 ? 
42 AC3 6  GLU A 102 ? GLU A 184 . ? 1_555 ? 
43 AC4 6  ASP A 59  ? ASP A 141 . ? 1_555 ? 
44 AC4 6  GLY A 91  ? GLY A 173 . ? 1_555 ? 
45 AC4 6  ASN A 93  ? ASN A 175 . ? 1_555 ? 
46 AC4 6  ASP A 95  ? ASP A 177 . ? 1_555 ? 
47 AC4 6  HOH I .   ? HOH A 403 . ? 1_555 ? 
48 AC4 6  HOH I .   ? HOH A 404 . ? 1_555 ? 
49 AC5 4  ASP A 25  ? ASP A 107 . ? 1_555 ? 
50 AC5 4  ASP A 100 ? ASP A 182 . ? 1_555 ? 
51 AC5 4  GLU A 102 ? GLU A 184 . ? 1_555 ? 
52 AC5 4  HOH I .   ? HOH A 401 . ? 1_555 ? 
53 AC6 8  PRO A 27  ? PRO A 109 . ? 1_555 ? 
54 AC6 8  PRO A 27  ? PRO A 109 . ? 8_665 ? 
55 AC6 8  LYS A 28  ? LYS A 110 . ? 1_555 ? 
56 AC6 8  LYS A 28  ? LYS A 110 . ? 8_665 ? 
57 AC6 8  HOH I .   ? HOH A 446 . ? 1_555 ? 
58 AC6 8  HOH I .   ? HOH A 446 . ? 8_665 ? 
59 AC6 8  HOH I .   ? HOH A 516 . ? 1_555 ? 
60 AC6 8  HOH I .   ? HOH A 516 . ? 8_665 ? 
61 AC7 17 LEU A 82  ? LEU A 164 . ? 1_555 ? 
62 AC7 17 ALA A 83  ? ALA A 165 . ? 1_555 ? 
63 AC7 17 HIS A 119 ? HIS A 201 . ? 1_555 ? 
64 AC7 17 GLU A 120 ? GLU A 202 . ? 1_555 ? 
65 AC7 17 HIS A 123 ? HIS A 205 . ? 1_555 ? 
66 AC7 17 PHE A 128 ? PHE A 210 . ? 1_555 ? 
67 AC7 17 HIS A 129 ? HIS A 211 . ? 1_555 ? 
68 AC7 17 ALA A 135 ? ALA A 217 . ? 1_555 ? 
69 AC7 17 LEU A 136 ? LEU A 218 . ? 1_555 ? 
70 AC7 17 TYR A 138 ? TYR A 220 . ? 1_555 ? 
71 AC7 17 PRO A 139 ? PRO A 221 . ? 1_555 ? 
72 AC7 17 LEU A 140 ? LEU A 222 . ? 1_555 ? 
73 AC7 17 TYR A 141 ? TYR A 223 . ? 1_555 ? 
74 AC7 17 HIS A 142 ? HIS A 224 . ? 1_555 ? 
75 AC7 17 ZN  B .   ? ZN  A 301 . ? 1_555 ? 
76 AC7 17 HOH I .   ? HOH A 471 . ? 1_555 ? 
77 AC7 17 HOH I .   ? HOH A 488 . ? 1_555 ? 
# 
_atom_sites.entry_id                    1CIZ 
_atom_sites.fract_transf_matrix[1][1]   -0.01360260 
_atom_sites.fract_transf_matrix[1][2]   -0.00459721 
_atom_sites.fract_transf_matrix[1][3]   -0.00127558 
_atom_sites.fract_transf_matrix[2][1]   -0.00092579 
_atom_sites.fract_transf_matrix[2][2]   -0.00123735 
_atom_sites.fract_transf_matrix[2][3]   0.01433193 
_atom_sites.fract_transf_matrix[3][1]   -0.00436397 
_atom_sites.fract_transf_matrix[3][2]   0.01268679 
_atom_sites.fract_transf_matrix[3][3]   0.00081342 
_atom_sites.fract_transf_vector[1]      0.278811 
_atom_sites.fract_transf_vector[2]      0.657716 
_atom_sites.fract_transf_vector[3]      0.031819 
# 
loop_
_atom_type.symbol 
C  
CA 
N  
O  
S  
ZN 
# 
loop_
_atom_site.group_PDB 
_atom_site.id 
_atom_site.type_symbol 
_atom_site.label_atom_id 
_atom_site.label_alt_id 
_atom_site.label_comp_id 
_atom_site.label_asym_id 
_atom_site.label_entity_id 
_atom_site.label_seq_id 
_atom_site.pdbx_PDB_ins_code 
_atom_site.Cartn_x 
_atom_site.Cartn_y 
_atom_site.Cartn_z 
_atom_site.occupancy 
_atom_site.B_iso_or_equiv 
_atom_site.pdbx_formal_charge 
_atom_site.auth_seq_id 
_atom_site.auth_comp_id 
_atom_site.auth_asym_id 
_atom_site.auth_atom_id 
_atom_site.pdbx_PDB_model_num 
ATOM   1    N  N   . PHE A 1 1   ? 0.981   -16.123 -5.622  1.00 10.27 ? 83  PHE A N   1 
ATOM   2    C  CA  . PHE A 1 1   ? 0.621   -14.732 -5.857  1.00 11.60 ? 83  PHE A CA  1 
ATOM   3    C  C   . PHE A 1 1   ? -0.243  -14.622 -7.095  1.00 12.02 ? 83  PHE A C   1 
ATOM   4    O  O   . PHE A 1 1   ? -0.300  -15.507 -7.925  1.00 11.65 ? 83  PHE A O   1 
ATOM   5    C  CB  . PHE A 1 1   ? 1.901   -13.897 -5.980  1.00 11.63 ? 83  PHE A CB  1 
ATOM   6    C  CG  . PHE A 1 1   ? 2.669   -14.250 -7.235  1.00 11.11 ? 83  PHE A CG  1 
ATOM   7    C  CD1 . PHE A 1 1   ? 2.375   -13.563 -8.439  1.00 12.91 ? 83  PHE A CD1 1 
ATOM   8    C  CD2 . PHE A 1 1   ? 3.682   -15.220 -7.169  1.00 9.85  ? 83  PHE A CD2 1 
ATOM   9    C  CE1 . PHE A 1 1   ? 3.134   -13.829 -9.595  1.00 12.74 ? 83  PHE A CE1 1 
ATOM   10   C  CE2 . PHE A 1 1   ? 4.452   -15.483 -8.321  1.00 11.74 ? 83  PHE A CE2 1 
ATOM   11   C  CZ  . PHE A 1 1   ? 4.175   -14.782 -9.519  1.00 13.52 ? 83  PHE A CZ  1 
ATOM   12   N  N   . ARG A 1 2   ? -0.876  -13.469 -7.196  1.00 12.29 ? 84  ARG A N   1 
ATOM   13   C  CA  . ARG A 1 2   ? -1.557  -13.124 -8.418  1.00 13.82 ? 84  ARG A CA  1 
ATOM   14   C  C   . ARG A 1 2   ? -1.176  -11.706 -8.786  1.00 14.50 ? 84  ARG A C   1 
ATOM   15   O  O   . ARG A 1 2   ? -1.070  -10.843 -7.922  1.00 12.23 ? 84  ARG A O   1 
ATOM   16   C  CB  . ARG A 1 2   ? -3.068  -13.205 -8.201  1.00 16.82 ? 84  ARG A CB  1 
ATOM   17   C  CG  . ARG A 1 2   ? -3.641  -14.628 -8.236  1.00 23.95 ? 84  ARG A CG  1 
ATOM   18   C  CD  . ARG A 1 2   ? -5.184  -14.699 -8.164  1.00 31.50 ? 84  ARG A CD  1 
ATOM   19   N  NE  . ARG A 1 2   ? -5.829  -14.008 -9.299  1.00 38.66 ? 84  ARG A NE  1 
ATOM   20   C  CZ  . ARG A 1 2   ? -7.137  -13.618 -9.279  1.00 41.20 ? 84  ARG A CZ  1 
ATOM   21   N  NH1 . ARG A 1 2   ? -7.921  -13.856 -8.214  1.00 42.80 ? 84  ARG A NH1 1 
ATOM   22   N  NH2 . ARG A 1 2   ? -7.651  -12.989 -10.346 1.00 41.51 ? 84  ARG A NH2 1 
ATOM   23   N  N   . THR A 1 3   ? -1.002  -11.502 -10.113 1.00 13.53 ? 85  THR A N   1 
ATOM   24   C  CA  . THR A 1 3   ? -1.003  -10.107 -10.555 1.00 13.16 ? 85  THR A CA  1 
ATOM   25   C  C   . THR A 1 3   ? -2.412  -9.718  -11.005 1.00 12.57 ? 85  THR A C   1 
ATOM   26   O  O   . THR A 1 3   ? -3.343  -10.528 -10.998 1.00 12.42 ? 85  THR A O   1 
ATOM   27   C  CB  . THR A 1 3   ? 0.048   -9.876  -11.648 1.00 12.41 ? 85  THR A CB  1 
ATOM   28   O  OG1 . THR A 1 3   ? -0.277  -10.694 -12.760 1.00 13.79 ? 85  THR A OG1 1 
ATOM   29   C  CG2 . THR A 1 3   ? 1.473   -10.182 -11.180 1.00 12.40 ? 85  THR A CG2 1 
ATOM   30   N  N   . PHE A 1 4   ? -2.506  -8.432  -11.392 1.00 10.47 ? 86  PHE A N   1 
ATOM   31   C  CA  . PHE A 1 4   ? -3.769  -7.991  -11.955 1.00 12.09 ? 86  PHE A CA  1 
ATOM   32   C  C   . PHE A 1 4   ? -3.888  -8.470  -13.390 1.00 13.63 ? 86  PHE A C   1 
ATOM   33   O  O   . PHE A 1 4   ? -2.871  -8.676  -14.044 1.00 13.57 ? 86  PHE A O   1 
ATOM   34   C  CB  . PHE A 1 4   ? -3.826  -6.470  -11.977 1.00 11.35 ? 86  PHE A CB  1 
ATOM   35   C  CG  . PHE A 1 4   ? -4.018  -5.878  -10.610 1.00 12.42 ? 86  PHE A CG  1 
ATOM   36   C  CD1 . PHE A 1 4   ? -5.324  -5.818  -10.067 1.00 14.61 ? 86  PHE A CD1 1 
ATOM   37   C  CD2 . PHE A 1 4   ? -2.893  -5.379  -9.917  1.00 12.82 ? 86  PHE A CD2 1 
ATOM   38   C  CE1 . PHE A 1 4   ? -5.505  -5.232  -8.797  1.00 14.12 ? 86  PHE A CE1 1 
ATOM   39   C  CE2 . PHE A 1 4   ? -3.080  -4.801  -8.645  1.00 14.09 ? 86  PHE A CE2 1 
ATOM   40   C  CZ  . PHE A 1 4   ? -4.382  -4.729  -8.108  1.00 14.30 ? 86  PHE A CZ  1 
ATOM   41   N  N   . PRO A 1 5   ? -5.165  -8.599  -13.868 1.00 14.00 ? 87  PRO A N   1 
ATOM   42   C  CA  . PRO A 1 5   ? -5.415  -8.848  -15.303 1.00 13.80 ? 87  PRO A CA  1 
ATOM   43   C  C   . PRO A 1 5   ? -4.761  -7.834  -16.216 1.00 11.14 ? 87  PRO A C   1 
ATOM   44   O  O   . PRO A 1 5   ? -4.838  -6.636  -16.007 1.00 12.56 ? 87  PRO A O   1 
ATOM   45   C  CB  . PRO A 1 5   ? -6.941  -8.786  -15.444 1.00 14.87 ? 87  PRO A CB  1 
ATOM   46   C  CG  . PRO A 1 5   ? -7.472  -9.054  -14.037 1.00 15.60 ? 87  PRO A CG  1 
ATOM   47   C  CD  . PRO A 1 5   ? -6.417  -8.465  -13.115 1.00 13.95 ? 87  PRO A CD  1 
ATOM   48   N  N   . GLY A 1 6   ? -4.095  -8.413  -17.230 1.00 11.60 ? 88  GLY A N   1 
ATOM   49   C  CA  . GLY A 1 6   ? -3.290  -7.644  -18.182 1.00 11.83 ? 88  GLY A CA  1 
ATOM   50   C  C   . GLY A 1 6   ? -1.916  -7.234  -17.680 1.00 9.41  ? 88  GLY A C   1 
ATOM   51   O  O   . GLY A 1 6   ? -1.203  -6.457  -18.308 1.00 10.36 ? 88  GLY A O   1 
ATOM   52   N  N   . ILE A 1 7   ? -1.590  -7.795  -16.499 1.00 8.75  ? 89  ILE A N   1 
ATOM   53   C  CA  . ILE A 1 7   ? -0.335  -7.539  -15.781 1.00 9.08  ? 89  ILE A CA  1 
ATOM   54   C  C   . ILE A 1 7   ? 0.207   -6.113  -15.875 1.00 9.32  ? 89  ILE A C   1 
ATOM   55   O  O   . ILE A 1 7   ? 1.285   -5.862  -16.387 1.00 8.62  ? 89  ILE A O   1 
ATOM   56   C  CB  . ILE A 1 7   ? 0.737   -8.549  -16.199 1.00 10.32 ? 89  ILE A CB  1 
ATOM   57   C  CG1 . ILE A 1 7   ? 0.137   -9.918  -16.502 1.00 10.89 ? 89  ILE A CG1 1 
ATOM   58   C  CG2 . ILE A 1 7   ? 1.781   -8.651  -15.090 1.00 10.25 ? 89  ILE A CG2 1 
ATOM   59   C  CD1 . ILE A 1 7   ? 1.178   -10.950 -16.938 1.00 11.06 ? 89  ILE A CD1 1 
ATOM   60   N  N   . PRO A 1 8   ? -0.579  -5.146  -15.359 1.00 9.93  ? 90  PRO A N   1 
ATOM   61   C  CA  . PRO A 1 8   ? -0.051  -3.779  -15.297 1.00 10.83 ? 90  PRO A CA  1 
ATOM   62   C  C   . PRO A 1 8   ? 1.141   -3.677  -14.359 1.00 11.60 ? 90  PRO A C   1 
ATOM   63   O  O   . PRO A 1 8   ? 1.160   -4.250  -13.273 1.00 12.48 ? 90  PRO A O   1 
ATOM   64   C  CB  . PRO A 1 8   ? -1.256  -2.977  -14.790 1.00 10.08 ? 90  PRO A CB  1 
ATOM   65   C  CG  . PRO A 1 8   ? -2.077  -3.986  -13.994 1.00 10.45 ? 90  PRO A CG  1 
ATOM   66   C  CD  . PRO A 1 8   ? -1.927  -5.259  -14.808 1.00 9.93  ? 90  PRO A CD  1 
ATOM   67   N  N   . LYS A 1 9   ? 2.123   -2.897  -14.847 1.00 9.43  ? 91  LYS A N   1 
ATOM   68   C  CA  . LYS A 1 9   ? 3.318   -2.656  -14.049 1.00 11.25 ? 91  LYS A CA  1 
ATOM   69   C  C   . LYS A 1 9   ? 3.954   -1.319  -14.381 1.00 10.51 ? 91  LYS A C   1 
ATOM   70   O  O   . LYS A 1 9   ? 3.691   -0.735  -15.420 1.00 11.84 ? 91  LYS A O   1 
ATOM   71   C  CB  . LYS A 1 9   ? 4.355   -3.772  -14.209 1.00 13.12 ? 91  LYS A CB  1 
ATOM   72   C  CG  . LYS A 1 9   ? 5.038   -3.843  -15.579 1.00 18.25 ? 91  LYS A CG  1 
ATOM   73   C  CD  . LYS A 1 9   ? 6.032   -5.002  -15.612 1.00 21.68 ? 91  LYS A CD  1 
ATOM   74   C  CE  . LYS A 1 9   ? 6.566   -5.275  -17.012 1.00 24.54 ? 91  LYS A CE  1 
ATOM   75   N  NZ  . LYS A 1 9   ? 6.883   -6.707  -17.154 1.00 27.22 ? 91  LYS A NZ  1 
ATOM   76   N  N   . TRP A 1 10  ? 4.831   -0.880  -13.469 1.00 10.54 ? 92  TRP A N   1 
ATOM   77   C  CA  . TRP A 1 10  ? 5.685   0.261   -13.801 1.00 10.02 ? 92  TRP A CA  1 
ATOM   78   C  C   . TRP A 1 10  ? 6.779   -0.155  -14.792 1.00 12.05 ? 92  TRP A C   1 
ATOM   79   O  O   . TRP A 1 10  ? 7.378   -1.224  -14.684 1.00 11.37 ? 92  TRP A O   1 
ATOM   80   C  CB  . TRP A 1 10  ? 6.296   0.874   -12.522 1.00 8.73  ? 92  TRP A CB  1 
ATOM   81   C  CG  . TRP A 1 10  ? 5.211   1.318   -11.564 1.00 8.86  ? 92  TRP A CG  1 
ATOM   82   C  CD1 . TRP A 1 10  ? 4.816   0.644   -10.398 1.00 9.38  ? 92  TRP A CD1 1 
ATOM   83   C  CD2 . TRP A 1 10  ? 4.376   2.503   -11.632 1.00 8.07  ? 92  TRP A CD2 1 
ATOM   84   N  NE1 . TRP A 1 10  ? 3.816   1.322   -9.760  1.00 7.52  ? 92  TRP A NE1 1 
ATOM   85   C  CE2 . TRP A 1 10  ? 3.512   2.478   -10.480 1.00 9.14  ? 92  TRP A CE2 1 
ATOM   86   C  CE3 . TRP A 1 10  ? 4.278   3.569   -12.556 1.00 9.39  ? 92  TRP A CE3 1 
ATOM   87   C  CZ2 . TRP A 1 10  ? 2.571   3.517   -10.285 1.00 8.18  ? 92  TRP A CZ2 1 
ATOM   88   C  CZ3 . TRP A 1 10  ? 3.334   4.609   -12.355 1.00 9.25  ? 92  TRP A CZ3 1 
ATOM   89   C  CH2 . TRP A 1 10  ? 2.484   4.577   -11.223 1.00 10.81 ? 92  TRP A CH2 1 
ATOM   90   N  N   . ARG A 1 11  ? 6.973   0.742   -15.785 1.00 11.29 ? 93  ARG A N   1 
ATOM   91   C  CA  . ARG A 1 11  ? 8.086   0.565   -16.729 1.00 12.48 ? 93  ARG A CA  1 
ATOM   92   C  C   . ARG A 1 11  ? 9.113   1.661   -16.525 1.00 12.57 ? 93  ARG A C   1 
ATOM   93   O  O   . ARG A 1 11  ? 9.472   2.453   -17.389 1.00 11.00 ? 93  ARG A O   1 
ATOM   94   C  CB  . ARG A 1 11  ? 7.584   0.478   -18.167 1.00 12.70 ? 93  ARG A CB  1 
ATOM   95   C  CG  . ARG A 1 11  ? 6.861   -0.852  -18.333 1.00 13.46 ? 93  ARG A CG  1 
ATOM   96   C  CD  . ARG A 1 11  ? 6.244   -1.059  -19.716 1.00 11.98 ? 93  ARG A CD  1 
ATOM   97   N  NE  . ARG A 1 11  ? 5.707   -2.423  -19.765 1.00 11.30 ? 93  ARG A NE  1 
ATOM   98   C  CZ  . ARG A 1 11  ? 4.493   -2.732  -19.268 1.00 11.02 ? 93  ARG A CZ  1 
ATOM   99   N  NH1 . ARG A 1 11  ? 3.680   -1.810  -18.752 1.00 11.20 ? 93  ARG A NH1 1 
ATOM   100  N  NH2 . ARG A 1 11  ? 4.096   -3.998  -19.321 1.00 8.48  ? 93  ARG A NH2 1 
ATOM   101  N  N   . LYS A 1 12  ? 9.530   1.619   -15.244 1.00 13.95 ? 94  LYS A N   1 
ATOM   102  C  CA  . LYS A 1 12  ? 10.558  2.458   -14.636 1.00 14.61 ? 94  LYS A CA  1 
ATOM   103  C  C   . LYS A 1 12  ? 10.770  1.967   -13.216 1.00 15.24 ? 94  LYS A C   1 
ATOM   104  O  O   . LYS A 1 12  ? 9.858   1.440   -12.589 1.00 16.92 ? 94  LYS A O   1 
ATOM   105  C  CB  . LYS A 1 12  ? 10.150  3.933   -14.690 1.00 14.41 ? 94  LYS A CB  1 
ATOM   106  C  CG  . LYS A 1 12  ? 8.793   4.248   -14.085 1.00 13.77 ? 94  LYS A CG  1 
ATOM   107  C  CD  . LYS A 1 12  ? 8.518   5.744   -14.209 1.00 16.21 ? 94  LYS A CD  1 
ATOM   108  C  CE  . LYS A 1 12  ? 7.204   6.138   -13.558 1.00 14.78 ? 94  LYS A CE  1 
ATOM   109  N  NZ  . LYS A 1 12  ? 7.131   7.602   -13.637 1.00 15.57 ? 94  LYS A NZ  1 
ATOM   110  N  N   . THR A 1 13  ? 12.010  2.103   -12.723 1.00 15.42 ? 95  THR A N   1 
ATOM   111  C  CA  . THR A 1 13  ? 12.134  1.635   -11.336 1.00 17.09 ? 95  THR A CA  1 
ATOM   112  C  C   . THR A 1 13  ? 12.383  2.715   -10.320 1.00 16.18 ? 95  THR A C   1 
ATOM   113  O  O   . THR A 1 13  ? 12.358  2.433   -9.133  1.00 16.04 ? 95  THR A O   1 
ATOM   114  C  CB  . THR A 1 13  ? 13.180  0.540   -11.124 1.00 18.15 ? 95  THR A CB  1 
ATOM   115  O  OG1 . THR A 1 13  ? 14.464  1.044   -11.476 1.00 18.62 ? 95  THR A OG1 1 
ATOM   116  C  CG2 . THR A 1 13  ? 12.835  -0.761  -11.860 1.00 21.33 ? 95  THR A CG2 1 
ATOM   117  N  N   . HIS A 1 14  ? 12.585  3.952   -10.837 1.00 15.25 ? 96  HIS A N   1 
ATOM   118  C  CA  . HIS A 1 14  ? 12.504  5.051   -9.889  1.00 13.96 ? 96  HIS A CA  1 
ATOM   119  C  C   . HIS A 1 14  ? 11.121  5.666   -9.887  1.00 12.53 ? 96  HIS A C   1 
ATOM   120  O  O   . HIS A 1 14  ? 10.703  6.335   -10.819 1.00 11.93 ? 96  HIS A O   1 
ATOM   121  C  CB  . HIS A 1 14  ? 13.590  6.104   -10.116 1.00 18.06 ? 96  HIS A CB  1 
ATOM   122  C  CG  . HIS A 1 14  ? 13.409  7.133   -9.020  1.00 23.63 ? 96  HIS A CG  1 
ATOM   123  N  ND1 . HIS A 1 14  ? 13.067  8.418   -9.258  1.00 25.55 ? 96  HIS A ND1 1 
ATOM   124  C  CD2 . HIS A 1 14  ? 13.398  6.907   -7.628  1.00 26.22 ? 96  HIS A CD2 1 
ATOM   125  C  CE1 . HIS A 1 14  ? 12.823  8.991   -8.039  1.00 25.23 ? 96  HIS A CE1 1 
ATOM   126  N  NE2 . HIS A 1 14  ? 13.023  8.067   -7.039  1.00 24.87 ? 96  HIS A NE2 1 
ATOM   127  N  N   . LEU A 1 15  ? 10.461  5.381   -8.759  1.00 10.40 ? 97  LEU A N   1 
ATOM   128  C  CA  . LEU A 1 15  ? 9.093   5.831   -8.501  1.00 9.52  ? 97  LEU A CA  1 
ATOM   129  C  C   . LEU A 1 15  ? 9.054   6.975   -7.493  1.00 9.08  ? 97  LEU A C   1 
ATOM   130  O  O   . LEU A 1 15  ? 9.918   7.117   -6.637  1.00 7.79  ? 97  LEU A O   1 
ATOM   131  C  CB  . LEU A 1 15  ? 8.298   4.627   -7.979  1.00 8.16  ? 97  LEU A CB  1 
ATOM   132  C  CG  . LEU A 1 15  ? 7.628   3.687   -9.004  1.00 11.85 ? 97  LEU A CG  1 
ATOM   133  C  CD1 . LEU A 1 15  ? 8.129   3.745   -10.441 1.00 11.85 ? 97  LEU A CD1 1 
ATOM   134  C  CD2 . LEU A 1 15  ? 7.525   2.275   -8.448  1.00 10.38 ? 97  LEU A CD2 1 
ATOM   135  N  N   . THR A 1 16  ? 7.983   7.780   -7.638  1.00 8.02  ? 98  THR A N   1 
ATOM   136  C  CA  . THR A 1 16  ? 7.760   8.825   -6.651  1.00 8.70  ? 98  THR A CA  1 
ATOM   137  C  C   . THR A 1 16  ? 6.443   8.613   -5.945  1.00 8.12  ? 98  THR A C   1 
ATOM   138  O  O   . THR A 1 16  ? 5.534   7.999   -6.482  1.00 7.82  ? 98  THR A O   1 
ATOM   139  C  CB  . THR A 1 16  ? 7.791   10.217  -7.291  1.00 9.11  ? 98  THR A CB  1 
ATOM   140  O  OG1 . THR A 1 16  ? 6.815   10.286  -8.335  1.00 7.39  ? 98  THR A OG1 1 
ATOM   141  C  CG2 . THR A 1 16  ? 9.176   10.567  -7.842  1.00 9.52  ? 98  THR A CG2 1 
ATOM   142  N  N   . TYR A 1 17  ? 6.391   9.184   -4.727  1.00 6.84  ? 99  TYR A N   1 
ATOM   143  C  CA  . TYR A 1 17  ? 5.145   9.142   -3.970  1.00 5.68  ? 99  TYR A CA  1 
ATOM   144  C  C   . TYR A 1 17  ? 4.915   10.511  -3.364  1.00 5.97  ? 99  TYR A C   1 
ATOM   145  O  O   . TYR A 1 17  ? 5.870   11.224  -3.103  1.00 6.09  ? 99  TYR A O   1 
ATOM   146  C  CB  . TYR A 1 17  ? 5.160   8.016   -2.913  1.00 4.19  ? 99  TYR A CB  1 
ATOM   147  C  CG  . TYR A 1 17  ? 6.124   8.271   -1.762  1.00 5.72  ? 99  TYR A CG  1 
ATOM   148  C  CD1 . TYR A 1 17  ? 7.502   7.993   -1.909  1.00 5.66  ? 99  TYR A CD1 1 
ATOM   149  C  CD2 . TYR A 1 17  ? 5.585   8.751   -0.540  1.00 7.16  ? 99  TYR A CD2 1 
ATOM   150  C  CE1 . TYR A 1 17  ? 8.354   8.178   -0.799  1.00 7.04  ? 99  TYR A CE1 1 
ATOM   151  C  CE2 . TYR A 1 17  ? 6.430   8.883   0.576   1.00 7.37  ? 99  TYR A CE2 1 
ATOM   152  C  CZ  . TYR A 1 17  ? 7.799   8.582   0.437   1.00 7.36  ? 99  TYR A CZ  1 
ATOM   153  O  OH  . TYR A 1 17  ? 8.607   8.687   1.549   1.00 7.67  ? 99  TYR A OH  1 
ATOM   154  N  N   . ARG A 1 18  ? 3.629   10.845  -3.155  1.00 6.99  ? 100 ARG A N   1 
ATOM   155  C  CA  . ARG A 1 18  ? 3.316   12.059  -2.396  1.00 5.59  ? 100 ARG A CA  1 
ATOM   156  C  C   . ARG A 1 18  ? 2.241   11.709  -1.389  1.00 4.48  ? 100 ARG A C   1 
ATOM   157  O  O   . ARG A 1 18  ? 1.270   11.072  -1.739  1.00 5.33  ? 100 ARG A O   1 
ATOM   158  C  CB  . ARG A 1 18  ? 2.893   13.170  -3.387  1.00 5.09  ? 100 ARG A CB  1 
ATOM   159  C  CG  . ARG A 1 18  ? 2.277   14.450  -2.816  1.00 5.40  ? 100 ARG A CG  1 
ATOM   160  C  CD  . ARG A 1 18  ? 1.914   15.434  -3.919  1.00 4.70  ? 100 ARG A CD  1 
ATOM   161  N  NE  . ARG A 1 18  ? 1.192   16.550  -3.331  1.00 6.60  ? 100 ARG A NE  1 
ATOM   162  C  CZ  . ARG A 1 18  ? 0.285   17.325  -3.984  1.00 8.03  ? 100 ARG A CZ  1 
ATOM   163  N  NH1 . ARG A 1 18  ? 0.056   17.216  -5.290  1.00 8.23  ? 100 ARG A NH1 1 
ATOM   164  N  NH2 . ARG A 1 18  ? -0.406  18.216  -3.282  1.00 7.41  ? 100 ARG A NH2 1 
ATOM   165  N  N   . ILE A 1 19  ? 2.448   12.134  -0.134  1.00 4.37  ? 101 ILE A N   1 
ATOM   166  C  CA  . ILE A 1 19  ? 1.376   12.067  0.850   1.00 4.84  ? 101 ILE A CA  1 
ATOM   167  C  C   . ILE A 1 19  ? 0.632   13.382  0.771   1.00 5.96  ? 101 ILE A C   1 
ATOM   168  O  O   . ILE A 1 19  ? 1.043   14.421  1.257   1.00 6.44  ? 101 ILE A O   1 
ATOM   169  C  CB  . ILE A 1 19  ? 1.944   11.784  2.263   1.00 6.14  ? 101 ILE A CB  1 
ATOM   170  C  CG1 . ILE A 1 19  ? 2.819   10.516  2.257   1.00 5.93  ? 101 ILE A CG1 1 
ATOM   171  C  CG2 . ILE A 1 19  ? 0.822   11.663  3.314   1.00 3.43  ? 101 ILE A CG2 1 
ATOM   172  C  CD1 . ILE A 1 19  ? 3.616   10.309  3.550   1.00 5.76  ? 101 ILE A CD1 1 
ATOM   173  N  N   . VAL A 1 20  ? -0.491  13.292  0.077   1.00 7.00  ? 102 VAL A N   1 
ATOM   174  C  CA  . VAL A 1 20  ? -1.286  14.482  -0.182  1.00 5.57  ? 102 VAL A CA  1 
ATOM   175  C  C   . VAL A 1 20  ? -1.902  15.085  1.066   1.00 6.60  ? 102 VAL A C   1 
ATOM   176  O  O   . VAL A 1 20  ? -1.972  16.297  1.219   1.00 7.11  ? 102 VAL A O   1 
ATOM   177  C  CB  . VAL A 1 20  ? -2.351  14.173  -1.248  1.00 7.16  ? 102 VAL A CB  1 
ATOM   178  C  CG1 . VAL A 1 20  ? -3.082  15.479  -1.625  1.00 7.23  ? 102 VAL A CG1 1 
ATOM   179  C  CG2 . VAL A 1 20  ? -1.746  13.519  -2.502  1.00 4.06  ? 102 VAL A CG2 1 
ATOM   180  N  N   . ASN A 1 21  ? -2.333  14.179  1.958   1.00 5.01  ? 103 ASN A N   1 
ATOM   181  C  CA  . ASN A 1 21  ? -2.923  14.679  3.207   1.00 5.59  ? 103 ASN A CA  1 
ATOM   182  C  C   . ASN A 1 21  ? -2.805  13.637  4.301   1.00 5.82  ? 103 ASN A C   1 
ATOM   183  O  O   . ASN A 1 21  ? -2.228  12.583  4.077   1.00 5.11  ? 103 ASN A O   1 
ATOM   184  C  CB  . ASN A 1 21  ? -4.366  15.223  2.995   1.00 5.38  ? 103 ASN A CB  1 
ATOM   185  C  CG  . ASN A 1 21  ? -5.315  14.141  2.515   1.00 8.20  ? 103 ASN A CG  1 
ATOM   186  O  OD1 . ASN A 1 21  ? -5.096  12.945  2.657   1.00 7.42  ? 103 ASN A OD1 1 
ATOM   187  N  ND2 . ASN A 1 21  ? -6.414  14.639  1.944   1.00 10.21 ? 103 ASN A ND2 1 
ATOM   188  N  N   . TYR A 1 22  ? -3.348  14.000  5.478   1.00 5.18  ? 104 TYR A N   1 
ATOM   189  C  CA  . TYR A 1 22  ? -3.080  13.216  6.686   1.00 5.73  ? 104 TYR A CA  1 
ATOM   190  C  C   . TYR A 1 22  ? -4.336  12.962  7.507   1.00 4.62  ? 104 TYR A C   1 
ATOM   191  O  O   . TYR A 1 22  ? -5.145  13.866  7.700   1.00 5.87  ? 104 TYR A O   1 
ATOM   192  C  CB  . TYR A 1 22  ? -2.062  13.950  7.576   1.00 5.53  ? 104 TYR A CB  1 
ATOM   193  C  CG  . TYR A 1 22  ? -0.636  13.842  7.055   1.00 6.85  ? 104 TYR A CG  1 
ATOM   194  C  CD1 . TYR A 1 22  ? -0.158  14.733  6.060   1.00 8.55  ? 104 TYR A CD1 1 
ATOM   195  C  CD2 . TYR A 1 22  ? 0.189   12.842  7.603   1.00 6.17  ? 104 TYR A CD2 1 
ATOM   196  C  CE1 . TYR A 1 22  ? 1.167   14.607  5.600   1.00 7.54  ? 104 TYR A CE1 1 
ATOM   197  C  CE2 . TYR A 1 22  ? 1.509   12.699  7.150   1.00 6.39  ? 104 TYR A CE2 1 
ATOM   198  C  CZ  . TYR A 1 22  ? 1.979   13.598  6.168   1.00 8.59  ? 104 TYR A CZ  1 
ATOM   199  O  OH  . TYR A 1 22  ? 3.289   13.491  5.779   1.00 7.51  ? 104 TYR A OH  1 
ATOM   200  N  N   . THR A 1 23  ? -4.420  11.706  8.012   1.00 5.21  ? 105 THR A N   1 
ATOM   201  C  CA  . THR A 1 23  ? -5.447  11.341  9.010   1.00 4.76  ? 105 THR A CA  1 
ATOM   202  C  C   . THR A 1 23  ? -5.362  12.126  10.334  1.00 5.16  ? 105 THR A C   1 
ATOM   203  O  O   . THR A 1 23  ? -4.284  12.418  10.818  1.00 6.42  ? 105 THR A O   1 
ATOM   204  C  CB  . THR A 1 23  ? -5.402  9.828   9.333   1.00 4.56  ? 105 THR A CB  1 
ATOM   205  O  OG1 . THR A 1 23  ? -6.420  9.500   10.272  1.00 3.40  ? 105 THR A OG1 1 
ATOM   206  C  CG2 . THR A 1 23  ? -4.060  9.340   9.883   1.00 4.84  ? 105 THR A CG2 1 
ATOM   207  N  N   . PRO A 1 24  ? -6.524  12.455  10.929  1.00 5.44  ? 106 PRO A N   1 
ATOM   208  C  CA  . PRO A 1 24  ? -6.493  13.066  12.262  1.00 6.74  ? 106 PRO A CA  1 
ATOM   209  C  C   . PRO A 1 24  ? -5.950  12.135  13.357  1.00 6.31  ? 106 PRO A C   1 
ATOM   210  O  O   . PRO A 1 24  ? -5.609  12.591  14.446  1.00 7.41  ? 106 PRO A O   1 
ATOM   211  C  CB  . PRO A 1 24  ? -7.964  13.430  12.533  1.00 6.44  ? 106 PRO A CB  1 
ATOM   212  C  CG  . PRO A 1 24  ? -8.634  13.436  11.168  1.00 6.31  ? 106 PRO A CG  1 
ATOM   213  C  CD  . PRO A 1 24  ? -7.884  12.349  10.403  1.00 5.05  ? 106 PRO A CD  1 
ATOM   214  N  N   . ASP A 1 25  ? -5.927  10.819  13.020  1.00 6.09  ? 107 ASP A N   1 
ATOM   215  C  CA  . ASP A 1 25  ? -5.810  9.809   14.070  1.00 5.52  ? 107 ASP A CA  1 
ATOM   216  C  C   . ASP A 1 25  ? -4.450  9.570   14.663  1.00 4.38  ? 107 ASP A C   1 
ATOM   217  O  O   . ASP A 1 25  ? -4.358  9.017   15.738  1.00 5.63  ? 107 ASP A O   1 
ATOM   218  C  CB  . ASP A 1 25  ? -6.315  8.449   13.603  1.00 6.32  ? 107 ASP A CB  1 
ATOM   219  C  CG  . ASP A 1 25  ? -7.750  8.462   13.132  1.00 7.56  ? 107 ASP A CG  1 
ATOM   220  O  OD1 . ASP A 1 25  ? -8.516  9.342   13.490  1.00 8.07  ? 107 ASP A OD1 1 
ATOM   221  O  OD2 . ASP A 1 25  ? -8.081  7.553   12.385  1.00 8.59  ? 107 ASP A OD2 1 
ATOM   222  N  N   . LEU A 1 26  ? -3.420  9.945   13.903  1.00 4.96  ? 108 LEU A N   1 
ATOM   223  C  CA  . LEU A 1 26  ? -2.032  9.702   14.287  1.00 5.57  ? 108 LEU A CA  1 
ATOM   224  C  C   . LEU A 1 26  ? -1.268  10.965  13.961  1.00 6.25  ? 108 LEU A C   1 
ATOM   225  O  O   . LEU A 1 26  ? -1.646  11.703  13.060  1.00 7.43  ? 108 LEU A O   1 
ATOM   226  C  CB  . LEU A 1 26  ? -1.419  8.545   13.465  1.00 6.17  ? 108 LEU A CB  1 
ATOM   227  C  CG  . LEU A 1 26  ? -1.965  7.144   13.757  1.00 7.92  ? 108 LEU A CG  1 
ATOM   228  C  CD1 . LEU A 1 26  ? -1.446  6.128   12.728  1.00 8.68  ? 108 LEU A CD1 1 
ATOM   229  C  CD2 . LEU A 1 26  ? -1.681  6.686   15.209  1.00 8.91  ? 108 LEU A CD2 1 
ATOM   230  N  N   . PRO A 1 27  ? -0.162  11.200  14.703  1.00 7.13  ? 109 PRO A N   1 
ATOM   231  C  CA  . PRO A 1 27  ? 0.731   12.285  14.292  1.00 6.64  ? 109 PRO A CA  1 
ATOM   232  C  C   . PRO A 1 27  ? 1.333   12.013  12.916  1.00 6.43  ? 109 PRO A C   1 
ATOM   233  O  O   . PRO A 1 27  ? 1.437   10.864  12.488  1.00 4.84  ? 109 PRO A O   1 
ATOM   234  C  CB  . PRO A 1 27  ? 1.819   12.265  15.385  1.00 7.32  ? 109 PRO A CB  1 
ATOM   235  C  CG  . PRO A 1 27  ? 1.307   11.421  16.542  1.00 8.84  ? 109 PRO A CG  1 
ATOM   236  C  CD  . PRO A 1 27  ? 0.288   10.485  15.907  1.00 8.31  ? 109 PRO A CD  1 
ATOM   237  N  N   . LYS A 1 28  ? 1.746   13.125  12.267  1.00 5.12  ? 110 LYS A N   1 
ATOM   238  C  CA  . LYS A 1 28  ? 2.338   12.970  10.941  1.00 7.20  ? 110 LYS A CA  1 
ATOM   239  C  C   . LYS A 1 28  ? 3.538   12.053  10.846  1.00 8.26  ? 110 LYS A C   1 
ATOM   240  O  O   . LYS A 1 28  ? 3.691   11.324  9.873   1.00 8.46  ? 110 LYS A O   1 
ATOM   241  C  CB  . LYS A 1 28  ? 2.659   14.325  10.305  1.00 6.78  ? 110 LYS A CB  1 
ATOM   242  C  CG  . LYS A 1 28  ? 1.428   15.221  10.058  1.00 8.62  ? 110 LYS A CG  1 
ATOM   243  C  CD  . LYS A 1 28  ? 1.828   16.486  9.271   1.00 12.99 ? 110 LYS A CD  1 
ATOM   244  C  CE  . LYS A 1 28  ? 0.630   17.333  8.839   1.00 17.09 ? 110 LYS A CE  1 
ATOM   245  N  NZ  . LYS A 1 28  ? -0.011  17.932  10.015  1.00 20.06 ? 110 LYS A NZ  1 
ATOM   246  N  N   . ASP A 1 29  ? 4.360   12.104  11.919  1.00 8.10  ? 111 ASP A N   1 
ATOM   247  C  CA  . ASP A 1 29  ? 5.522   11.210  11.984  1.00 8.36  ? 111 ASP A CA  1 
ATOM   248  C  C   . ASP A 1 29  ? 5.176   9.742   12.014  1.00 7.40  ? 111 ASP A C   1 
ATOM   249  O  O   . ASP A 1 29  ? 5.879   8.940   11.438  1.00 7.69  ? 111 ASP A O   1 
ATOM   250  C  CB  . ASP A 1 29  ? 6.499   11.565  13.127  1.00 9.31  ? 111 ASP A CB  1 
ATOM   251  C  CG  . ASP A 1 29  ? 6.063   11.083  14.507  1.00 12.61 ? 111 ASP A CG  1 
ATOM   252  O  OD1 . ASP A 1 29  ? 4.969   11.440  14.943  1.00 15.82 ? 111 ASP A OD1 1 
ATOM   253  O  OD2 . ASP A 1 29  ? 6.827   10.369  15.162  1.00 15.75 ? 111 ASP A OD2 1 
ATOM   254  N  N   . ALA A 1 30  ? 4.054   9.424   12.691  1.00 6.07  ? 112 ALA A N   1 
ATOM   255  C  CA  . ALA A 1 30  ? 3.629   8.028   12.645  1.00 5.39  ? 112 ALA A CA  1 
ATOM   256  C  C   . ALA A 1 30  ? 3.091   7.628   11.286  1.00 5.99  ? 112 ALA A C   1 
ATOM   257  O  O   . ALA A 1 30  ? 3.319   6.516   10.827  1.00 6.04  ? 112 ALA A O   1 
ATOM   258  C  CB  . ALA A 1 30  ? 2.599   7.734   13.730  1.00 7.41  ? 112 ALA A CB  1 
ATOM   259  N  N   . VAL A 1 31  ? 2.411   8.594   10.616  1.00 7.27  ? 113 VAL A N   1 
ATOM   260  C  CA  . VAL A 1 31  ? 1.981   8.162   9.283   1.00 7.77  ? 113 VAL A CA  1 
ATOM   261  C  C   . VAL A 1 31  ? 3.105   8.013   8.300   1.00 6.67  ? 113 VAL A C   1 
ATOM   262  O  O   . VAL A 1 31  ? 3.136   7.042   7.569   1.00 7.97  ? 113 VAL A O   1 
ATOM   263  C  CB  . VAL A 1 31  ? 0.696   8.822   8.700   1.00 8.34  ? 113 VAL A CB  1 
ATOM   264  C  CG1 . VAL A 1 31  ? -0.034  9.715   9.676   1.00 8.64  ? 113 VAL A CG1 1 
ATOM   265  C  CG2 . VAL A 1 31  ? 0.704   9.225   7.227   1.00 6.65  ? 113 VAL A CG2 1 
ATOM   266  N  N   . ASP A 1 32  ? 4.048   8.969   8.371   1.00 6.69  ? 114 ASP A N   1 
ATOM   267  C  CA  . ASP A 1 32  ? 5.247   8.909   7.540   1.00 5.71  ? 114 ASP A CA  1 
ATOM   268  C  C   . ASP A 1 32  ? 6.060   7.662   7.756   1.00 5.97  ? 114 ASP A C   1 
ATOM   269  O  O   . ASP A 1 32  ? 6.489   7.044   6.805   1.00 7.50  ? 114 ASP A O   1 
ATOM   270  C  CB  . ASP A 1 32  ? 6.134   10.125  7.772   1.00 6.59  ? 114 ASP A CB  1 
ATOM   271  C  CG  . ASP A 1 32  ? 5.517   11.368  7.162   1.00 6.86  ? 114 ASP A CG  1 
ATOM   272  O  OD1 . ASP A 1 32  ? 4.380   11.302  6.669   1.00 6.08  ? 114 ASP A OD1 1 
ATOM   273  O  OD2 . ASP A 1 32  ? 6.195   12.400  7.179   1.00 8.19  ? 114 ASP A OD2 1 
ATOM   274  N  N   . SER A 1 33  ? 6.222   7.305   9.035   1.00 7.44  ? 115 SER A N   1 
ATOM   275  C  CA  . SER A 1 33  ? 6.880   6.047   9.361   1.00 9.00  ? 115 SER A CA  1 
ATOM   276  C  C   . SER A 1 33  ? 6.198   4.802   8.738   1.00 8.42  ? 115 SER A C   1 
ATOM   277  O  O   . SER A 1 33  ? 6.846   3.930   8.176   1.00 8.73  ? 115 SER A O   1 
ATOM   278  C  CB  . SER A 1 33  ? 6.970   5.966   10.877  1.00 10.31 ? 115 SER A CB  1 
ATOM   279  O  OG  . SER A 1 33  ? 7.341   4.634   11.254  1.00 17.49 ? 115 SER A OG  1 
ATOM   280  N  N   . ALA A 1 34  ? 4.859   4.766   8.844   1.00 8.15  ? 116 ALA A N   1 
ATOM   281  C  CA  . ALA A 1 34  ? 4.121   3.662   8.213   1.00 8.05  ? 116 ALA A CA  1 
ATOM   282  C  C   . ALA A 1 34  ? 4.276   3.585   6.698   1.00 8.29  ? 116 ALA A C   1 
ATOM   283  O  O   . ALA A 1 34  ? 4.470   2.525   6.124   1.00 8.82  ? 116 ALA A O   1 
ATOM   284  C  CB  . ALA A 1 34  ? 2.644   3.791   8.518   1.00 8.46  ? 116 ALA A CB  1 
ATOM   285  N  N   . VAL A 1 35  ? 4.198   4.772   6.064   1.00 7.89  ? 117 VAL A N   1 
ATOM   286  C  CA  . VAL A 1 35  ? 4.369   4.811   4.613   1.00 8.01  ? 117 VAL A CA  1 
ATOM   287  C  C   . VAL A 1 35  ? 5.759   4.433   4.170   1.00 7.63  ? 117 VAL A C   1 
ATOM   288  O  O   . VAL A 1 35  ? 5.906   3.627   3.273   1.00 7.12  ? 117 VAL A O   1 
ATOM   289  C  CB  . VAL A 1 35  ? 3.942   6.182   4.046   1.00 8.60  ? 117 VAL A CB  1 
ATOM   290  C  CG1 . VAL A 1 35  ? 4.403   6.435   2.599   1.00 6.60  ? 117 VAL A CG1 1 
ATOM   291  C  CG2 . VAL A 1 35  ? 2.419   6.312   4.172   1.00 8.37  ? 117 VAL A CG2 1 
ATOM   292  N  N   . GLU A 1 36  ? 6.759   5.013   4.844   1.00 7.25  ? 118 GLU A N   1 
ATOM   293  C  CA  . GLU A 1 36  ? 8.140   4.686   4.491   1.00 8.49  ? 118 GLU A CA  1 
ATOM   294  C  C   . GLU A 1 36  ? 8.470   3.213   4.661   1.00 8.42  ? 118 GLU A C   1 
ATOM   295  O  O   . GLU A 1 36  ? 9.061   2.600   3.790   1.00 7.60  ? 118 GLU A O   1 
ATOM   296  C  CB  . GLU A 1 36  ? 9.140   5.531   5.260   1.00 9.45  ? 118 GLU A CB  1 
ATOM   297  C  CG  . GLU A 1 36  ? 9.079   7.020   4.955   1.00 9.80  ? 118 GLU A CG  1 
ATOM   298  C  CD  . GLU A 1 36  ? 9.756   7.849   6.061   1.00 15.26 ? 118 GLU A CD  1 
ATOM   299  O  OE1 . GLU A 1 36  ? 10.210  7.302   7.068   1.00 14.93 ? 118 GLU A OE1 1 
ATOM   300  O  OE2 . GLU A 1 36  ? 9.815   9.072   5.936   1.00 14.92 ? 118 GLU A OE2 1 
ATOM   301  N  N   . LYS A 1 37  ? 8.013   2.674   5.810   1.00 9.85  ? 119 LYS A N   1 
ATOM   302  C  CA  . LYS A 1 37  ? 8.153   1.234   6.082   1.00 11.63 ? 119 LYS A CA  1 
ATOM   303  C  C   . LYS A 1 37  ? 7.461   0.334   5.057   1.00 10.23 ? 119 LYS A C   1 
ATOM   304  O  O   . LYS A 1 37  ? 7.995   -0.678  4.622   1.00 9.62  ? 119 LYS A O   1 
ATOM   305  C  CB  . LYS A 1 37  ? 7.571   0.925   7.454   1.00 14.17 ? 119 LYS A CB  1 
ATOM   306  C  CG  . LYS A 1 37  ? 8.482   0.516   8.606   1.00 21.43 ? 119 LYS A CG  1 
ATOM   307  C  CD  . LYS A 1 37  ? 7.591   -0.223  9.632   1.00 26.58 ? 119 LYS A CD  1 
ATOM   308  C  CE  . LYS A 1 37  ? 8.268   -0.863  10.861  1.00 30.81 ? 119 LYS A CE  1 
ATOM   309  N  NZ  . LYS A 1 37  ? 7.292   -1.656  11.651  1.00 32.22 ? 119 LYS A NZ  1 
ATOM   310  N  N   . ALA A 1 38  ? 6.247   0.801   4.675   1.00 10.08 ? 120 ALA A N   1 
ATOM   311  C  CA  . ALA A 1 38  ? 5.470   0.128   3.635   1.00 10.43 ? 120 ALA A CA  1 
ATOM   312  C  C   . ALA A 1 38  ? 6.136   0.102   2.254   1.00 10.34 ? 120 ALA A C   1 
ATOM   313  O  O   . ALA A 1 38  ? 6.059   -0.891  1.535   1.00 12.01 ? 120 ALA A O   1 
ATOM   314  C  CB  . ALA A 1 38  ? 4.102   0.787   3.508   1.00 10.03 ? 120 ALA A CB  1 
ATOM   315  N  N   . LEU A 1 39  ? 6.822   1.227   1.933   1.00 9.22  ? 121 LEU A N   1 
ATOM   316  C  CA  . LEU A 1 39  ? 7.617   1.292   0.709   1.00 8.50  ? 121 LEU A CA  1 
ATOM   317  C  C   . LEU A 1 39  ? 8.883   0.439   0.721   1.00 9.71  ? 121 LEU A C   1 
ATOM   318  O  O   . LEU A 1 39  ? 9.271   -0.174  -0.267  1.00 10.06 ? 121 LEU A O   1 
ATOM   319  C  CB  . LEU A 1 39  ? 8.033   2.726   0.424   1.00 8.03  ? 121 LEU A CB  1 
ATOM   320  C  CG  . LEU A 1 39  ? 6.879   3.661   0.120   1.00 8.07  ? 121 LEU A CG  1 
ATOM   321  C  CD1 . LEU A 1 39  ? 7.428   5.077   0.186   1.00 8.03  ? 121 LEU A CD1 1 
ATOM   322  C  CD2 . LEU A 1 39  ? 6.161   3.376   -1.209  1.00 7.38  ? 121 LEU A CD2 1 
ATOM   323  N  N   . LYS A 1 40  ? 9.507   0.453   1.912   1.00 10.23 ? 122 LYS A N   1 
ATOM   324  C  CA  . LYS A 1 40  ? 10.742  -0.292  2.142   1.00 11.93 ? 122 LYS A CA  1 
ATOM   325  C  C   . LYS A 1 40  ? 10.600  -1.806  2.019   1.00 10.65 ? 122 LYS A C   1 
ATOM   326  O  O   . LYS A 1 40  ? 11.469  -2.502  1.514   1.00 11.95 ? 122 LYS A O   1 
ATOM   327  C  CB  . LYS A 1 40  ? 11.337  0.071   3.509   1.00 13.96 ? 122 LYS A CB  1 
ATOM   328  C  CG  . LYS A 1 40  ? 12.779  -0.416  3.536   1.00 19.56 ? 122 LYS A CG  1 
ATOM   329  C  CD  . LYS A 1 40  ? 13.351  -0.666  4.924   1.00 26.37 ? 122 LYS A CD  1 
ATOM   330  C  CE  . LYS A 1 40  ? 13.573  0.568   5.800   1.00 31.69 ? 122 LYS A CE  1 
ATOM   331  N  NZ  . LYS A 1 40  ? 14.371  0.170   6.981   1.00 34.05 ? 122 LYS A NZ  1 
ATOM   332  N  N   . VAL A 1 41  ? 9.449   -2.304  2.480   1.00 9.56  ? 123 VAL A N   1 
ATOM   333  C  CA  . VAL A 1 41  ? 9.200   -3.749  2.282   1.00 10.65 ? 123 VAL A CA  1 
ATOM   334  C  C   . VAL A 1 41  ? 9.404   -4.256  0.841   1.00 9.07  ? 123 VAL A C   1 
ATOM   335  O  O   . VAL A 1 41  ? 10.000  -5.293  0.578   1.00 8.90  ? 123 VAL A O   1 
ATOM   336  C  CB  . VAL A 1 41  ? 7.791   -4.044  2.838   1.00 13.17 ? 123 VAL A CB  1 
ATOM   337  C  CG1 . VAL A 1 41  ? 7.168   -5.375  2.427   1.00 15.30 ? 123 VAL A CG1 1 
ATOM   338  C  CG2 . VAL A 1 41  ? 7.872   -3.957  4.363   1.00 14.61 ? 123 VAL A CG2 1 
ATOM   339  N  N   . TRP A 1 42  ? 8.907   -3.427  -0.082  1.00 7.69  ? 124 TRP A N   1 
ATOM   340  C  CA  . TRP A 1 42  ? 9.015   -3.765  -1.486  1.00 7.84  ? 124 TRP A CA  1 
ATOM   341  C  C   . TRP A 1 42  ? 10.338  -3.352  -2.111  1.00 9.24  ? 124 TRP A C   1 
ATOM   342  O  O   . TRP A 1 42  ? 10.914  -4.074  -2.920  1.00 8.04  ? 124 TRP A O   1 
ATOM   343  C  CB  . TRP A 1 42  ? 7.820   -3.151  -2.200  1.00 8.83  ? 124 TRP A CB  1 
ATOM   344  C  CG  . TRP A 1 42  ? 6.510   -3.635  -1.612  1.00 7.82  ? 124 TRP A CG  1 
ATOM   345  C  CD1 . TRP A 1 42  ? 5.624   -2.857  -0.867  1.00 6.06  ? 124 TRP A CD1 1 
ATOM   346  C  CD2 . TRP A 1 42  ? 5.871   -4.927  -1.724  1.00 7.39  ? 124 TRP A CD2 1 
ATOM   347  N  NE1 . TRP A 1 42  ? 4.514   -3.549  -0.532  1.00 8.04  ? 124 TRP A NE1 1 
ATOM   348  C  CE2 . TRP A 1 42  ? 4.612   -4.833  -1.038  1.00 9.02  ? 124 TRP A CE2 1 
ATOM   349  C  CE3 . TRP A 1 42  ? 6.236   -6.147  -2.345  1.00 7.39  ? 124 TRP A CE3 1 
ATOM   350  C  CZ2 . TRP A 1 42  ? 3.742   -5.940  -0.985  1.00 6.98  ? 124 TRP A CZ2 1 
ATOM   351  C  CZ3 . TRP A 1 42  ? 5.357   -7.253  -2.286  1.00 7.58  ? 124 TRP A CZ3 1 
ATOM   352  C  CH2 . TRP A 1 42  ? 4.117   -7.152  -1.610  1.00 8.76  ? 124 TRP A CH2 1 
ATOM   353  N  N   . GLU A 1 43  ? 10.823  -2.166  -1.669  1.00 9.56  ? 125 GLU A N   1 
ATOM   354  C  CA  . GLU A 1 43  ? 12.137  -1.688  -2.099  1.00 10.73 ? 125 GLU A CA  1 
ATOM   355  C  C   . GLU A 1 43  ? 13.284  -2.672  -1.915  1.00 12.01 ? 125 GLU A C   1 
ATOM   356  O  O   . GLU A 1 43  ? 14.089  -2.927  -2.812  1.00 11.48 ? 125 GLU A O   1 
ATOM   357  C  CB  . GLU A 1 43  ? 12.380  -0.404  -1.355  1.00 13.16 ? 125 GLU A CB  1 
ATOM   358  C  CG  . GLU A 1 43  ? 13.565  0.456   -1.749  1.00 19.34 ? 125 GLU A CG  1 
ATOM   359  C  CD  . GLU A 1 43  ? 13.281  1.836   -1.162  1.00 24.11 ? 125 GLU A CD  1 
ATOM   360  O  OE1 . GLU A 1 43  ? 13.157  1.943   0.059   1.00 26.85 ? 125 GLU A OE1 1 
ATOM   361  O  OE2 . GLU A 1 43  ? 13.160  2.798   -1.926  1.00 27.87 ? 125 GLU A OE2 1 
ATOM   362  N  N   . GLU A 1 44  ? 13.273  -3.254  -0.699  1.00 12.19 ? 126 GLU A N   1 
ATOM   363  C  CA  . GLU A 1 44  ? 14.229  -4.293  -0.294  1.00 15.22 ? 126 GLU A CA  1 
ATOM   364  C  C   . GLU A 1 44  ? 14.427  -5.535  -1.176  1.00 14.14 ? 126 GLU A C   1 
ATOM   365  O  O   . GLU A 1 44  ? 15.487  -6.162  -1.153  1.00 13.85 ? 126 GLU A O   1 
ATOM   366  C  CB  . GLU A 1 44  ? 13.831  -4.813  1.082   1.00 17.13 ? 126 GLU A CB  1 
ATOM   367  C  CG  . GLU A 1 44  ? 14.268  -3.826  2.141   1.00 21.06 ? 126 GLU A CG  1 
ATOM   368  C  CD  . GLU A 1 44  ? 13.834  -4.253  3.531   1.00 21.54 ? 126 GLU A CD  1 
ATOM   369  O  OE1 . GLU A 1 44  ? 13.063  -5.203  3.700   1.00 21.20 ? 126 GLU A OE1 1 
ATOM   370  O  OE2 . GLU A 1 44  ? 14.278  -3.601  4.460   1.00 23.61 ? 126 GLU A OE2 1 
ATOM   371  N  N   . VAL A 1 45  ? 13.324  -5.886  -1.882  1.00 12.43 ? 127 VAL A N   1 
ATOM   372  C  CA  . VAL A 1 45  ? 13.296  -7.137  -2.632  1.00 12.91 ? 127 VAL A CA  1 
ATOM   373  C  C   . VAL A 1 45  ? 13.246  -6.994  -4.149  1.00 12.35 ? 127 VAL A C   1 
ATOM   374  O  O   . VAL A 1 45  ? 12.983  -7.956  -4.854  1.00 12.20 ? 127 VAL A O   1 
ATOM   375  C  CB  . VAL A 1 45  ? 12.174  -8.058  -2.111  1.00 13.61 ? 127 VAL A CB  1 
ATOM   376  C  CG1 . VAL A 1 45  ? 12.495  -8.527  -0.691  1.00 12.72 ? 127 VAL A CG1 1 
ATOM   377  C  CG2 . VAL A 1 45  ? 10.785  -7.421  -2.202  1.00 12.95 ? 127 VAL A CG2 1 
ATOM   378  N  N   . THR A 1 46  ? 13.515  -5.736  -4.600  1.00 12.21 ? 128 THR A N   1 
ATOM   379  C  CA  . THR A 1 46  ? 13.374  -5.343  -6.002  1.00 12.13 ? 128 THR A CA  1 
ATOM   380  C  C   . THR A 1 46  ? 14.428  -4.289  -6.340  1.00 11.00 ? 128 THR A C   1 
ATOM   381  O  O   . THR A 1 46  ? 15.103  -3.801  -5.447  1.00 11.52 ? 128 THR A O   1 
ATOM   382  C  CB  . THR A 1 46  ? 11.968  -4.760  -6.276  1.00 12.47 ? 128 THR A CB  1 
ATOM   383  O  OG1 . THR A 1 46  ? 11.802  -3.530  -5.582  1.00 11.37 ? 128 THR A OG1 1 
ATOM   384  C  CG2 . THR A 1 46  ? 10.807  -5.697  -5.982  1.00 13.27 ? 128 THR A CG2 1 
ATOM   385  N  N   . PRO A 1 47  ? 14.556  -3.931  -7.645  1.00 9.61  ? 129 PRO A N   1 
ATOM   386  C  CA  . PRO A 1 47  ? 15.354  -2.757  -8.015  1.00 10.11 ? 129 PRO A CA  1 
ATOM   387  C  C   . PRO A 1 47  ? 14.650  -1.418  -7.823  1.00 10.54 ? 129 PRO A C   1 
ATOM   388  O  O   . PRO A 1 47  ? 15.214  -0.366  -8.115  1.00 12.14 ? 129 PRO A O   1 
ATOM   389  C  CB  . PRO A 1 47  ? 15.620  -2.982  -9.510  1.00 10.17 ? 129 PRO A CB  1 
ATOM   390  C  CG  . PRO A 1 47  ? 15.179  -4.402  -9.846  1.00 11.05 ? 129 PRO A CG  1 
ATOM   391  C  CD  . PRO A 1 47  ? 14.093  -4.653  -8.825  1.00 8.97  ? 129 PRO A CD  1 
ATOM   392  N  N   . LEU A 1 48  ? 13.385  -1.494  -7.354  1.00 10.06 ? 130 LEU A N   1 
ATOM   393  C  CA  . LEU A 1 48  ? 12.619  -0.260  -7.173  1.00 10.23 ? 130 LEU A CA  1 
ATOM   394  C  C   . LEU A 1 48  ? 13.169  0.657   -6.101  1.00 11.37 ? 130 LEU A C   1 
ATOM   395  O  O   . LEU A 1 48  ? 13.546  0.234   -5.023  1.00 11.78 ? 130 LEU A O   1 
ATOM   396  C  CB  . LEU A 1 48  ? 11.162  -0.522  -6.791  1.00 9.82  ? 130 LEU A CB  1 
ATOM   397  C  CG  . LEU A 1 48  ? 10.343  -1.333  -7.791  1.00 8.75  ? 130 LEU A CG  1 
ATOM   398  C  CD1 . LEU A 1 48  ? 9.002   -1.706  -7.157  1.00 11.10 ? 130 LEU A CD1 1 
ATOM   399  C  CD2 . LEU A 1 48  ? 10.205  -0.661  -9.147  1.00 8.87  ? 130 LEU A CD2 1 
ATOM   400  N  N   . THR A 1 49  ? 13.163  1.952   -6.457  1.00 12.14 ? 131 THR A N   1 
ATOM   401  C  CA  . THR A 1 49  ? 13.573  2.991   -5.515  1.00 12.32 ? 131 THR A CA  1 
ATOM   402  C  C   . THR A 1 49  ? 12.454  3.995   -5.451  1.00 10.40 ? 131 THR A C   1 
ATOM   403  O  O   . THR A 1 49  ? 11.710  4.166   -6.404  1.00 9.74  ? 131 THR A O   1 
ATOM   404  C  CB  . THR A 1 49  ? 14.915  3.661   -5.919  1.00 14.39 ? 131 THR A CB  1 
ATOM   405  O  OG1 . THR A 1 49  ? 14.845  4.283   -7.211  1.00 17.04 ? 131 THR A OG1 1 
ATOM   406  C  CG2 . THR A 1 49  ? 16.082  2.671   -5.888  1.00 13.43 ? 131 THR A CG2 1 
ATOM   407  N  N   . PHE A 1 50  ? 12.339  4.601   -4.268  1.00 10.79 ? 132 PHE A N   1 
ATOM   408  C  CA  . PHE A 1 50  ? 11.263  5.578   -4.124  1.00 11.20 ? 132 PHE A CA  1 
ATOM   409  C  C   . PHE A 1 50  ? 11.788  6.903   -3.624  1.00 11.93 ? 132 PHE A C   1 
ATOM   410  O  O   . PHE A 1 50  ? 12.668  6.941   -2.776  1.00 12.20 ? 132 PHE A O   1 
ATOM   411  C  CB  . PHE A 1 50  ? 10.216  5.127   -3.120  1.00 11.38 ? 132 PHE A CB  1 
ATOM   412  C  CG  . PHE A 1 50  ? 9.527   3.853   -3.515  1.00 10.63 ? 132 PHE A CG  1 
ATOM   413  C  CD1 . PHE A 1 50  ? 8.353   3.931   -4.299  1.00 10.69 ? 132 PHE A CD1 1 
ATOM   414  C  CD2 . PHE A 1 50  ? 10.042  2.609   -3.075  1.00 10.00 ? 132 PHE A CD2 1 
ATOM   415  C  CE1 . PHE A 1 50  ? 7.688   2.740   -4.644  1.00 10.18 ? 132 PHE A CE1 1 
ATOM   416  C  CE2 . PHE A 1 50  ? 9.376   1.422   -3.431  1.00 10.19 ? 132 PHE A CE2 1 
ATOM   417  C  CZ  . PHE A 1 50  ? 8.207   1.499   -4.215  1.00 9.31  ? 132 PHE A CZ  1 
ATOM   418  N  N   . SER A 1 51  ? 11.168  7.978   -4.149  1.00 10.77 ? 133 SER A N   1 
ATOM   419  C  CA  . SER A 1 51  ? 11.460  9.259   -3.518  1.00 10.86 ? 133 SER A CA  1 
ATOM   420  C  C   . SER A 1 51  ? 10.200  10.060  -3.370  1.00 9.24  ? 133 SER A C   1 
ATOM   421  O  O   . SER A 1 51  ? 9.239   9.899   -4.109  1.00 9.73  ? 133 SER A O   1 
ATOM   422  C  CB  . SER A 1 51  ? 12.545  10.042  -4.288  1.00 12.91 ? 133 SER A CB  1 
ATOM   423  O  OG  . SER A 1 51  ? 12.078  10.412  -5.595  1.00 12.71 ? 133 SER A OG  1 
ATOM   424  N  N   . ARG A 1 52  ? 10.261  10.925  -2.357  1.00 8.67  ? 134 ARG A N   1 
ATOM   425  C  CA  . ARG A 1 52  ? 9.075   11.719  -2.021  1.00 7.15  ? 134 ARG A CA  1 
ATOM   426  C  C   . ARG A 1 52  ? 8.985   13.036  -2.785  1.00 7.80  ? 134 ARG A C   1 
ATOM   427  O  O   . ARG A 1 52  ? 9.977   13.716  -2.984  1.00 8.08  ? 134 ARG A O   1 
ATOM   428  C  CB  . ARG A 1 52  ? 9.065   11.934  -0.507  1.00 6.61  ? 134 ARG A CB  1 
ATOM   429  C  CG  . ARG A 1 52  ? 7.754   12.499  0.036   1.00 8.26  ? 134 ARG A CG  1 
ATOM   430  C  CD  . ARG A 1 52  ? 7.676   12.326  1.554   1.00 9.08  ? 134 ARG A CD  1 
ATOM   431  N  NE  . ARG A 1 52  ? 6.485   13.001  2.054   1.00 7.51  ? 134 ARG A NE  1 
ATOM   432  C  CZ  . ARG A 1 52  ? 6.175   13.139  3.354   1.00 9.37  ? 134 ARG A CZ  1 
ATOM   433  N  NH1 . ARG A 1 52  ? 6.891   12.560  4.295   1.00 8.18  ? 134 ARG A NH1 1 
ATOM   434  N  NH2 . ARG A 1 52  ? 5.141   13.892  3.700   1.00 7.94  ? 134 ARG A NH2 1 
ATOM   435  N  N   . LEU A 1 53  ? 7.745   13.358  -3.200  1.00 6.72  ? 135 LEU A N   1 
ATOM   436  C  CA  . LEU A 1 53  ? 7.433   14.684  -3.742  1.00 7.56  ? 135 LEU A CA  1 
ATOM   437  C  C   . LEU A 1 53  ? 6.446   15.314  -2.792  1.00 6.57  ? 135 LEU A C   1 
ATOM   438  O  O   . LEU A 1 53  ? 5.563   14.648  -2.284  1.00 6.53  ? 135 LEU A O   1 
ATOM   439  C  CB  . LEU A 1 53  ? 6.790   14.633  -5.126  1.00 7.90  ? 135 LEU A CB  1 
ATOM   440  C  CG  . LEU A 1 53  ? 7.691   14.058  -6.215  1.00 9.42  ? 135 LEU A CG  1 
ATOM   441  C  CD1 . LEU A 1 53  ? 6.929   13.979  -7.544  1.00 11.39 ? 135 LEU A CD1 1 
ATOM   442  C  CD2 . LEU A 1 53  ? 8.995   14.842  -6.366  1.00 12.75 ? 135 LEU A CD2 1 
ATOM   443  N  N   . TYR A 1 54  ? 6.651   16.609  -2.555  1.00 7.06  ? 136 TYR A N   1 
ATOM   444  C  CA  . TYR A 1 54  ? 5.792   17.353  -1.640  1.00 8.12  ? 136 TYR A CA  1 
ATOM   445  C  C   . TYR A 1 54  ? 4.798   18.253  -2.361  1.00 8.57  ? 136 TYR A C   1 
ATOM   446  O  O   . TYR A 1 54  ? 4.004   18.942  -1.741  1.00 8.55  ? 136 TYR A O   1 
ATOM   447  C  CB  . TYR A 1 54  ? 6.644   18.190  -0.687  1.00 8.69  ? 136 TYR A CB  1 
ATOM   448  C  CG  . TYR A 1 54  ? 7.545   17.308  0.143   1.00 9.35  ? 136 TYR A CG  1 
ATOM   449  C  CD1 . TYR A 1 54  ? 7.065   16.743  1.342   1.00 9.62  ? 136 TYR A CD1 1 
ATOM   450  C  CD2 . TYR A 1 54  ? 8.858   17.092  -0.315  1.00 11.02 ? 136 TYR A CD2 1 
ATOM   451  C  CE1 . TYR A 1 54  ? 7.921   15.916  2.093   1.00 12.55 ? 136 TYR A CE1 1 
ATOM   452  C  CE2 . TYR A 1 54  ? 9.709   16.270  0.431   1.00 12.42 ? 136 TYR A CE2 1 
ATOM   453  C  CZ  . TYR A 1 54  ? 9.233   15.679  1.618   1.00 13.71 ? 136 TYR A CZ  1 
ATOM   454  O  OH  . TYR A 1 54  ? 10.082  14.842  2.326   1.00 16.01 ? 136 TYR A OH  1 
ATOM   455  N  N   . GLU A 1 55  ? 4.892   18.199  -3.705  1.00 8.52  ? 137 GLU A N   1 
ATOM   456  C  CA  . GLU A 1 55  ? 4.033   18.954  -4.606  1.00 9.91  ? 137 GLU A CA  1 
ATOM   457  C  C   . GLU A 1 55  ? 3.997   18.264  -5.952  1.00 10.76 ? 137 GLU A C   1 
ATOM   458  O  O   . GLU A 1 55  ? 4.813   17.401  -6.251  1.00 9.93  ? 137 GLU A O   1 
ATOM   459  C  CB  . GLU A 1 55  ? 4.546   20.388  -4.762  1.00 11.91 ? 137 GLU A CB  1 
ATOM   460  C  CG  . GLU A 1 55  ? 6.045   20.428  -5.063  1.00 15.15 ? 137 GLU A CG  1 
ATOM   461  C  CD  . GLU A 1 55  ? 6.501   21.862  -5.231  1.00 19.88 ? 137 GLU A CD  1 
ATOM   462  O  OE1 . GLU A 1 55  ? 6.108   22.730  -4.451  1.00 21.02 ? 137 GLU A OE1 1 
ATOM   463  O  OE2 . GLU A 1 55  ? 7.253   22.110  -6.164  1.00 23.19 ? 137 GLU A OE2 1 
ATOM   464  N  N   . GLY A 1 56  ? 2.997   18.686  -6.751  1.00 10.69 ? 138 GLY A N   1 
ATOM   465  C  CA  . GLY A 1 56  ? 2.860   18.064  -8.066  1.00 11.09 ? 138 GLY A CA  1 
ATOM   466  C  C   . GLY A 1 56  ? 2.401   16.614  -8.048  1.00 11.27 ? 138 GLY A C   1 
ATOM   467  O  O   . GLY A 1 56  ? 2.033   16.012  -7.047  1.00 10.26 ? 138 GLY A O   1 
ATOM   468  N  N   . GLU A 1 57  ? 2.446   16.083  -9.261  1.00 12.01 ? 139 GLU A N   1 
ATOM   469  C  CA  . GLU A 1 57  ? 1.934   14.738  -9.447  1.00 12.41 ? 139 GLU A CA  1 
ATOM   470  C  C   . GLU A 1 57  ? 3.014   13.679  -9.324  1.00 12.95 ? 139 GLU A C   1 
ATOM   471  O  O   . GLU A 1 57  ? 3.881   13.570  -10.181 1.00 15.02 ? 139 GLU A O   1 
ATOM   472  C  CB  . GLU A 1 57  ? 1.265   14.708  -10.822 1.00 14.94 ? 139 GLU A CB  1 
ATOM   473  C  CG  . GLU A 1 57  ? 0.393   13.471  -11.022 1.00 18.34 ? 139 GLU A CG  1 
ATOM   474  C  CD  . GLU A 1 57  ? -0.945  13.607  -10.324 1.00 19.95 ? 139 GLU A CD  1 
ATOM   475  O  OE1 . GLU A 1 57  ? -1.327  14.729  -9.974  1.00 19.60 ? 139 GLU A OE1 1 
ATOM   476  O  OE2 . GLU A 1 57  ? -1.601  12.581  -10.159 1.00 18.19 ? 139 GLU A OE2 1 
ATOM   477  N  N   . ALA A 1 58  ? 2.909   12.909  -8.223  1.00 10.40 ? 140 ALA A N   1 
ATOM   478  C  CA  . ALA A 1 58  ? 3.811   11.762  -8.067  1.00 8.46  ? 140 ALA A CA  1 
ATOM   479  C  C   . ALA A 1 58  ? 3.166   10.512  -8.615  1.00 7.80  ? 140 ALA A C   1 
ATOM   480  O  O   . ALA A 1 58  ? 1.967   10.497  -8.834  1.00 9.95  ? 140 ALA A O   1 
ATOM   481  C  CB  . ALA A 1 58  ? 4.074   11.527  -6.588  1.00 8.47  ? 140 ALA A CB  1 
ATOM   482  N  N   . ASP A 1 59  ? 3.976   9.443   -8.779  1.00 5.35  ? 141 ASP A N   1 
ATOM   483  C  CA  . ASP A 1 59  ? 3.395   8.195   -9.264  1.00 5.91  ? 141 ASP A CA  1 
ATOM   484  C  C   . ASP A 1 59  ? 2.317   7.636   -8.352  1.00 6.36  ? 141 ASP A C   1 
ATOM   485  O  O   . ASP A 1 59  ? 1.214   7.321   -8.751  1.00 5.60  ? 141 ASP A O   1 
ATOM   486  C  CB  . ASP A 1 59  ? 4.482   7.135   -9.477  1.00 6.68  ? 141 ASP A CB  1 
ATOM   487  C  CG  . ASP A 1 59  ? 5.475   7.565   -10.537 1.00 8.57  ? 141 ASP A CG  1 
ATOM   488  O  OD1 . ASP A 1 59  ? 5.051   7.947   -11.630 1.00 8.47  ? 141 ASP A OD1 1 
ATOM   489  O  OD2 . ASP A 1 59  ? 6.673   7.527   -10.269 1.00 9.25  ? 141 ASP A OD2 1 
ATOM   490  N  N   . ILE A 1 60  ? 2.699   7.538   -7.078  1.00 5.56  ? 142 ILE A N   1 
ATOM   491  C  CA  . ILE A 1 60  ? 1.775   7.005   -6.077  1.00 5.67  ? 142 ILE A CA  1 
ATOM   492  C  C   . ILE A 1 60  ? 1.342   8.168   -5.211  1.00 6.42  ? 142 ILE A C   1 
ATOM   493  O  O   . ILE A 1 60  ? 2.083   8.635   -4.359  1.00 6.97  ? 142 ILE A O   1 
ATOM   494  C  CB  . ILE A 1 60  ? 2.507   5.931   -5.257  1.00 7.01  ? 142 ILE A CB  1 
ATOM   495  C  CG1 . ILE A 1 60  ? 2.934   4.787   -6.187  1.00 6.82  ? 142 ILE A CG1 1 
ATOM   496  C  CG2 . ILE A 1 60  ? 1.632   5.422   -4.095  1.00 7.59  ? 142 ILE A CG2 1 
ATOM   497  C  CD1 . ILE A 1 60  ? 3.944   3.833   -5.555  1.00 9.17  ? 142 ILE A CD1 1 
ATOM   498  N  N   . MET A 1 61  ? 0.115   8.635   -5.503  1.00 7.43  ? 143 MET A N   1 
ATOM   499  C  CA  . MET A 1 61  ? -0.505  9.645   -4.643  1.00 7.60  ? 143 MET A CA  1 
ATOM   500  C  C   . MET A 1 61  ? -1.246  8.941   -3.512  1.00 7.34  ? 143 MET A C   1 
ATOM   501  O  O   . MET A 1 61  ? -2.104  8.109   -3.749  1.00 9.30  ? 143 MET A O   1 
ATOM   502  C  CB  . MET A 1 61  ? -1.474  10.523  -5.458  1.00 7.81  ? 143 MET A CB  1 
ATOM   503  C  CG  . MET A 1 61  ? -0.836  11.197  -6.679  1.00 9.46  ? 143 MET A CG  1 
ATOM   504  S  SD  . MET A 1 61  ? 0.102   12.657  -6.225  1.00 9.20  ? 143 MET A SD  1 
ATOM   505  C  CE  . MET A 1 61  ? -1.206  13.904  -6.219  1.00 7.37  ? 143 MET A CE  1 
ATOM   506  N  N   . ILE A 1 62  ? -0.853  9.292   -2.281  1.00 6.29  ? 144 ILE A N   1 
ATOM   507  C  CA  . ILE A 1 62  ? -1.418  8.680   -1.081  1.00 5.60  ? 144 ILE A CA  1 
ATOM   508  C  C   . ILE A 1 62  ? -2.296  9.689   -0.365  1.00 4.75  ? 144 ILE A C   1 
ATOM   509  O  O   . ILE A 1 62  ? -1.877  10.798  -0.082  1.00 5.36  ? 144 ILE A O   1 
ATOM   510  C  CB  . ILE A 1 62  ? -0.284  8.221   -0.159  1.00 4.16  ? 144 ILE A CB  1 
ATOM   511  C  CG1 . ILE A 1 62  ? 0.565   7.165   -0.872  1.00 6.44  ? 144 ILE A CG1 1 
ATOM   512  C  CG2 . ILE A 1 62  ? -0.812  7.674   1.173   1.00 7.13  ? 144 ILE A CG2 1 
ATOM   513  C  CD1 . ILE A 1 62  ? 1.894   6.914   -0.178  1.00 5.01  ? 144 ILE A CD1 1 
ATOM   514  N  N   . SER A 1 63  ? -3.516  9.240   -0.061  1.00 3.88  ? 145 SER A N   1 
ATOM   515  C  CA  . SER A 1 63  ? -4.423  10.152  0.629   1.00 5.25  ? 145 SER A CA  1 
ATOM   516  C  C   . SER A 1 63  ? -5.411  9.414   1.534   1.00 5.63  ? 145 SER A C   1 
ATOM   517  O  O   . SER A 1 63  ? -5.617  8.217   1.436   1.00 6.33  ? 145 SER A O   1 
ATOM   518  C  CB  . SER A 1 63  ? -5.134  11.095  -0.362  1.00 7.41  ? 145 SER A CB  1 
ATOM   519  O  OG  . SER A 1 63  ? -5.972  10.311  -1.225  1.00 7.13  ? 145 SER A OG  1 
ATOM   520  N  N   . PHE A 1 64  ? -5.989  10.222  2.425   1.00 6.48  ? 146 PHE A N   1 
ATOM   521  C  CA  . PHE A 1 64  ? -7.012  9.797   3.378   1.00 6.98  ? 146 PHE A CA  1 
ATOM   522  C  C   . PHE A 1 64  ? -8.302  10.463  2.986   1.00 6.72  ? 146 PHE A C   1 
ATOM   523  O  O   . PHE A 1 64  ? -8.329  11.658  2.718   1.00 7.68  ? 146 PHE A O   1 
ATOM   524  C  CB  . PHE A 1 64  ? -6.632  10.226  4.806   1.00 6.72  ? 146 PHE A CB  1 
ATOM   525  C  CG  . PHE A 1 64  ? -5.399  9.491   5.295   1.00 7.45  ? 146 PHE A CG  1 
ATOM   526  C  CD1 . PHE A 1 64  ? -4.118  9.969   4.950   1.00 6.65  ? 146 PHE A CD1 1 
ATOM   527  C  CD2 . PHE A 1 64  ? -5.561  8.326   6.083   1.00 7.44  ? 146 PHE A CD2 1 
ATOM   528  C  CE1 . PHE A 1 64  ? -2.983  9.275   5.417   1.00 7.87  ? 146 PHE A CE1 1 
ATOM   529  C  CE2 . PHE A 1 64  ? -4.421  7.620   6.539   1.00 6.47  ? 146 PHE A CE2 1 
ATOM   530  C  CZ  . PHE A 1 64  ? -3.143  8.114   6.217   1.00 6.06  ? 146 PHE A CZ  1 
ATOM   531  N  N   . ALA A 1 65  ? -9.364  9.637   2.933   1.00 6.08  ? 147 ALA A N   1 
ATOM   532  C  CA  . ALA A 1 65  ? -10.658 10.165  2.521   1.00 6.13  ? 147 ALA A CA  1 
ATOM   533  C  C   . ALA A 1 65  ? -11.817 9.385   3.113   1.00 5.25  ? 147 ALA A C   1 
ATOM   534  O  O   . ALA A 1 65  ? -11.643 8.283   3.601   1.00 6.54  ? 147 ALA A O   1 
ATOM   535  C  CB  . ALA A 1 65  ? -10.746 10.160  0.992   1.00 7.70  ? 147 ALA A CB  1 
ATOM   536  N  N   . VAL A 1 66  ? -13.020 9.993   3.027   1.00 7.38  ? 148 VAL A N   1 
ATOM   537  C  CA  . VAL A 1 66  ? -14.243 9.271   3.419   1.00 7.55  ? 148 VAL A CA  1 
ATOM   538  C  C   . VAL A 1 66  ? -15.283 9.254   2.292   1.00 7.96  ? 148 VAL A C   1 
ATOM   539  O  O   . VAL A 1 66  ? -15.419 10.209  1.533   1.00 7.35  ? 148 VAL A O   1 
ATOM   540  C  CB  . VAL A 1 66  ? -14.855 9.857   4.711   1.00 7.68  ? 148 VAL A CB  1 
ATOM   541  C  CG1 . VAL A 1 66  ? -13.867 9.823   5.881   1.00 7.18  ? 148 VAL A CG1 1 
ATOM   542  C  CG2 . VAL A 1 66  ? -15.380 11.286  4.490   1.00 6.90  ? 148 VAL A CG2 1 
ATOM   543  N  N   . ARG A 1 67  ? -16.035 8.129   2.243   1.00 7.91  ? 149 ARG A N   1 
ATOM   544  C  CA  . ARG A 1 67  ? -17.231 8.039   1.395   1.00 9.99  ? 149 ARG A CA  1 
ATOM   545  C  C   . ARG A 1 67  ? -16.935 8.391   -0.057  1.00 11.11 ? 149 ARG A C   1 
ATOM   546  O  O   . ARG A 1 67  ? -15.995 7.871   -0.628  1.00 10.85 ? 149 ARG A O   1 
ATOM   547  C  CB  . ARG A 1 67  ? -18.348 8.893   1.996   1.00 8.98  ? 149 ARG A CB  1 
ATOM   548  C  CG  . ARG A 1 67  ? -18.602 8.671   3.481   1.00 12.79 ? 149 ARG A CG  1 
ATOM   549  C  CD  . ARG A 1 67  ? -19.463 7.459   3.777   1.00 14.43 ? 149 ARG A CD  1 
ATOM   550  N  NE  . ARG A 1 67  ? -19.809 7.461   5.197   1.00 15.59 ? 149 ARG A NE  1 
ATOM   551  C  CZ  . ARG A 1 67  ? -20.449 6.403   5.732   1.00 14.57 ? 149 ARG A CZ  1 
ATOM   552  N  NH1 . ARG A 1 67  ? -20.838 5.368   4.987   1.00 12.72 ? 149 ARG A NH1 1 
ATOM   553  N  NH2 . ARG A 1 67  ? -20.665 6.397   7.044   1.00 15.01 ? 149 ARG A NH2 1 
ATOM   554  N  N   . GLU A 1 68  ? -17.707 9.324   -0.641  1.00 11.82 ? 150 GLU A N   1 
ATOM   555  C  CA  . GLU A 1 68  ? -17.315 9.779   -1.966  1.00 12.54 ? 150 GLU A CA  1 
ATOM   556  C  C   . GLU A 1 68  ? -16.100 10.715  -1.977  1.00 11.34 ? 150 GLU A C   1 
ATOM   557  O  O   . GLU A 1 68  ? -16.068 11.758  -1.348  1.00 11.90 ? 150 GLU A O   1 
ATOM   558  C  CB  . GLU A 1 68  ? -18.547 10.421  -2.601  1.00 14.08 ? 150 GLU A CB  1 
ATOM   559  C  CG  . GLU A 1 68  ? -18.296 10.969  -4.015  1.00 17.35 ? 150 GLU A CG  1 
ATOM   560  C  CD  . GLU A 1 68  ? -17.883 9.849   -4.952  1.00 18.29 ? 150 GLU A CD  1 
ATOM   561  O  OE1 . GLU A 1 68  ? -18.562 8.811   -4.979  1.00 17.29 ? 150 GLU A OE1 1 
ATOM   562  O  OE2 . GLU A 1 68  ? -16.877 10.036  -5.647  1.00 18.43 ? 150 GLU A OE2 1 
ATOM   563  N  N   . HIS A 1 69  ? -15.086 10.267  -2.734  1.00 9.83  ? 151 HIS A N   1 
ATOM   564  C  CA  . HIS A 1 69  ? -13.853 11.026  -2.795  1.00 8.08  ? 151 HIS A CA  1 
ATOM   565  C  C   . HIS A 1 69  ? -13.216 11.155  -4.157  1.00 8.16  ? 151 HIS A C   1 
ATOM   566  O  O   . HIS A 1 69  ? -12.048 11.508  -4.240  1.00 7.65  ? 151 HIS A O   1 
ATOM   567  C  CB  . HIS A 1 69  ? -12.835 10.506  -1.786  1.00 7.22  ? 151 HIS A CB  1 
ATOM   568  C  CG  . HIS A 1 69  ? -12.585 9.048   -2.006  1.00 7.76  ? 151 HIS A CG  1 
ATOM   569  N  ND1 . HIS A 1 69  ? -13.438 8.098   -1.588  1.00 7.29  ? 151 HIS A ND1 1 
ATOM   570  C  CD2 . HIS A 1 69  ? -11.502 8.444   -2.628  1.00 6.72  ? 151 HIS A CD2 1 
ATOM   571  C  CE1 . HIS A 1 69  ? -12.935 6.888   -1.925  1.00 6.91  ? 151 HIS A CE1 1 
ATOM   572  N  NE2 . HIS A 1 69  ? -11.753 7.120   -2.556  1.00 7.66  ? 151 HIS A NE2 1 
ATOM   573  N  N   . GLY A 1 70  ? -14.030 10.900  -5.207  1.00 7.30  ? 152 GLY A N   1 
ATOM   574  C  CA  . GLY A 1 70  ? -13.571 11.299  -6.537  1.00 9.03  ? 152 GLY A CA  1 
ATOM   575  C  C   . GLY A 1 70  ? -13.197 10.187  -7.483  1.00 10.48 ? 152 GLY A C   1 
ATOM   576  O  O   . GLY A 1 70  ? -12.590 10.413  -8.524  1.00 11.99 ? 152 GLY A O   1 
ATOM   577  N  N   . ASP A 1 71  ? -13.589 8.968   -7.080  1.00 11.39 ? 153 ASP A N   1 
ATOM   578  C  CA  . ASP A 1 71  ? -13.374 7.803   -7.941  1.00 12.14 ? 153 ASP A CA  1 
ATOM   579  C  C   . ASP A 1 71  ? -14.569 6.865   -7.933  1.00 11.39 ? 153 ASP A C   1 
ATOM   580  O  O   . ASP A 1 71  ? -15.585 7.147   -7.321  1.00 12.15 ? 153 ASP A O   1 
ATOM   581  C  CB  . ASP A 1 71  ? -12.034 7.105   -7.614  1.00 10.75 ? 153 ASP A CB  1 
ATOM   582  C  CG  . ASP A 1 71  ? -11.951 6.480   -6.233  1.00 11.70 ? 153 ASP A CG  1 
ATOM   583  O  OD1 . ASP A 1 71  ? -12.968 6.277   -5.581  1.00 11.77 ? 153 ASP A OD1 1 
ATOM   584  O  OD2 . ASP A 1 71  ? -10.848 6.175   -5.807  1.00 11.92 ? 153 ASP A OD2 1 
ATOM   585  N  N   . PHE A 1 72  ? -14.390 5.735   -8.635  1.00 12.57 ? 154 PHE A N   1 
ATOM   586  C  CA  . PHE A 1 72  ? -15.477 4.773   -8.802  1.00 13.21 ? 154 PHE A CA  1 
ATOM   587  C  C   . PHE A 1 72  ? -15.876 3.958   -7.597  1.00 11.73 ? 154 PHE A C   1 
ATOM   588  O  O   . PHE A 1 72  ? -16.868 3.243   -7.621  1.00 11.75 ? 154 PHE A O   1 
ATOM   589  C  CB  . PHE A 1 72  ? -15.187 3.838   -9.979  1.00 16.01 ? 154 PHE A CB  1 
ATOM   590  C  CG  . PHE A 1 72  ? -16.232 4.073   -11.028 1.00 21.22 ? 154 PHE A CG  1 
ATOM   591  C  CD1 . PHE A 1 72  ? -16.087 5.178   -11.898 1.00 23.78 ? 154 PHE A CD1 1 
ATOM   592  C  CD2 . PHE A 1 72  ? -17.355 3.214   -11.096 1.00 23.73 ? 154 PHE A CD2 1 
ATOM   593  C  CE1 . PHE A 1 72  ? -17.138 5.479   -12.799 1.00 24.72 ? 154 PHE A CE1 1 
ATOM   594  C  CE2 . PHE A 1 72  ? -18.399 3.523   -12.002 1.00 25.81 ? 154 PHE A CE2 1 
ATOM   595  C  CZ  . PHE A 1 72  ? -18.303 4.676   -12.820 1.00 25.04 ? 154 PHE A CZ  1 
ATOM   596  N  N   . TYR A 1 73  ? -15.046 4.095   -6.550  1.00 11.02 ? 155 TYR A N   1 
ATOM   597  C  CA  . TYR A 1 73  ? -15.242 3.304   -5.344  1.00 10.23 ? 155 TYR A CA  1 
ATOM   598  C  C   . TYR A 1 73  ? -15.282 4.144   -4.078  1.00 9.67  ? 155 TYR A C   1 
ATOM   599  O  O   . TYR A 1 73  ? -14.311 4.272   -3.335  1.00 9.81  ? 155 TYR A O   1 
ATOM   600  C  CB  . TYR A 1 73  ? -14.141 2.258   -5.201  1.00 9.97  ? 155 TYR A CB  1 
ATOM   601  C  CG  . TYR A 1 73  ? -14.055 1.363   -6.407  1.00 13.42 ? 155 TYR A CG  1 
ATOM   602  C  CD1 . TYR A 1 73  ? -13.284 1.768   -7.512  1.00 15.51 ? 155 TYR A CD1 1 
ATOM   603  C  CD2 . TYR A 1 73  ? -14.747 0.145   -6.378  1.00 15.08 ? 155 TYR A CD2 1 
ATOM   604  C  CE1 . TYR A 1 73  ? -13.190 0.922   -8.625  1.00 17.33 ? 155 TYR A CE1 1 
ATOM   605  C  CE2 . TYR A 1 73  ? -14.616 -0.730  -7.465  1.00 16.37 ? 155 TYR A CE2 1 
ATOM   606  C  CZ  . TYR A 1 73  ? -13.822 -0.336  -8.566  1.00 17.67 ? 155 TYR A CZ  1 
ATOM   607  O  OH  . TYR A 1 73  ? -13.654 -1.224  -9.616  1.00 19.75 ? 155 TYR A OH  1 
ATOM   608  N  N   . PRO A 1 74  ? -16.483 4.695   -3.802  1.00 9.91  ? 156 PRO A N   1 
ATOM   609  C  CA  . PRO A 1 74  ? -16.621 5.440   -2.552  1.00 9.69  ? 156 PRO A CA  1 
ATOM   610  C  C   . PRO A 1 74  ? -16.413 4.538   -1.354  1.00 9.27  ? 156 PRO A C   1 
ATOM   611  O  O   . PRO A 1 74  ? -16.791 3.378   -1.369  1.00 9.60  ? 156 PRO A O   1 
ATOM   612  C  CB  . PRO A 1 74  ? -18.032 6.022   -2.681  1.00 11.51 ? 156 PRO A CB  1 
ATOM   613  C  CG  . PRO A 1 74  ? -18.792 5.096   -3.613  1.00 12.04 ? 156 PRO A CG  1 
ATOM   614  C  CD  . PRO A 1 74  ? -17.713 4.634   -4.584  1.00 11.88 ? 156 PRO A CD  1 
ATOM   615  N  N   . PHE A 1 75  ? -15.769 5.112   -0.319  1.00 10.01 ? 157 PHE A N   1 
ATOM   616  C  CA  . PHE A 1 75  ? -15.634 4.369   0.923   1.00 9.79  ? 157 PHE A CA  1 
ATOM   617  C  C   . PHE A 1 75  ? -16.954 4.206   1.666   1.00 10.44 ? 157 PHE A C   1 
ATOM   618  O  O   . PHE A 1 75  ? -17.994 4.666   1.228   1.00 11.74 ? 157 PHE A O   1 
ATOM   619  C  CB  . PHE A 1 75  ? -14.555 5.030   1.776   1.00 7.53  ? 157 PHE A CB  1 
ATOM   620  C  CG  . PHE A 1 75  ? -13.153 4.715   1.288   1.00 5.53  ? 157 PHE A CG  1 
ATOM   621  C  CD1 . PHE A 1 75  ? -12.789 3.388   0.956   1.00 6.42  ? 157 PHE A CD1 1 
ATOM   622  C  CD2 . PHE A 1 75  ? -12.215 5.766   1.225   1.00 7.63  ? 157 PHE A CD2 1 
ATOM   623  C  CE1 . PHE A 1 75  ? -11.466 3.107   0.567   1.00 8.27  ? 157 PHE A CE1 1 
ATOM   624  C  CE2 . PHE A 1 75  ? -10.884 5.489   0.848   1.00 7.80  ? 157 PHE A CE2 1 
ATOM   625  C  CZ  . PHE A 1 75  ? -10.526 4.162   0.522   1.00 7.88  ? 157 PHE A CZ  1 
ATOM   626  N  N   . ASP A 1 76  ? -16.886 3.471   2.775   1.00 9.93  ? 158 ASP A N   1 
ATOM   627  C  CA  . ASP A 1 76  ? -18.138 2.867   3.225   1.00 11.01 ? 158 ASP A CA  1 
ATOM   628  C  C   . ASP A 1 76  ? -18.428 3.001   4.717   1.00 10.65 ? 158 ASP A C   1 
ATOM   629  O  O   . ASP A 1 76  ? -19.138 2.207   5.312   1.00 10.68 ? 158 ASP A O   1 
ATOM   630  C  CB  . ASP A 1 76  ? -18.238 1.399   2.723   1.00 9.25  ? 158 ASP A CB  1 
ATOM   631  C  CG  . ASP A 1 76  ? -17.092 0.534   3.198   1.00 10.79 ? 158 ASP A CG  1 
ATOM   632  O  OD1 . ASP A 1 76  ? -16.281 1.026   3.965   1.00 8.58  ? 158 ASP A OD1 1 
ATOM   633  O  OD2 . ASP A 1 76  ? -17.005 -0.630  2.810   1.00 11.17 ? 158 ASP A OD2 1 
ATOM   634  N  N   . GLY A 1 77  ? -17.848 4.063   5.288   1.00 10.81 ? 159 GLY A N   1 
ATOM   635  C  CA  . GLY A 1 77  ? -17.965 4.237   6.722   1.00 9.68  ? 159 GLY A CA  1 
ATOM   636  C  C   . GLY A 1 77  ? -17.054 3.290   7.455   1.00 10.41 ? 159 GLY A C   1 
ATOM   637  O  O   . GLY A 1 77  ? -16.236 2.604   6.866   1.00 7.43  ? 159 GLY A O   1 
ATOM   638  N  N   . PRO A 1 78  ? -17.216 3.276   8.796   1.00 11.95 ? 160 PRO A N   1 
ATOM   639  C  CA  . PRO A 1 78  ? -16.456 2.360   9.671   1.00 11.53 ? 160 PRO A CA  1 
ATOM   640  C  C   . PRO A 1 78  ? -16.573 0.880   9.319   1.00 11.15 ? 160 PRO A C   1 
ATOM   641  O  O   . PRO A 1 78  ? -17.648 0.372   9.057   1.00 11.48 ? 160 PRO A O   1 
ATOM   642  C  CB  . PRO A 1 78  ? -17.060 2.644   11.045  1.00 12.11 ? 160 PRO A CB  1 
ATOM   643  C  CG  . PRO A 1 78  ? -17.616 4.073   10.968  1.00 14.34 ? 160 PRO A CG  1 
ATOM   644  C  CD  . PRO A 1 78  ? -18.080 4.200   9.531   1.00 12.93 ? 160 PRO A CD  1 
ATOM   645  N  N   . GLY A 1 79  ? -15.417 0.206   9.328   1.00 11.04 ? 161 GLY A N   1 
ATOM   646  C  CA  . GLY A 1 79  ? -15.428 -1.215  8.970   1.00 11.79 ? 161 GLY A CA  1 
ATOM   647  C  C   . GLY A 1 79  ? -15.470 -1.495  7.480   1.00 10.41 ? 161 GLY A C   1 
ATOM   648  O  O   . GLY A 1 79  ? -15.400 -0.613  6.647   1.00 9.14  ? 161 GLY A O   1 
ATOM   649  N  N   . ASN A 1 80  ? -15.596 -2.789  7.179   1.00 11.73 ? 162 ASN A N   1 
ATOM   650  C  CA  . ASN A 1 80  ? -15.626 -3.212  5.771   1.00 13.59 ? 162 ASN A CA  1 
ATOM   651  C  C   . ASN A 1 80  ? -14.346 -2.828  4.987   1.00 12.24 ? 162 ASN A C   1 
ATOM   652  O  O   . ASN A 1 80  ? -13.256 -3.119  5.450   1.00 12.02 ? 162 ASN A O   1 
ATOM   653  C  CB  . ASN A 1 80  ? -16.987 -2.825  5.135   1.00 17.19 ? 162 ASN A CB  1 
ATOM   654  C  CG  . ASN A 1 80  ? -18.126 -3.572  5.830   1.00 20.79 ? 162 ASN A CG  1 
ATOM   655  O  OD1 . ASN A 1 80  ? -18.127 -4.789  5.944   1.00 25.02 ? 162 ASN A OD1 1 
ATOM   656  N  ND2 . ASN A 1 80  ? -19.075 -2.776  6.331   1.00 22.49 ? 162 ASN A ND2 1 
ATOM   657  N  N   . VAL A 1 81  ? -14.468 -2.152  3.826   1.00 10.61 ? 163 VAL A N   1 
ATOM   658  C  CA  . VAL A 1 81  ? -13.231 -1.751  3.119   1.00 9.46  ? 163 VAL A CA  1 
ATOM   659  C  C   . VAL A 1 81  ? -12.465 -0.721  3.920   1.00 7.97  ? 163 VAL A C   1 
ATOM   660  O  O   . VAL A 1 81  ? -12.992 0.293   4.320   1.00 8.60  ? 163 VAL A O   1 
ATOM   661  C  CB  . VAL A 1 81  ? -13.560 -1.186  1.722   1.00 9.29  ? 163 VAL A CB  1 
ATOM   662  C  CG1 . VAL A 1 81  ? -12.346 -0.571  0.994   1.00 8.55  ? 163 VAL A CG1 1 
ATOM   663  C  CG2 . VAL A 1 81  ? -14.235 -2.256  0.866   1.00 9.48  ? 163 VAL A CG2 1 
ATOM   664  N  N   . LEU A 1 82  ? -11.192 -1.012  4.123   1.00 7.25  ? 164 LEU A N   1 
ATOM   665  C  CA  . LEU A 1 82  ? -10.361 -0.115  4.935   1.00 6.75  ? 164 LEU A CA  1 
ATOM   666  C  C   . LEU A 1 82  ? -9.505  0.857   4.143   1.00 6.93  ? 164 LEU A C   1 
ATOM   667  O  O   . LEU A 1 82  ? -9.141  1.929   4.609   1.00 6.60  ? 164 LEU A O   1 
ATOM   668  C  CB  . LEU A 1 82  ? -9.444  -0.932  5.823   1.00 7.76  ? 164 LEU A CB  1 
ATOM   669  C  CG  . LEU A 1 82  ? -10.105 -2.100  6.554   1.00 7.03  ? 164 LEU A CG  1 
ATOM   670  C  CD1 . LEU A 1 82  ? -9.015  -3.029  7.061   1.00 8.22  ? 164 LEU A CD1 1 
ATOM   671  C  CD2 . LEU A 1 82  ? -11.089 -1.653  7.650   1.00 8.40  ? 164 LEU A CD2 1 
ATOM   672  N  N   . ALA A 1 83  ? -9.202  0.408   2.913   1.00 7.00  ? 165 ALA A N   1 
ATOM   673  C  CA  . ALA A 1 83  ? -8.396  1.187   1.979   1.00 7.41  ? 165 ALA A CA  1 
ATOM   674  C  C   . ALA A 1 83  ? -8.474  0.507   0.630   1.00 7.03  ? 165 ALA A C   1 
ATOM   675  O  O   . ALA A 1 83  ? -8.976  -0.604  0.547   1.00 7.16  ? 165 ALA A O   1 
ATOM   676  C  CB  . ALA A 1 83  ? -6.934  1.244   2.441   1.00 4.59  ? 165 ALA A CB  1 
ATOM   677  N  N   . HIS A 1 84  ? -7.965  1.206   -0.406  1.00 6.44  ? 166 HIS A N   1 
ATOM   678  C  CA  . HIS A 1 84  ? -7.748  0.570   -1.707  1.00 5.71  ? 166 HIS A CA  1 
ATOM   679  C  C   . HIS A 1 84  ? -6.679  1.280   -2.499  1.00 5.92  ? 166 HIS A C   1 
ATOM   680  O  O   . HIS A 1 84  ? -6.353  2.427   -2.244  1.00 6.35  ? 166 HIS A O   1 
ATOM   681  C  CB  . HIS A 1 84  ? -9.035  0.418   -2.530  1.00 5.66  ? 166 HIS A CB  1 
ATOM   682  C  CG  . HIS A 1 84  ? -9.781  1.711   -2.786  1.00 8.42  ? 166 HIS A CG  1 
ATOM   683  N  ND1 . HIS A 1 84  ? -11.116 1.815   -2.649  1.00 7.74  ? 166 HIS A ND1 1 
ATOM   684  C  CD2 . HIS A 1 84  ? -9.296  2.953   -3.167  1.00 8.48  ? 166 HIS A CD2 1 
ATOM   685  C  CE1 . HIS A 1 84  ? -11.494 3.081   -2.930  1.00 7.59  ? 166 HIS A CE1 1 
ATOM   686  N  NE2 . HIS A 1 84  ? -10.367 3.763   -3.246  1.00 9.62  ? 166 HIS A NE2 1 
ATOM   687  N  N   . ALA A 1 85  ? -6.144  0.554   -3.481  1.00 6.13  ? 167 ALA A N   1 
ATOM   688  C  CA  . ALA A 1 85  ? -5.115  1.163   -4.315  1.00 7.21  ? 167 ALA A CA  1 
ATOM   689  C  C   . ALA A 1 85  ? -5.200  0.612   -5.710  1.00 7.31  ? 167 ALA A C   1 
ATOM   690  O  O   . ALA A 1 85  ? -5.718  -0.480  -5.918  1.00 8.49  ? 167 ALA A O   1 
ATOM   691  C  CB  . ALA A 1 85  ? -3.712  0.906   -3.765  1.00 7.53  ? 167 ALA A CB  1 
ATOM   692  N  N   . TYR A 1 86  ? -4.715  1.443   -6.650  1.00 6.82  ? 168 TYR A N   1 
ATOM   693  C  CA  . TYR A 1 86  ? -4.916  1.111   -8.052  1.00 7.22  ? 168 TYR A CA  1 
ATOM   694  C  C   . TYR A 1 86  ? -3.640  0.586   -8.632  1.00 5.63  ? 168 TYR A C   1 
ATOM   695  O  O   . TYR A 1 86  ? -2.559  0.988   -8.238  1.00 6.41  ? 168 TYR A O   1 
ATOM   696  C  CB  . TYR A 1 86  ? -5.401  2.363   -8.820  1.00 7.73  ? 168 TYR A CB  1 
ATOM   697  C  CG  . TYR A 1 86  ? -6.780  2.797   -8.354  1.00 9.16  ? 168 TYR A CG  1 
ATOM   698  C  CD1 . TYR A 1 86  ? -6.892  3.648   -7.238  1.00 10.48 ? 168 TYR A CD1 1 
ATOM   699  C  CD2 . TYR A 1 86  ? -7.909  2.312   -9.042  1.00 11.32 ? 168 TYR A CD2 1 
ATOM   700  C  CE1 . TYR A 1 86  ? -8.176  3.955   -6.743  1.00 12.45 ? 168 TYR A CE1 1 
ATOM   701  C  CE2 . TYR A 1 86  ? -9.186  2.646   -8.570  1.00 12.58 ? 168 TYR A CE2 1 
ATOM   702  C  CZ  . TYR A 1 86  ? -9.303  3.442   -7.411  1.00 14.82 ? 168 TYR A CZ  1 
ATOM   703  O  OH  . TYR A 1 86  ? -10.568 3.718   -6.920  1.00 15.58 ? 168 TYR A OH  1 
ATOM   704  N  N   . ALA A 1 87  ? -3.814  -0.346  -9.594  1.00 6.59  ? 169 ALA A N   1 
ATOM   705  C  CA  . ALA A 1 87  ? -2.658  -0.919  -10.287 1.00 6.76  ? 169 ALA A CA  1 
ATOM   706  C  C   . ALA A 1 87  ? -1.841  0.138   -11.026 1.00 7.76  ? 169 ALA A C   1 
ATOM   707  O  O   . ALA A 1 87  ? -2.347  1.221   -11.308 1.00 8.27  ? 169 ALA A O   1 
ATOM   708  C  CB  . ALA A 1 87  ? -3.181  -1.984  -11.255 1.00 7.75  ? 169 ALA A CB  1 
ATOM   709  N  N   . PRO A 1 88  ? -0.545  -0.180  -11.324 1.00 8.83  ? 170 PRO A N   1 
ATOM   710  C  CA  . PRO A 1 88  ? 0.310   0.756   -12.071 1.00 8.48  ? 170 PRO A CA  1 
ATOM   711  C  C   . PRO A 1 88  ? -0.274  1.313   -13.334 1.00 8.15  ? 170 PRO A C   1 
ATOM   712  O  O   . PRO A 1 88  ? -0.900  0.600   -14.100 1.00 9.96  ? 170 PRO A O   1 
ATOM   713  C  CB  . PRO A 1 88  ? 1.545   -0.079  -12.366 1.00 7.38  ? 170 PRO A CB  1 
ATOM   714  C  CG  . PRO A 1 88  ? 1.634   -1.063  -11.208 1.00 6.58  ? 170 PRO A CG  1 
ATOM   715  C  CD  . PRO A 1 88  ? 0.181   -1.387  -10.941 1.00 7.83  ? 170 PRO A CD  1 
ATOM   716  N  N   . GLY A 1 89  ? -0.026  2.632   -13.486 1.00 7.85  ? 171 GLY A N   1 
ATOM   717  C  CA  . GLY A 1 89  ? -0.433  3.392   -14.672 1.00 6.68  ? 171 GLY A CA  1 
ATOM   718  C  C   . GLY A 1 89  ? -0.513  4.873   -14.323 1.00 7.91  ? 171 GLY A C   1 
ATOM   719  O  O   . GLY A 1 89  ? -0.099  5.261   -13.238 1.00 8.46  ? 171 GLY A O   1 
ATOM   720  N  N   . PRO A 1 90  ? -1.060  5.684   -15.267 1.00 7.45  ? 172 PRO A N   1 
ATOM   721  C  CA  . PRO A 1 90  ? -1.078  7.138   -15.089 1.00 8.00  ? 172 PRO A CA  1 
ATOM   722  C  C   . PRO A 1 90  ? -2.287  7.581   -14.291 1.00 7.82  ? 172 PRO A C   1 
ATOM   723  O  O   . PRO A 1 90  ? -3.221  6.828   -14.091 1.00 7.16  ? 172 PRO A O   1 
ATOM   724  C  CB  . PRO A 1 90  ? -1.137  7.618   -16.535 1.00 7.60  ? 172 PRO A CB  1 
ATOM   725  C  CG  . PRO A 1 90  ? -2.061  6.597   -17.208 1.00 8.15  ? 172 PRO A CG  1 
ATOM   726  C  CD  . PRO A 1 90  ? -1.654  5.273   -16.545 1.00 7.71  ? 172 PRO A CD  1 
ATOM   727  N  N   . GLY A 1 91  ? -2.222  8.843   -13.838 1.00 8.38  ? 173 GLY A N   1 
ATOM   728  C  CA  . GLY A 1 91  ? -3.362  9.434   -13.131 1.00 7.63  ? 173 GLY A CA  1 
ATOM   729  C  C   . GLY A 1 91  ? -3.707  8.708   -11.843 1.00 8.02  ? 173 GLY A C   1 
ATOM   730  O  O   . GLY A 1 91  ? -2.856  8.549   -10.986 1.00 8.03  ? 173 GLY A O   1 
ATOM   731  N  N   . ILE A 1 92  ? -4.971  8.245   -11.739 1.00 8.07  ? 174 ILE A N   1 
ATOM   732  C  CA  . ILE A 1 92  ? -5.353  7.545   -10.498 1.00 9.53  ? 174 ILE A CA  1 
ATOM   733  C  C   . ILE A 1 92  ? -4.665  6.204   -10.264 1.00 8.54  ? 174 ILE A C   1 
ATOM   734  O  O   . ILE A 1 92  ? -4.535  5.724   -9.147  1.00 8.40  ? 174 ILE A O   1 
ATOM   735  C  CB  . ILE A 1 92  ? -6.884  7.397   -10.385 1.00 12.15 ? 174 ILE A CB  1 
ATOM   736  C  CG1 . ILE A 1 92  ? -7.302  7.027   -8.952  1.00 13.33 ? 174 ILE A CG1 1 
ATOM   737  C  CG2 . ILE A 1 92  ? -7.408  6.368   -11.406 1.00 12.76 ? 174 ILE A CG2 1 
ATOM   738  C  CD1 . ILE A 1 92  ? -8.812  6.955   -8.806  1.00 15.28 ? 174 ILE A CD1 1 
ATOM   739  N  N   . ASN A 1 93  ? -4.212  5.616   -11.388 1.00 7.91  ? 175 ASN A N   1 
ATOM   740  C  CA  . ASN A 1 93  ? -3.497  4.367   -11.262 1.00 7.56  ? 175 ASN A CA  1 
ATOM   741  C  C   . ASN A 1 93  ? -2.244  4.537   -10.442 1.00 6.83  ? 175 ASN A C   1 
ATOM   742  O  O   . ASN A 1 93  ? -1.621  5.576   -10.493 1.00 6.49  ? 175 ASN A O   1 
ATOM   743  C  CB  . ASN A 1 93  ? -3.171  3.903   -12.643 1.00 8.57  ? 175 ASN A CB  1 
ATOM   744  C  CG  . ASN A 1 93  ? -4.412  3.292   -13.232 1.00 12.24 ? 175 ASN A CG  1 
ATOM   745  O  OD1 . ASN A 1 93  ? -4.833  2.199   -12.861 1.00 15.86 ? 175 ASN A OD1 1 
ATOM   746  N  ND2 . ASN A 1 93  ? -4.947  4.062   -14.185 1.00 11.25 ? 175 ASN A ND2 1 
ATOM   747  N  N   . GLY A 1 94  ? -1.948  3.518   -9.631  1.00 6.97  ? 176 GLY A N   1 
ATOM   748  C  CA  . GLY A 1 94  ? -0.844  3.672   -8.680  1.00 6.33  ? 176 GLY A CA  1 
ATOM   749  C  C   . GLY A 1 94  ? -1.198  4.300   -7.333  1.00 5.67  ? 176 GLY A C   1 
ATOM   750  O  O   . GLY A 1 94  ? -0.466  4.110   -6.369  1.00 6.48  ? 176 GLY A O   1 
ATOM   751  N  N   . ASP A 1 95  ? -2.322  5.063   -7.306  1.00 4.75  ? 177 ASP A N   1 
ATOM   752  C  CA  . ASP A 1 95  ? -2.679  5.761   -6.060  1.00 6.15  ? 177 ASP A CA  1 
ATOM   753  C  C   . ASP A 1 95  ? -3.273  4.857   -4.978  1.00 7.04  ? 177 ASP A C   1 
ATOM   754  O  O   . ASP A 1 95  ? -3.868  3.826   -5.248  1.00 9.13  ? 177 ASP A O   1 
ATOM   755  C  CB  . ASP A 1 95  ? -3.622  6.947   -6.296  1.00 6.37  ? 177 ASP A CB  1 
ATOM   756  C  CG  . ASP A 1 95  ? -3.047  7.972   -7.250  1.00 8.18  ? 177 ASP A CG  1 
ATOM   757  O  OD1 . ASP A 1 95  ? -1.876  7.915   -7.583  1.00 6.69  ? 177 ASP A OD1 1 
ATOM   758  O  OD2 . ASP A 1 95  ? -3.771  8.848   -7.661  1.00 7.66  ? 177 ASP A OD2 1 
ATOM   759  N  N   . ALA A 1 96  ? -3.085  5.306   -3.731  1.00 5.97  ? 178 ALA A N   1 
ATOM   760  C  CA  . ALA A 1 96  ? -3.582  4.551   -2.595  1.00 5.37  ? 178 ALA A CA  1 
ATOM   761  C  C   . ALA A 1 96  ? -4.395  5.499   -1.732  1.00 5.77  ? 178 ALA A C   1 
ATOM   762  O  O   . ALA A 1 96  ? -3.967  6.605   -1.440  1.00 6.79  ? 178 ALA A O   1 
ATOM   763  C  CB  . ALA A 1 96  ? -2.394  4.033   -1.786  1.00 5.14  ? 178 ALA A CB  1 
ATOM   764  N  N   . HIS A 1 97  ? -5.609  5.027   -1.387  1.00 6.97  ? 179 HIS A N   1 
ATOM   765  C  CA  . HIS A 1 97  ? -6.550  5.795   -0.578  1.00 7.93  ? 179 HIS A CA  1 
ATOM   766  C  C   . HIS A 1 97  ? -6.880  5.009   0.671   1.00 8.40  ? 179 HIS A C   1 
ATOM   767  O  O   . HIS A 1 97  ? -7.054  3.806   0.609   1.00 7.54  ? 179 HIS A O   1 
ATOM   768  C  CB  . HIS A 1 97  ? -7.868  6.078   -1.326  1.00 10.81 ? 179 HIS A CB  1 
ATOM   769  C  CG  . HIS A 1 97  ? -7.619  6.788   -2.643  1.00 14.75 ? 179 HIS A CG  1 
ATOM   770  N  ND1 . HIS A 1 97  ? -8.453  6.757   -3.692  1.00 14.56 ? 179 HIS A ND1 1 
ATOM   771  C  CD2 . HIS A 1 97  ? -6.523  7.570   -3.016  1.00 16.62 ? 179 HIS A CD2 1 
ATOM   772  C  CE1 . HIS A 1 97  ? -7.925  7.484   -4.712  1.00 14.45 ? 179 HIS A CE1 1 
ATOM   773  N  NE2 . HIS A 1 97  ? -6.732  7.980   -4.282  1.00 14.02 ? 179 HIS A NE2 1 
ATOM   774  N  N   . PHE A 1 98  ? -6.967  5.752   1.796   1.00 6.98  ? 180 PHE A N   1 
ATOM   775  C  CA  . PHE A 1 98  ? -7.235  5.142   3.093   1.00 5.87  ? 180 PHE A CA  1 
ATOM   776  C  C   . PHE A 1 98  ? -8.536  5.715   3.635   1.00 7.06  ? 180 PHE A C   1 
ATOM   777  O  O   . PHE A 1 98  ? -8.742  6.912   3.645   1.00 7.06  ? 180 PHE A O   1 
ATOM   778  C  CB  . PHE A 1 98  ? -6.070  5.426   4.066   1.00 7.93  ? 180 PHE A CB  1 
ATOM   779  C  CG  . PHE A 1 98  ? -4.796  4.734   3.615   1.00 7.88  ? 180 PHE A CG  1 
ATOM   780  C  CD1 . PHE A 1 98  ? -3.978  5.341   2.638   1.00 7.38  ? 180 PHE A CD1 1 
ATOM   781  C  CD2 . PHE A 1 98  ? -4.453  3.482   4.170   1.00 8.35  ? 180 PHE A CD2 1 
ATOM   782  C  CE1 . PHE A 1 98  ? -2.833  4.667   2.168   1.00 10.30 ? 180 PHE A CE1 1 
ATOM   783  C  CE2 . PHE A 1 98  ? -3.305  2.799   3.708   1.00 9.17  ? 180 PHE A CE2 1 
ATOM   784  C  CZ  . PHE A 1 98  ? -2.519  3.392   2.691   1.00 10.94 ? 180 PHE A CZ  1 
ATOM   785  N  N   . ASP A 1 99  ? -9.417  4.807   4.078   1.00 5.07  ? 181 ASP A N   1 
ATOM   786  C  CA  . ASP A 1 99  ? -10.694 5.232   4.645   1.00 5.52  ? 181 ASP A CA  1 
ATOM   787  C  C   . ASP A 1 99  ? -10.495 5.855   6.011   1.00 4.73  ? 181 ASP A C   1 
ATOM   788  O  O   . ASP A 1 99  ? -10.175 5.166   6.956   1.00 4.00  ? 181 ASP A O   1 
ATOM   789  C  CB  . ASP A 1 99  ? -11.631 4.018   4.728   1.00 5.33  ? 181 ASP A CB  1 
ATOM   790  C  CG  . ASP A 1 99  ? -13.075 4.424   4.919   1.00 6.99  ? 181 ASP A CG  1 
ATOM   791  O  OD1 . ASP A 1 99  ? -13.350 5.559   5.286   1.00 9.19  ? 181 ASP A OD1 1 
ATOM   792  O  OD2 . ASP A 1 99  ? -13.943 3.609   4.680   1.00 7.20  ? 181 ASP A OD2 1 
ATOM   793  N  N   . ASP A 1 100 ? -10.713 7.196   6.051   1.00 5.75  ? 182 ASP A N   1 
ATOM   794  C  CA  . ASP A 1 100 ? -10.621 7.884   7.326   1.00 6.22  ? 182 ASP A CA  1 
ATOM   795  C  C   . ASP A 1 100 ? -11.825 7.760   8.258   1.00 5.69  ? 182 ASP A C   1 
ATOM   796  O  O   . ASP A 1 100 ? -11.887 8.368   9.311   1.00 6.69  ? 182 ASP A O   1 
ATOM   797  C  CB  . ASP A 1 100 ? -10.206 9.325   7.111   1.00 6.50  ? 182 ASP A CB  1 
ATOM   798  C  CG  . ASP A 1 100 ? -8.950  9.654   7.907   1.00 9.89  ? 182 ASP A CG  1 
ATOM   799  O  OD1 . ASP A 1 100 ? -8.609  8.932   8.851   1.00 7.15  ? 182 ASP A OD1 1 
ATOM   800  O  OD2 . ASP A 1 100 ? -8.320  10.655  7.583   1.00 9.24  ? 182 ASP A OD2 1 
ATOM   801  N  N   . ASP A 1 101 ? -12.768 6.892   7.846   1.00 5.58  ? 183 ASP A N   1 
ATOM   802  C  CA  . ASP A 1 101 ? -13.740 6.436   8.819   1.00 6.29  ? 183 ASP A CA  1 
ATOM   803  C  C   . ASP A 1 101 ? -13.265 5.236   9.625   1.00 6.97  ? 183 ASP A C   1 
ATOM   804  O  O   . ASP A 1 101 ? -13.920 4.824   10.577  1.00 8.87  ? 183 ASP A O   1 
ATOM   805  C  CB  . ASP A 1 101 ? -15.117 6.191   8.186   1.00 6.86  ? 183 ASP A CB  1 
ATOM   806  C  CG  . ASP A 1 101 ? -15.843 7.502   7.869   1.00 7.53  ? 183 ASP A CG  1 
ATOM   807  O  OD1 . ASP A 1 101 ? -15.676 8.493   8.588   1.00 8.04  ? 183 ASP A OD1 1 
ATOM   808  O  OD2 . ASP A 1 101 ? -16.600 7.532   6.904   1.00 7.52  ? 183 ASP A OD2 1 
ATOM   809  N  N   . GLU A 1 102 ? -12.075 4.706   9.258   1.00 7.57  ? 184 GLU A N   1 
ATOM   810  C  CA  . GLU A 1 102 ? -11.412 3.797   10.206  1.00 7.63  ? 184 GLU A CA  1 
ATOM   811  C  C   . GLU A 1 102 ? -10.652 4.599   11.209  1.00 9.11  ? 184 GLU A C   1 
ATOM   812  O  O   . GLU A 1 102 ? -10.303 5.720   10.930  1.00 8.49  ? 184 GLU A O   1 
ATOM   813  C  CB  . GLU A 1 102 ? -10.383 2.856   9.559   1.00 6.73  ? 184 GLU A CB  1 
ATOM   814  C  CG  . GLU A 1 102 ? -10.764 2.123   8.275   1.00 9.11  ? 184 GLU A CG  1 
ATOM   815  C  CD  . GLU A 1 102 ? -12.177 1.579   8.344   1.00 8.43  ? 184 GLU A CD  1 
ATOM   816  O  OE1 . GLU A 1 102 ? -12.622 1.095   9.382   1.00 8.94  ? 184 GLU A OE1 1 
ATOM   817  O  OE2 . GLU A 1 102 ? -12.827 1.659   7.325   1.00 8.91  ? 184 GLU A OE2 1 
ATOM   818  N  N   . GLN A 1 103 ? -10.365 3.994   12.355  1.00 10.11 ? 185 GLN A N   1 
ATOM   819  C  CA  . GLN A 1 103 ? -9.416  4.616   13.272  1.00 10.36 ? 185 GLN A CA  1 
ATOM   820  C  C   . GLN A 1 103 ? -8.036  3.983   13.114  1.00 9.47  ? 185 GLN A C   1 
ATOM   821  O  O   . GLN A 1 103 ? -7.792  2.847   13.500  1.00 8.60  ? 185 GLN A O   1 
ATOM   822  C  CB  . GLN A 1 103 ? -9.978  4.406   14.678  1.00 13.50 ? 185 GLN A CB  1 
ATOM   823  C  CG  . GLN A 1 103 ? -9.102  4.873   15.849  1.00 20.28 ? 185 GLN A CG  1 
ATOM   824  C  CD  . GLN A 1 103 ? -9.083  6.376   16.057  1.00 23.76 ? 185 GLN A CD  1 
ATOM   825  O  OE1 . GLN A 1 103 ? -8.192  6.890   16.719  1.00 27.73 ? 185 GLN A OE1 1 
ATOM   826  N  NE2 . GLN A 1 103 ? -10.102 7.062   15.505  1.00 26.86 ? 185 GLN A NE2 1 
ATOM   827  N  N   . TRP A 1 104 ? -7.157  4.784   12.493  1.00 8.97  ? 186 TRP A N   1 
ATOM   828  C  CA  . TRP A 1 104 ? -5.823  4.317   12.151  1.00 7.51  ? 186 TRP A CA  1 
ATOM   829  C  C   . TRP A 1 104 ? -4.907  4.293   13.339  1.00 8.70  ? 186 TRP A C   1 
ATOM   830  O  O   . TRP A 1 104 ? -4.864  5.231   14.122  1.00 9.05  ? 186 TRP A O   1 
ATOM   831  C  CB  . TRP A 1 104 ? -5.252  5.228   11.071  1.00 6.81  ? 186 TRP A CB  1 
ATOM   832  C  CG  . TRP A 1 104 ? -6.072  5.035   9.824   1.00 5.84  ? 186 TRP A CG  1 
ATOM   833  C  CD1 . TRP A 1 104 ? -7.044  5.896   9.312   1.00 6.58  ? 186 TRP A CD1 1 
ATOM   834  C  CD2 . TRP A 1 104 ? -6.047  3.898   8.943   1.00 6.46  ? 186 TRP A CD2 1 
ATOM   835  N  NE1 . TRP A 1 104 ? -7.613  5.365   8.208   1.00 7.50  ? 186 TRP A NE1 1 
ATOM   836  C  CE2 . TRP A 1 104 ? -7.036  4.126   7.944   1.00 7.08  ? 186 TRP A CE2 1 
ATOM   837  C  CE3 . TRP A 1 104 ? -5.288  2.708   8.933   1.00 7.44  ? 186 TRP A CE3 1 
ATOM   838  C  CZ2 . TRP A 1 104 ? -7.259  3.148   6.953   1.00 8.81  ? 186 TRP A CZ2 1 
ATOM   839  C  CZ3 . TRP A 1 104 ? -5.521  1.740   7.933   1.00 7.23  ? 186 TRP A CZ3 1 
ATOM   840  C  CH2 . TRP A 1 104 ? -6.510  1.950   6.950   1.00 6.91  ? 186 TRP A CH2 1 
ATOM   841  N  N   . THR A 1 105 ? -4.174  3.170   13.428  1.00 9.29  ? 187 THR A N   1 
ATOM   842  C  CA  . THR A 1 105 ? -3.290  2.975   14.577  1.00 10.18 ? 187 THR A CA  1 
ATOM   843  C  C   . THR A 1 105 ? -1.886  2.593   14.169  1.00 11.06 ? 187 THR A C   1 
ATOM   844  O  O   . THR A 1 105 ? -1.660  2.112   13.076  1.00 9.64  ? 187 THR A O   1 
ATOM   845  C  CB  . THR A 1 105 ? -3.853  1.911   15.533  1.00 10.61 ? 187 THR A CB  1 
ATOM   846  O  OG1 . THR A 1 105 ? -3.729  0.596   14.972  1.00 10.75 ? 187 THR A OG1 1 
ATOM   847  C  CG2 . THR A 1 105 ? -5.313  2.195   15.900  1.00 14.20 ? 187 THR A CG2 1 
ATOM   848  N  N   . LYS A 1 106 ? -0.966  2.773   15.133  1.00 13.64 ? 188 LYS A N   1 
ATOM   849  C  CA  . LYS A 1 106 ? 0.319   2.076   15.059  1.00 17.03 ? 188 LYS A CA  1 
ATOM   850  C  C   . LYS A 1 106 ? 0.463   0.946   16.075  1.00 19.21 ? 188 LYS A C   1 
ATOM   851  O  O   . LYS A 1 106 ? 1.564   0.559   16.438  1.00 21.14 ? 188 LYS A O   1 
ATOM   852  C  CB  . LYS A 1 106 ? 1.472   3.067   15.201  1.00 17.91 ? 188 LYS A CB  1 
ATOM   853  C  CG  . LYS A 1 106 ? 1.307   3.963   16.427  1.00 20.46 ? 188 LYS A CG  1 
ATOM   854  C  CD  . LYS A 1 106 ? 2.438   4.980   16.625  1.00 25.98 ? 188 LYS A CD  1 
ATOM   855  C  CE  . LYS A 1 106 ? 3.777   4.372   17.075  1.00 29.52 ? 188 LYS A CE  1 
ATOM   856  N  NZ  . LYS A 1 106 ? 4.744   5.475   17.227  1.00 33.18 ? 188 LYS A NZ  1 
ATOM   857  N  N   . ASP A 1 107 ? -0.694  0.456   16.544  1.00 19.69 ? 189 ASP A N   1 
ATOM   858  C  CA  . ASP A 1 107 ? -0.630  -0.540  17.596  1.00 21.57 ? 189 ASP A CA  1 
ATOM   859  C  C   . ASP A 1 107 ? -1.201  -1.870  17.166  1.00 22.71 ? 189 ASP A C   1 
ATOM   860  O  O   . ASP A 1 107 ? -1.597  -2.080  16.027  1.00 21.14 ? 189 ASP A O   1 
ATOM   861  C  CB  . ASP A 1 107 ? -1.213  -0.011  18.937  1.00 24.35 ? 189 ASP A CB  1 
ATOM   862  C  CG  . ASP A 1 107 ? -2.675  0.424   18.899  1.00 25.97 ? 189 ASP A CG  1 
ATOM   863  O  OD1 . ASP A 1 107 ? -3.513  -0.270  18.324  1.00 27.16 ? 189 ASP A OD1 1 
ATOM   864  O  OD2 . ASP A 1 107 ? -2.968  1.471   19.474  1.00 28.28 ? 189 ASP A OD2 1 
ATOM   865  N  N   . THR A 1 108 ? -1.197  -2.763  18.159  1.00 23.76 ? 190 THR A N   1 
ATOM   866  C  CA  . THR A 1 108 ? -1.624  -4.120  17.896  1.00 26.98 ? 190 THR A CA  1 
ATOM   867  C  C   . THR A 1 108 ? -3.141  -4.285  17.912  1.00 28.69 ? 190 THR A C   1 
ATOM   868  O  O   . THR A 1 108 ? -3.687  -5.335  17.600  1.00 30.37 ? 190 THR A O   1 
ATOM   869  C  CB  . THR A 1 108 ? -0.919  -5.010  18.929  1.00 27.59 ? 190 THR A CB  1 
ATOM   870  O  OG1 . THR A 1 108 ? -0.987  -6.378  18.549  1.00 29.15 ? 190 THR A OG1 1 
ATOM   871  C  CG2 . THR A 1 108 ? -1.423  -4.790  20.367  1.00 26.39 ? 190 THR A CG2 1 
ATOM   872  N  N   . THR A 1 109 ? -3.817  -3.206  18.319  1.00 28.78 ? 191 THR A N   1 
ATOM   873  C  CA  . THR A 1 109 ? -5.210  -3.474  18.641  1.00 29.69 ? 191 THR A CA  1 
ATOM   874  C  C   . THR A 1 109 ? -6.187  -3.005  17.579  1.00 29.53 ? 191 THR A C   1 
ATOM   875  O  O   . THR A 1 109 ? -7.081  -3.760  17.205  1.00 31.28 ? 191 THR A O   1 
ATOM   876  C  CB  . THR A 1 109 ? -5.550  -3.025  20.088  1.00 29.73 ? 191 THR A CB  1 
ATOM   877  O  OG1 . THR A 1 109 ? -4.594  -3.583  21.010  1.00 28.41 ? 191 THR A OG1 1 
ATOM   878  C  CG2 . THR A 1 109 ? -6.952  -3.472  20.522  1.00 29.22 ? 191 THR A CG2 1 
ATOM   879  N  N   . GLY A 1 110 ? -5.965  -1.761  17.084  1.00 28.04 ? 192 GLY A N   1 
ATOM   880  C  CA  . GLY A 1 110 ? -6.855  -1.246  16.029  1.00 25.05 ? 192 GLY A CA  1 
ATOM   881  C  C   . GLY A 1 110 ? -6.503  -1.603  14.582  1.00 23.13 ? 192 GLY A C   1 
ATOM   882  O  O   . GLY A 1 110 ? -5.818  -2.588  14.312  1.00 24.35 ? 192 GLY A O   1 
ATOM   883  N  N   . THR A 1 111 ? -7.012  -0.745  13.654  1.00 19.84 ? 193 THR A N   1 
ATOM   884  C  CA  . THR A 1 111 ? -6.637  -0.881  12.237  1.00 15.35 ? 193 THR A CA  1 
ATOM   885  C  C   . THR A 1 111 ? -5.271  -0.277  11.953  1.00 12.39 ? 193 THR A C   1 
ATOM   886  O  O   . THR A 1 111 ? -5.056  0.932   11.933  1.00 11.65 ? 193 THR A O   1 
ATOM   887  C  CB  . THR A 1 111 ? -7.693  -0.284  11.293  1.00 15.61 ? 193 THR A CB  1 
ATOM   888  O  OG1 . THR A 1 111 ? -9.004  -0.658  11.702  1.00 15.59 ? 193 THR A OG1 1 
ATOM   889  C  CG2 . THR A 1 111 ? -7.461  -0.708  9.842   1.00 16.13 ? 193 THR A CG2 1 
ATOM   890  N  N   . ASN A 1 112 ? -4.349  -1.226  11.766  1.00 9.74  ? 194 ASN A N   1 
ATOM   891  C  CA  . ASN A 1 112 ? -2.952  -0.847  11.653  1.00 7.76  ? 194 ASN A CA  1 
ATOM   892  C  C   . ASN A 1 112 ? -2.595  -0.232  10.298  1.00 7.20  ? 194 ASN A C   1 
ATOM   893  O  O   . ASN A 1 112 ? -2.685  -0.845  9.243   1.00 5.44  ? 194 ASN A O   1 
ATOM   894  C  CB  . ASN A 1 112 ? -2.121  -2.085  12.002  1.00 6.97  ? 194 ASN A CB  1 
ATOM   895  C  CG  . ASN A 1 112 ? -0.690  -1.670  12.120  1.00 8.10  ? 194 ASN A CG  1 
ATOM   896  O  OD1 . ASN A 1 112 ? 0.006   -1.604  11.124  1.00 7.10  ? 194 ASN A OD1 1 
ATOM   897  N  ND2 . ASN A 1 112 ? -0.296  -1.357  13.370  1.00 8.30  ? 194 ASN A ND2 1 
ATOM   898  N  N   . LEU A 1 113 ? -2.162  1.036   10.392  1.00 7.49  ? 195 LEU A N   1 
ATOM   899  C  CA  . LEU A 1 113 ? -1.833  1.749   9.161   1.00 7.29  ? 195 LEU A CA  1 
ATOM   900  C  C   . LEU A 1 113 ? -0.668  1.142   8.388   1.00 8.61  ? 195 LEU A C   1 
ATOM   901  O  O   . LEU A 1 113 ? -0.739  1.033   7.177   1.00 8.83  ? 195 LEU A O   1 
ATOM   902  C  CB  . LEU A 1 113 ? -1.623  3.231   9.473   1.00 7.41  ? 195 LEU A CB  1 
ATOM   903  C  CG  . LEU A 1 113 ? -1.291  4.107   8.248   1.00 7.77  ? 195 LEU A CG  1 
ATOM   904  C  CD1 . LEU A 1 113 ? -2.411  4.137   7.207   1.00 6.45  ? 195 LEU A CD1 1 
ATOM   905  C  CD2 . LEU A 1 113 ? -0.779  5.496   8.661   1.00 6.88  ? 195 LEU A CD2 1 
ATOM   906  N  N   . PHE A 1 114 ? 0.407   0.719   9.112   1.00 8.45  ? 196 PHE A N   1 
ATOM   907  C  CA  . PHE A 1 114 ? 1.549   0.142   8.382   1.00 8.84  ? 196 PHE A CA  1 
ATOM   908  C  C   . PHE A 1 114 ? 1.159   -1.096  7.600   1.00 8.07  ? 196 PHE A C   1 
ATOM   909  O  O   . PHE A 1 114 ? 1.519   -1.212  6.444   1.00 8.54  ? 196 PHE A O   1 
ATOM   910  C  CB  . PHE A 1 114 ? 2.739   -0.130  9.328   1.00 8.95  ? 196 PHE A CB  1 
ATOM   911  C  CG  . PHE A 1 114 ? 3.715   -1.121  8.698   1.00 10.37 ? 196 PHE A CG  1 
ATOM   912  C  CD1 . PHE A 1 114 ? 4.503   -0.747  7.582   1.00 9.75  ? 196 PHE A CD1 1 
ATOM   913  C  CD2 . PHE A 1 114 ? 3.780   -2.436  9.212   1.00 11.63 ? 196 PHE A CD2 1 
ATOM   914  C  CE1 . PHE A 1 114 ? 5.326   -1.710  6.957   1.00 9.66  ? 196 PHE A CE1 1 
ATOM   915  C  CE2 . PHE A 1 114 ? 4.605   -3.405  8.587   1.00 10.97 ? 196 PHE A CE2 1 
ATOM   916  C  CZ  . PHE A 1 114 ? 5.364   -3.037  7.455   1.00 10.47 ? 196 PHE A CZ  1 
ATOM   917  N  N   . LEU A 1 115 ? 0.425   -2.014  8.268   1.00 6.93  ? 197 LEU A N   1 
ATOM   918  C  CA  . LEU A 1 115 ? 0.051   -3.256  7.582   1.00 7.29  ? 197 LEU A CA  1 
ATOM   919  C  C   . LEU A 1 115 ? -0.867  -3.046  6.397   1.00 6.59  ? 197 LEU A C   1 
ATOM   920  O  O   . LEU A 1 115 ? -0.689  -3.667  5.362   1.00 7.55  ? 197 LEU A O   1 
ATOM   921  C  CB  . LEU A 1 115 ? -0.611  -4.276  8.513   1.00 8.89  ? 197 LEU A CB  1 
ATOM   922  C  CG  . LEU A 1 115 ? 0.288   -4.756  9.662   1.00 9.07  ? 197 LEU A CG  1 
ATOM   923  C  CD1 . LEU A 1 115 ? -0.529  -5.523  10.707  1.00 10.47 ? 197 LEU A CD1 1 
ATOM   924  C  CD2 . LEU A 1 115 ? 1.505   -5.521  9.133   1.00 8.96  ? 197 LEU A CD2 1 
ATOM   925  N  N   . VAL A 1 116 ? -1.833  -2.127  6.593   1.00 4.92  ? 198 VAL A N   1 
ATOM   926  C  CA  . VAL A 1 116 ? -2.709  -1.831  5.457   1.00 6.43  ? 198 VAL A CA  1 
ATOM   927  C  C   . VAL A 1 116 ? -1.957  -1.166  4.328   1.00 5.96  ? 198 VAL A C   1 
ATOM   928  O  O   . VAL A 1 116 ? -2.120  -1.558  3.182   1.00 6.88  ? 198 VAL A O   1 
ATOM   929  C  CB  . VAL A 1 116 ? -3.951  -1.020  5.869   1.00 6.36  ? 198 VAL A CB  1 
ATOM   930  C  CG1 . VAL A 1 116 ? -4.847  -0.638  4.694   1.00 4.81  ? 198 VAL A CG1 1 
ATOM   931  C  CG2 . VAL A 1 116 ? -4.762  -1.813  6.900   1.00 5.92  ? 198 VAL A CG2 1 
ATOM   932  N  N   . ALA A 1 117 ? -1.116  -0.178  4.716   1.00 4.87  ? 199 ALA A N   1 
ATOM   933  C  CA  . ALA A 1 117 ? -0.335  0.531   3.713   1.00 6.06  ? 199 ALA A CA  1 
ATOM   934  C  C   . ALA A 1 117 ? 0.635   -0.340  2.920   1.00 6.98  ? 199 ALA A C   1 
ATOM   935  O  O   . ALA A 1 117 ? 0.773   -0.190  1.715   1.00 6.68  ? 199 ALA A O   1 
ATOM   936  C  CB  . ALA A 1 117 ? 0.363   1.765   4.297   1.00 6.59  ? 199 ALA A CB  1 
ATOM   937  N  N   . ALA A 1 118 ? 1.257   -1.313  3.626   1.00 6.14  ? 200 ALA A N   1 
ATOM   938  C  CA  . ALA A 1 118 ? 2.158   -2.214  2.899   1.00 5.64  ? 200 ALA A CA  1 
ATOM   939  C  C   . ALA A 1 118 ? 1.451   -3.068  1.847   1.00 6.83  ? 200 ALA A C   1 
ATOM   940  O  O   . ALA A 1 118 ? 1.886   -3.176  0.709   1.00 7.80  ? 200 ALA A O   1 
ATOM   941  C  CB  . ALA A 1 118 ? 2.937   -3.098  3.881   1.00 5.93  ? 200 ALA A CB  1 
ATOM   942  N  N   . HIS A 1 119 ? 0.281   -3.593  2.267   1.00 5.20  ? 201 HIS A N   1 
ATOM   943  C  CA  . HIS A 1 119 ? -0.645  -4.264  1.345   1.00 6.90  ? 201 HIS A CA  1 
ATOM   944  C  C   . HIS A 1 119 ? -1.085  -3.436  0.126   1.00 7.74  ? 201 HIS A C   1 
ATOM   945  O  O   . HIS A 1 119 ? -1.078  -3.899  -1.003  1.00 7.17  ? 201 HIS A O   1 
ATOM   946  C  CB  . HIS A 1 119 ? -1.829  -4.654  2.201   1.00 7.77  ? 201 HIS A CB  1 
ATOM   947  C  CG  . HIS A 1 119 ? -2.841  -5.462  1.439   1.00 7.79  ? 201 HIS A CG  1 
ATOM   948  N  ND1 . HIS A 1 119 ? -2.862  -6.802  1.463   1.00 7.49  ? 201 HIS A ND1 1 
ATOM   949  C  CD2 . HIS A 1 119 ? -3.931  -5.001  0.701   1.00 8.65  ? 201 HIS A CD2 1 
ATOM   950  C  CE1 . HIS A 1 119 ? -3.948  -7.230  0.759   1.00 8.48  ? 201 HIS A CE1 1 
ATOM   951  N  NE2 . HIS A 1 119 ? -4.588  -6.122  0.304   1.00 9.68  ? 201 HIS A NE2 1 
ATOM   952  N  N   . GLU A 1 120 ? -1.468  -2.163  0.423   1.00 8.15  ? 202 GLU A N   1 
ATOM   953  C  CA  . GLU A 1 120 ? -1.898  -1.240  -0.630  1.00 8.67  ? 202 GLU A CA  1 
ATOM   954  C  C   . GLU A 1 120 ? -0.812  -0.858  -1.605  1.00 8.20  ? 202 GLU A C   1 
ATOM   955  O  O   . GLU A 1 120 ? -1.073  -0.771  -2.798  1.00 9.20  ? 202 GLU A O   1 
ATOM   956  C  CB  . GLU A 1 120 ? -2.570  0.023   -0.063  1.00 7.56  ? 202 GLU A CB  1 
ATOM   957  C  CG  . GLU A 1 120 ? -3.804  -0.205  0.823   1.00 4.92  ? 202 GLU A CG  1 
ATOM   958  C  CD  . GLU A 1 120 ? -4.890  -1.026  0.143   1.00 6.52  ? 202 GLU A CD  1 
ATOM   959  O  OE1 . GLU A 1 120 ? -4.962  -1.021  -1.082  1.00 5.81  ? 202 GLU A OE1 1 
ATOM   960  O  OE2 . GLU A 1 120 ? -5.676  -1.667  0.854   1.00 5.78  ? 202 GLU A OE2 1 
ATOM   961  N  N   . ILE A 1 121 ? 0.418   -0.674  -1.064  1.00 7.05  ? 203 ILE A N   1 
ATOM   962  C  CA  . ILE A 1 121 ? 1.553   -0.474  -1.979  1.00 6.96  ? 203 ILE A CA  1 
ATOM   963  C  C   . ILE A 1 121 ? 1.802   -1.660  -2.898  1.00 6.00  ? 203 ILE A C   1 
ATOM   964  O  O   . ILE A 1 121 ? 2.132   -1.491  -4.060  1.00 5.18  ? 203 ILE A O   1 
ATOM   965  C  CB  . ILE A 1 121 ? 2.834   -0.080  -1.211  1.00 7.94  ? 203 ILE A CB  1 
ATOM   966  C  CG1 . ILE A 1 121 ? 2.550   1.260   -0.475  1.00 7.28  ? 203 ILE A CG1 1 
ATOM   967  C  CG2 . ILE A 1 121 ? 4.076   0.036   -2.123  1.00 6.31  ? 203 ILE A CG2 1 
ATOM   968  C  CD1 . ILE A 1 121 ? 2.196   2.453   -1.391  1.00 8.27  ? 203 ILE A CD1 1 
ATOM   969  N  N   . GLY A 1 122 ? 1.579   -2.870  -2.340  1.00 6.61  ? 204 GLY A N   1 
ATOM   970  C  CA  . GLY A 1 122 ? 1.633   -4.050  -3.208  1.00 7.14  ? 204 GLY A CA  1 
ATOM   971  C  C   . GLY A 1 122 ? 0.706   -3.948  -4.415  1.00 6.84  ? 204 GLY A C   1 
ATOM   972  O  O   . GLY A 1 122 ? 1.118   -4.186  -5.537  1.00 7.42  ? 204 GLY A O   1 
ATOM   973  N  N   . HIS A 1 123 ? -0.544  -3.520  -4.139  1.00 5.46  ? 205 HIS A N   1 
ATOM   974  C  CA  . HIS A 1 123 ? -1.446  -3.189  -5.254  1.00 6.60  ? 205 HIS A CA  1 
ATOM   975  C  C   . HIS A 1 123 ? -0.962  -2.109  -6.206  1.00 6.73  ? 205 HIS A C   1 
ATOM   976  O  O   . HIS A 1 123 ? -1.066  -2.265  -7.414  1.00 7.71  ? 205 HIS A O   1 
ATOM   977  C  CB  . HIS A 1 123 ? -2.813  -2.720  -4.770  1.00 5.68  ? 205 HIS A CB  1 
ATOM   978  C  CG  . HIS A 1 123 ? -3.595  -3.865  -4.201  1.00 8.00  ? 205 HIS A CG  1 
ATOM   979  N  ND1 . HIS A 1 123 ? -3.597  -5.100  -4.736  1.00 7.57  ? 205 HIS A ND1 1 
ATOM   980  C  CD2 . HIS A 1 123 ? -4.427  -3.826  -3.086  1.00 8.35  ? 205 HIS A CD2 1 
ATOM   981  C  CE1 . HIS A 1 123 ? -4.423  -5.862  -3.973  1.00 9.10  ? 205 HIS A CE1 1 
ATOM   982  N  NE2 . HIS A 1 123 ? -4.916  -5.074  -2.975  1.00 8.68  ? 205 HIS A NE2 1 
ATOM   983  N  N   . SER A 1 124 ? -0.449  -1.013  -5.588  1.00 6.31  ? 206 SER A N   1 
ATOM   984  C  CA  . SER A 1 124 ? 0.120   0.122   -6.334  1.00 7.05  ? 206 SER A CA  1 
ATOM   985  C  C   . SER A 1 124 ? 1.261   -0.244  -7.260  1.00 7.43  ? 206 SER A C   1 
ATOM   986  O  O   . SER A 1 124 ? 1.517   0.455   -8.235  1.00 7.69  ? 206 SER A O   1 
ATOM   987  C  CB  . SER A 1 124 ? 0.632   1.193   -5.367  1.00 7.31  ? 206 SER A CB  1 
ATOM   988  O  OG  . SER A 1 124 ? -0.481  1.847   -4.742  1.00 7.55  ? 206 SER A OG  1 
ATOM   989  N  N   . LEU A 1 125 ? 1.919   -1.379  -6.883  1.00 6.82  ? 207 LEU A N   1 
ATOM   990  C  CA  . LEU A 1 125 ? 3.017   -1.966  -7.661  1.00 9.76  ? 207 LEU A CA  1 
ATOM   991  C  C   . LEU A 1 125 ? 2.595   -3.071  -8.638  1.00 8.66  ? 207 LEU A C   1 
ATOM   992  O  O   . LEU A 1 125 ? 3.379   -3.486  -9.477  1.00 8.97  ? 207 LEU A O   1 
ATOM   993  C  CB  . LEU A 1 125 ? 4.092   -2.532  -6.726  1.00 9.74  ? 207 LEU A CB  1 
ATOM   994  C  CG  . LEU A 1 125 ? 5.197   -1.590  -6.213  1.00 12.20 ? 207 LEU A CG  1 
ATOM   995  C  CD1 . LEU A 1 125 ? 5.013   -0.098  -6.457  1.00 11.08 ? 207 LEU A CD1 1 
ATOM   996  C  CD2 . LEU A 1 125 ? 5.612   -1.951  -4.803  1.00 9.97  ? 207 LEU A CD2 1 
ATOM   997  N  N   . GLY A 1 126 ? 1.334   -3.530  -8.510  1.00 7.73  ? 208 GLY A N   1 
ATOM   998  C  CA  . GLY A 1 126 ? 0.819   -4.492  -9.491  1.00 8.89  ? 208 GLY A CA  1 
ATOM   999  C  C   . GLY A 1 126 ? 0.572   -5.908  -9.009  1.00 9.80  ? 208 GLY A C   1 
ATOM   1000 O  O   . GLY A 1 126 ? 0.265   -6.790  -9.793  1.00 10.73 ? 208 GLY A O   1 
ATOM   1001 N  N   . LEU A 1 127 ? 0.699   -6.088  -7.686  1.00 9.26  ? 209 LEU A N   1 
ATOM   1002 C  CA  . LEU A 1 127 ? 0.281   -7.362  -7.107  1.00 10.56 ? 209 LEU A CA  1 
ATOM   1003 C  C   . LEU A 1 127 ? -1.199  -7.300  -6.759  1.00 10.27 ? 209 LEU A C   1 
ATOM   1004 O  O   . LEU A 1 127 ? -1.657  -6.373  -6.109  1.00 11.19 ? 209 LEU A O   1 
ATOM   1005 C  CB  . LEU A 1 127 ? 1.116   -7.625  -5.841  1.00 9.76  ? 209 LEU A CB  1 
ATOM   1006 C  CG  . LEU A 1 127 ? 2.101   -8.806  -5.851  1.00 14.80 ? 209 LEU A CG  1 
ATOM   1007 C  CD1 . LEU A 1 127 ? 2.579   -9.230  -7.233  1.00 12.30 ? 209 LEU A CD1 1 
ATOM   1008 C  CD2 . LEU A 1 127 ? 3.243   -8.609  -4.852  1.00 12.91 ? 209 LEU A CD2 1 
ATOM   1009 N  N   . PHE A 1 128 ? -1.913  -8.330  -7.223  1.00 10.77 ? 210 PHE A N   1 
ATOM   1010 C  CA  . PHE A 1 128 ? -3.289  -8.590  -6.795  1.00 11.60 ? 210 PHE A CA  1 
ATOM   1011 C  C   . PHE A 1 128 ? -3.311  -9.481  -5.532  1.00 11.45 ? 210 PHE A C   1 
ATOM   1012 O  O   . PHE A 1 128 ? -2.358  -9.448  -4.765  1.00 9.51  ? 210 PHE A O   1 
ATOM   1013 C  CB  . PHE A 1 128 ? -4.035  -9.135  -8.036  1.00 13.16 ? 210 PHE A CB  1 
ATOM   1014 C  CG  . PHE A 1 128 ? -5.529  -9.268  -7.829  1.00 15.31 ? 210 PHE A CG  1 
ATOM   1015 C  CD1 . PHE A 1 128 ? -6.279  -8.203  -7.293  1.00 18.27 ? 210 PHE A CD1 1 
ATOM   1016 C  CD2 . PHE A 1 128 ? -6.142  -10.495 -8.152  1.00 17.56 ? 210 PHE A CD2 1 
ATOM   1017 C  CE1 . PHE A 1 128 ? -7.654  -8.380  -7.041  1.00 19.08 ? 210 PHE A CE1 1 
ATOM   1018 C  CE2 . PHE A 1 128 ? -7.517  -10.672 -7.891  1.00 18.30 ? 210 PHE A CE2 1 
ATOM   1019 C  CZ  . PHE A 1 128 ? -8.258  -9.616  -7.331  1.00 18.75 ? 210 PHE A CZ  1 
ATOM   1020 N  N   . HIS A 1 129 ? -4.404  -10.255 -5.329  1.00 11.04 ? 211 HIS A N   1 
ATOM   1021 C  CA  . HIS A 1 129 ? -4.516  -11.065 -4.118  1.00 11.02 ? 211 HIS A CA  1 
ATOM   1022 C  C   . HIS A 1 129 ? -3.941  -12.463 -4.191  1.00 12.55 ? 211 HIS A C   1 
ATOM   1023 O  O   . HIS A 1 129 ? -4.062  -13.189 -5.178  1.00 13.13 ? 211 HIS A O   1 
ATOM   1024 C  CB  . HIS A 1 129 ? -5.972  -11.145 -3.679  1.00 10.42 ? 211 HIS A CB  1 
ATOM   1025 C  CG  . HIS A 1 129 ? -6.415  -9.795  -3.157  1.00 11.18 ? 211 HIS A CG  1 
ATOM   1026 N  ND1 . HIS A 1 129 ? -7.648  -9.280  -3.337  1.00 10.97 ? 211 HIS A ND1 1 
ATOM   1027 C  CD2 . HIS A 1 129 ? -5.655  -8.893  -2.425  1.00 9.31  ? 211 HIS A CD2 1 
ATOM   1028 C  CE1 . HIS A 1 129 ? -7.696  -8.058  -2.730  1.00 8.84  ? 211 HIS A CE1 1 
ATOM   1029 N  NE2 . HIS A 1 129 ? -6.467  -7.847  -2.182  1.00 8.93  ? 211 HIS A NE2 1 
ATOM   1030 N  N   . SER A 1 130 ? -3.314  -12.794 -3.044  1.00 11.96 ? 212 SER A N   1 
ATOM   1031 C  CA  . SER A 1 130 ? -2.721  -14.123 -2.861  1.00 12.94 ? 212 SER A CA  1 
ATOM   1032 C  C   . SER A 1 130 ? -3.645  -15.107 -2.143  1.00 12.77 ? 212 SER A C   1 
ATOM   1033 O  O   . SER A 1 130 ? -4.417  -14.768 -1.253  1.00 13.41 ? 212 SER A O   1 
ATOM   1034 C  CB  . SER A 1 130 ? -1.391  -13.974 -2.111  1.00 11.58 ? 212 SER A CB  1 
ATOM   1035 O  OG  . SER A 1 130 ? -0.795  -15.253 -1.892  1.00 10.49 ? 212 SER A OG  1 
ATOM   1036 N  N   . ALA A 1 131 ? -3.475  -16.370 -2.571  1.00 12.70 ? 213 ALA A N   1 
ATOM   1037 C  CA  . ALA A 1 131 ? -4.133  -17.465 -1.859  1.00 13.23 ? 213 ALA A CA  1 
ATOM   1038 C  C   . ALA A 1 131 ? -3.407  -17.902 -0.593  1.00 13.20 ? 213 ALA A C   1 
ATOM   1039 O  O   . ALA A 1 131 ? -3.952  -18.591 0.254   1.00 14.87 ? 213 ALA A O   1 
ATOM   1040 C  CB  . ALA A 1 131 ? -4.295  -18.668 -2.791  1.00 12.09 ? 213 ALA A CB  1 
ATOM   1041 N  N   . ASN A 1 132 ? -2.147  -17.457 -0.476  1.00 13.23 ? 214 ASN A N   1 
ATOM   1042 C  CA  . ASN A 1 132 ? -1.377  -17.772 0.721   1.00 13.16 ? 214 ASN A CA  1 
ATOM   1043 C  C   . ASN A 1 132 ? -1.849  -16.938 1.905   1.00 12.84 ? 214 ASN A C   1 
ATOM   1044 O  O   . ASN A 1 132 ? -1.687  -15.724 1.906   1.00 11.59 ? 214 ASN A O   1 
ATOM   1045 C  CB  . ASN A 1 132 ? 0.114   -17.552 0.410   1.00 13.66 ? 214 ASN A CB  1 
ATOM   1046 C  CG  . ASN A 1 132 ? 1.055   -18.025 1.510   1.00 13.95 ? 214 ASN A CG  1 
ATOM   1047 O  OD1 . ASN A 1 132 ? 0.759   -18.008 2.695   1.00 12.37 ? 214 ASN A OD1 1 
ATOM   1048 N  ND2 . ASN A 1 132 ? 2.247   -18.438 1.047   1.00 15.01 ? 214 ASN A ND2 1 
ATOM   1049 N  N   . THR A 1 133 ? -2.414  -17.681 2.906   1.00 12.63 ? 215 THR A N   1 
ATOM   1050 C  CA  . THR A 1 133 ? -2.885  -17.077 4.155   1.00 12.62 ? 215 THR A CA  1 
ATOM   1051 C  C   . THR A 1 133 ? -1.841  -16.300 4.958   1.00 12.45 ? 215 THR A C   1 
ATOM   1052 O  O   . THR A 1 133 ? -2.180  -15.455 5.775   1.00 13.58 ? 215 THR A O   1 
ATOM   1053 C  CB  . THR A 1 133 ? -3.571  -18.117 5.066   1.00 13.64 ? 215 THR A CB  1 
ATOM   1054 O  OG1 . THR A 1 133 ? -2.656  -19.139 5.456   1.00 12.03 ? 215 THR A OG1 1 
ATOM   1055 C  CG2 . THR A 1 133 ? -4.812  -18.746 4.439   1.00 14.42 ? 215 THR A CG2 1 
ATOM   1056 N  N   . GLU A 1 134 ? -0.564  -16.622 4.703   1.00 11.93 ? 216 GLU A N   1 
ATOM   1057 C  CA  . GLU A 1 134 ? 0.519   -15.893 5.348   1.00 12.62 ? 216 GLU A CA  1 
ATOM   1058 C  C   . GLU A 1 134 ? 1.018   -14.658 4.592   1.00 11.48 ? 216 GLU A C   1 
ATOM   1059 O  O   . GLU A 1 134 ? 1.846   -13.907 5.096   1.00 10.22 ? 216 GLU A O   1 
ATOM   1060 C  CB  . GLU A 1 134 ? 1.696   -16.831 5.648   1.00 15.89 ? 216 GLU A CB  1 
ATOM   1061 C  CG  . GLU A 1 134 ? 1.436   -17.926 6.703   1.00 19.36 ? 216 GLU A CG  1 
ATOM   1062 C  CD  . GLU A 1 134 ? 2.699   -18.737 7.067   1.00 24.36 ? 216 GLU A CD  1 
ATOM   1063 O  OE1 . GLU A 1 134 ? 3.772   -18.518 6.481   1.00 28.20 ? 216 GLU A OE1 1 
ATOM   1064 O  OE2 . GLU A 1 134 ? 2.610   -19.604 7.951   1.00 26.57 ? 216 GLU A OE2 1 
ATOM   1065 N  N   . ALA A 1 135 ? 0.506   -14.501 3.356   1.00 9.91  ? 217 ALA A N   1 
ATOM   1066 C  CA  . ALA A 1 135 ? 1.040   -13.439 2.500   1.00 9.21  ? 217 ALA A CA  1 
ATOM   1067 C  C   . ALA A 1 135 ? 0.525   -12.081 2.908   1.00 8.82  ? 217 ALA A C   1 
ATOM   1068 O  O   . ALA A 1 135 ? -0.593  -11.926 3.376   1.00 10.49 ? 217 ALA A O   1 
ATOM   1069 C  CB  . ALA A 1 135 ? 0.670   -13.665 1.027   1.00 7.59  ? 217 ALA A CB  1 
ATOM   1070 N  N   . LEU A 1 136 ? 1.390   -11.083 2.671   1.00 7.28  ? 218 LEU A N   1 
ATOM   1071 C  CA  . LEU A 1 136 ? 0.936   -9.696  2.802   1.00 7.92  ? 218 LEU A CA  1 
ATOM   1072 C  C   . LEU A 1 136 ? -0.281  -9.401  1.925   1.00 7.82  ? 218 LEU A C   1 
ATOM   1073 O  O   . LEU A 1 136 ? -1.212  -8.737  2.352   1.00 7.89  ? 218 LEU A O   1 
ATOM   1074 C  CB  . LEU A 1 136 ? 2.115   -8.760  2.535   1.00 5.33  ? 218 LEU A CB  1 
ATOM   1075 C  CG  . LEU A 1 136 ? 1.758   -7.286  2.547   1.00 6.32  ? 218 LEU A CG  1 
ATOM   1076 C  CD1 . LEU A 1 136 ? 1.064   -6.854  3.852   1.00 7.35  ? 218 LEU A CD1 1 
ATOM   1077 C  CD2 . LEU A 1 136 ? 3.013   -6.471  2.245   1.00 8.11  ? 218 LEU A CD2 1 
ATOM   1078 N  N   . MET A 1 137 ? -0.237  -9.996  0.707   1.00 7.58  ? 219 MET A N   1 
ATOM   1079 C  CA  . MET A 1 137 ? -1.298  -9.772  -0.272  1.00 7.96  ? 219 MET A CA  1 
ATOM   1080 C  C   . MET A 1 137 ? -2.553  -10.622 -0.184  1.00 8.65  ? 219 MET A C   1 
ATOM   1081 O  O   . MET A 1 137 ? -3.404  -10.554 -1.059  1.00 9.25  ? 219 MET A O   1 
ATOM   1082 C  CB  . MET A 1 137 ? -0.722  -9.780  -1.698  1.00 7.13  ? 219 MET A CB  1 
ATOM   1083 C  CG  . MET A 1 137 ? 0.375   -8.726  -1.942  1.00 6.39  ? 219 MET A CG  1 
ATOM   1084 S  SD  . MET A 1 137 ? -0.066  -7.047  -1.424  1.00 9.11  ? 219 MET A SD  1 
ATOM   1085 C  CE  . MET A 1 137 ? -1.554  -6.778  -2.376  1.00 6.37  ? 219 MET A CE  1 
ATOM   1086 N  N   . TYR A 1 138 ? -2.670  -11.381 0.930   1.00 8.79  ? 220 TYR A N   1 
ATOM   1087 C  CA  . TYR A 1 138 ? -3.922  -12.096 1.233   1.00 8.71  ? 220 TYR A CA  1 
ATOM   1088 C  C   . TYR A 1 138 ? -5.087  -11.108 1.368   1.00 9.28  ? 220 TYR A C   1 
ATOM   1089 O  O   . TYR A 1 138 ? -4.912  -9.991  1.829   1.00 10.41 ? 220 TYR A O   1 
ATOM   1090 C  CB  . TYR A 1 138 ? -3.688  -12.936 2.511   1.00 9.47  ? 220 TYR A CB  1 
ATOM   1091 C  CG  . TYR A 1 138 ? -4.785  -13.945 2.766   1.00 12.35 ? 220 TYR A CG  1 
ATOM   1092 C  CD1 . TYR A 1 138 ? -4.899  -15.081 1.923   1.00 13.53 ? 220 TYR A CD1 1 
ATOM   1093 C  CD2 . TYR A 1 138 ? -5.665  -13.729 3.844   1.00 11.25 ? 220 TYR A CD2 1 
ATOM   1094 C  CE1 . TYR A 1 138 ? -5.930  -16.007 2.141   1.00 10.57 ? 220 TYR A CE1 1 
ATOM   1095 C  CE2 . TYR A 1 138 ? -6.665  -14.685 4.092   1.00 13.77 ? 220 TYR A CE2 1 
ATOM   1096 C  CZ  . TYR A 1 138 ? -6.792  -15.799 3.233   1.00 13.61 ? 220 TYR A CZ  1 
ATOM   1097 O  OH  . TYR A 1 138 ? -7.802  -16.706 3.478   1.00 14.61 ? 220 TYR A OH  1 
ATOM   1098 N  N   . PRO A 1 139 ? -6.279  -11.504 0.869   1.00 9.82  ? 221 PRO A N   1 
ATOM   1099 C  CA  . PRO A 1 139 ? -7.398  -10.546 0.779   1.00 9.62  ? 221 PRO A CA  1 
ATOM   1100 C  C   . PRO A 1 139 ? -8.136  -10.161 2.042   1.00 8.91  ? 221 PRO A C   1 
ATOM   1101 O  O   . PRO A 1 139 ? -8.935  -9.233  2.013   1.00 9.09  ? 221 PRO A O   1 
ATOM   1102 C  CB  . PRO A 1 139 ? -8.360  -11.213 -0.210  1.00 9.60  ? 221 PRO A CB  1 
ATOM   1103 C  CG  . PRO A 1 139 ? -8.096  -12.716 -0.024  1.00 9.16  ? 221 PRO A CG  1 
ATOM   1104 C  CD  . PRO A 1 139 ? -6.589  -12.769 0.177   1.00 9.42  ? 221 PRO A CD  1 
ATOM   1105 N  N   . LEU A 1 140 ? -7.877  -10.919 3.112   1.00 8.59  ? 222 LEU A N   1 
ATOM   1106 C  CA  . LEU A 1 140 ? -8.594  -10.611 4.344   1.00 10.47 ? 222 LEU A CA  1 
ATOM   1107 C  C   . LEU A 1 140 ? -7.695  -9.989  5.409   1.00 10.57 ? 222 LEU A C   1 
ATOM   1108 O  O   . LEU A 1 140 ? -6.630  -10.495 5.741   1.00 10.77 ? 222 LEU A O   1 
ATOM   1109 C  CB  . LEU A 1 140 ? -9.255  -11.891 4.874   1.00 12.90 ? 222 LEU A CB  1 
ATOM   1110 C  CG  . LEU A 1 140 ? -10.270 -12.588 3.936   1.00 17.51 ? 222 LEU A CG  1 
ATOM   1111 C  CD1 . LEU A 1 140 ? -10.704 -13.969 4.471   1.00 17.69 ? 222 LEU A CD1 1 
ATOM   1112 C  CD2 . LEU A 1 140 ? -11.471 -11.685 3.614   1.00 19.89 ? 222 LEU A CD2 1 
ATOM   1113 N  N   . TYR A 1 141 ? -8.187  -8.847  5.934   1.00 11.66 ? 223 TYR A N   1 
ATOM   1114 C  CA  . TYR A 1 141 ? -7.435  -8.072  6.932   1.00 11.44 ? 223 TYR A CA  1 
ATOM   1115 C  C   . TYR A 1 141 ? -7.280  -8.830  8.225   1.00 12.11 ? 223 TYR A C   1 
ATOM   1116 O  O   . TYR A 1 141 ? -8.224  -9.409  8.754   1.00 12.28 ? 223 TYR A O   1 
ATOM   1117 C  CB  . TYR A 1 141 ? -8.081  -6.683  7.189   1.00 10.57 ? 223 TYR A CB  1 
ATOM   1118 C  CG  . TYR A 1 141 ? -7.321  -5.902  8.251   1.00 10.19 ? 223 TYR A CG  1 
ATOM   1119 C  CD1 . TYR A 1 141 ? -6.124  -5.242  7.920   1.00 10.19 ? 223 TYR A CD1 1 
ATOM   1120 C  CD2 . TYR A 1 141 ? -7.822  -5.891  9.566   1.00 11.92 ? 223 TYR A CD2 1 
ATOM   1121 C  CE1 . TYR A 1 141 ? -5.367  -4.639  8.949   1.00 11.03 ? 223 TYR A CE1 1 
ATOM   1122 C  CE2 . TYR A 1 141 ? -7.079  -5.273  10.592  1.00 10.99 ? 223 TYR A CE2 1 
ATOM   1123 C  CZ  . TYR A 1 141 ? -5.845  -4.686  10.275  1.00 11.46 ? 223 TYR A CZ  1 
ATOM   1124 O  OH  . TYR A 1 141 ? -5.075  -4.156  11.292  1.00 12.37 ? 223 TYR A OH  1 
ATOM   1125 N  N   . HIS A 1 142 ? -6.025  -8.741  8.693   1.00 11.31 ? 224 HIS A N   1 
ATOM   1126 C  CA  . HIS A 1 142 ? -5.703  -9.160  10.049  1.00 12.21 ? 224 HIS A CA  1 
ATOM   1127 C  C   . HIS A 1 142 ? -4.464  -8.420  10.504  1.00 12.64 ? 224 HIS A C   1 
ATOM   1128 O  O   . HIS A 1 142 ? -3.767  -7.796  9.716   1.00 13.48 ? 224 HIS A O   1 
ATOM   1129 C  CB  . HIS A 1 142 ? -5.539  -10.681 10.149  1.00 10.58 ? 224 HIS A CB  1 
ATOM   1130 C  CG  . HIS A 1 142 ? -4.300  -11.126 9.429   1.00 11.63 ? 224 HIS A CG  1 
ATOM   1131 N  ND1 . HIS A 1 142 ? -3.097  -11.132 10.016  1.00 10.09 ? 224 HIS A ND1 1 
ATOM   1132 C  CD2 . HIS A 1 142 ? -4.167  -11.560 8.109   1.00 11.07 ? 224 HIS A CD2 1 
ATOM   1133 C  CE1 . HIS A 1 142 ? -2.188  -11.560 9.098   1.00 10.58 ? 224 HIS A CE1 1 
ATOM   1134 N  NE2 . HIS A 1 142 ? -2.846  -11.817 7.934   1.00 9.37  ? 224 HIS A NE2 1 
ATOM   1135 N  N   . SER A 1 143 ? -4.233  -8.529  11.807  1.00 13.43 ? 225 SER A N   1 
ATOM   1136 C  CA  . SER A 1 143 ? -3.024  -7.947  12.370  1.00 14.93 ? 225 SER A CA  1 
ATOM   1137 C  C   . SER A 1 143 ? -2.144  -9.047  12.983  1.00 14.67 ? 225 SER A C   1 
ATOM   1138 O  O   . SER A 1 143 ? -2.287  -10.230 12.686  1.00 15.19 ? 225 SER A O   1 
ATOM   1139 C  CB  . SER A 1 143 ? -3.458  -6.839  13.351  1.00 15.06 ? 225 SER A CB  1 
ATOM   1140 O  OG  . SER A 1 143 ? -2.322  -6.102  13.828  1.00 16.97 ? 225 SER A OG  1 
ATOM   1141 N  N   . LEU A 1 144 ? -1.208  -8.600  13.844  1.00 13.28 ? 226 LEU A N   1 
ATOM   1142 C  CA  . LEU A 1 144 ? -0.334  -9.533  14.529  1.00 13.18 ? 226 LEU A CA  1 
ATOM   1143 C  C   . LEU A 1 144 ? -0.355  -9.190  15.990  1.00 13.66 ? 226 LEU A C   1 
ATOM   1144 O  O   . LEU A 1 144 ? -0.477  -8.032  16.354  1.00 13.92 ? 226 LEU A O   1 
ATOM   1145 C  CB  . LEU A 1 144 ? 1.103   -9.357  14.062  1.00 13.26 ? 226 LEU A CB  1 
ATOM   1146 C  CG  . LEU A 1 144 ? 1.311   -9.612  12.581  1.00 15.02 ? 226 LEU A CG  1 
ATOM   1147 C  CD1 . LEU A 1 144 ? 2.650   -9.036  12.135  1.00 16.15 ? 226 LEU A CD1 1 
ATOM   1148 C  CD2 . LEU A 1 144 ? 1.144   -11.096 12.218  1.00 16.81 ? 226 LEU A CD2 1 
ATOM   1149 N  N   . THR A 1 145 ? -0.189  -10.237 16.816  1.00 15.03 ? 227 THR A N   1 
ATOM   1150 C  CA  . THR A 1 145 ? 0.031   -9.994  18.246  1.00 16.50 ? 227 THR A CA  1 
ATOM   1151 C  C   . THR A 1 145 ? 1.346   -9.260  18.562  1.00 15.06 ? 227 THR A C   1 
ATOM   1152 O  O   . THR A 1 145 ? 1.511   -8.581  19.565  1.00 15.51 ? 227 THR A O   1 
ATOM   1153 C  CB  . THR A 1 145 ? -0.067  -11.357 18.953  1.00 17.42 ? 227 THR A CB  1 
ATOM   1154 O  OG1 . THR A 1 145 ? -0.137  -11.188 20.363  1.00 23.17 ? 227 THR A OG1 1 
ATOM   1155 C  CG2 . THR A 1 145 ? 1.089   -12.292 18.582  1.00 19.82 ? 227 THR A CG2 1 
ATOM   1156 N  N   . ASP A 1 146 ? 2.279   -9.430  17.620  1.00 15.08 ? 228 ASP A N   1 
ATOM   1157 C  CA  . ASP A 1 146 ? 3.578   -8.793  17.734  1.00 16.37 ? 228 ASP A CA  1 
ATOM   1158 C  C   . ASP A 1 146 ? 3.980   -8.290  16.374  1.00 16.05 ? 228 ASP A C   1 
ATOM   1159 O  O   . ASP A 1 146 ? 4.388   -9.004  15.474  1.00 16.34 ? 228 ASP A O   1 
ATOM   1160 C  CB  . ASP A 1 146 ? 4.602   -9.783  18.315  1.00 17.28 ? 228 ASP A CB  1 
ATOM   1161 C  CG  . ASP A 1 146 ? 5.980   -9.155  18.532  1.00 19.32 ? 228 ASP A CG  1 
ATOM   1162 O  OD1 . ASP A 1 146 ? 6.133   -7.934  18.428  1.00 19.20 ? 228 ASP A OD1 1 
ATOM   1163 O  OD2 . ASP A 1 146 ? 6.904   -9.910  18.825  1.00 19.47 ? 228 ASP A OD2 1 
ATOM   1164 N  N   . LEU A 1 147 ? 3.817   -6.978  16.280  1.00 17.89 ? 229 LEU A N   1 
ATOM   1165 C  CA  . LEU A 1 147 ? 4.083   -6.300  15.021  1.00 18.07 ? 229 LEU A CA  1 
ATOM   1166 C  C   . LEU A 1 147 ? 5.519   -6.396  14.585  1.00 17.07 ? 229 LEU A C   1 
ATOM   1167 O  O   . LEU A 1 147 ? 5.811   -6.263  13.408  1.00 16.96 ? 229 LEU A O   1 
ATOM   1168 C  CB  . LEU A 1 147 ? 3.672   -4.828  15.135  1.00 19.02 ? 229 LEU A CB  1 
ATOM   1169 C  CG  . LEU A 1 147 ? 2.229   -4.429  14.773  1.00 21.03 ? 229 LEU A CG  1 
ATOM   1170 C  CD1 . LEU A 1 147 ? 1.221   -5.568  14.698  1.00 21.65 ? 229 LEU A CD1 1 
ATOM   1171 C  CD2 . LEU A 1 147 ? 1.748   -3.303  15.684  1.00 23.13 ? 229 LEU A CD2 1 
ATOM   1172 N  N   . THR A 1 148 ? 6.402   -6.658  15.570  1.00 16.23 ? 230 THR A N   1 
ATOM   1173 C  CA  . THR A 1 148 ? 7.793   -6.850  15.179  1.00 18.20 ? 230 THR A CA  1 
ATOM   1174 C  C   . THR A 1 148 ? 8.086   -8.173  14.489  1.00 19.15 ? 230 THR A C   1 
ATOM   1175 O  O   . THR A 1 148 ? 9.139   -8.387  13.908  1.00 19.73 ? 230 THR A O   1 
ATOM   1176 C  CB  . THR A 1 148 ? 8.757   -6.611  16.359  1.00 19.40 ? 230 THR A CB  1 
ATOM   1177 O  OG1 . THR A 1 148 ? 8.786   -7.724  17.259  1.00 20.22 ? 230 THR A OG1 1 
ATOM   1178 C  CG2 . THR A 1 148 ? 8.417   -5.321  17.105  1.00 20.23 ? 230 THR A CG2 1 
ATOM   1179 N  N   . ARG A 1 149 ? 7.095   -9.066  14.567  1.00 21.07 ? 231 ARG A N   1 
ATOM   1180 C  CA  . ARG A 1 149 ? 7.254   -10.343 13.876  1.00 22.38 ? 231 ARG A CA  1 
ATOM   1181 C  C   . ARG A 1 149 ? 6.855   -10.351 12.405  1.00 20.92 ? 231 ARG A C   1 
ATOM   1182 O  O   . ARG A 1 149 ? 7.004   -11.361 11.717  1.00 20.39 ? 231 ARG A O   1 
ATOM   1183 C  CB  . ARG A 1 149 ? 6.542   -11.464 14.636  1.00 25.43 ? 231 ARG A CB  1 
ATOM   1184 C  CG  . ARG A 1 149 ? 7.090   -11.576 16.056  1.00 32.32 ? 231 ARG A CG  1 
ATOM   1185 C  CD  . ARG A 1 149 ? 6.543   -12.743 16.896  1.00 37.14 ? 231 ARG A CD  1 
ATOM   1186 N  NE  . ARG A 1 149 ? 7.181   -14.000 16.503  1.00 42.90 ? 231 ARG A NE  1 
ATOM   1187 C  CZ  . ARG A 1 149 ? 6.555   -15.169 16.736  1.00 46.57 ? 231 ARG A CZ  1 
ATOM   1188 N  NH1 . ARG A 1 149 ? 5.329   -15.188 17.267  1.00 50.01 ? 231 ARG A NH1 1 
ATOM   1189 N  NH2 . ARG A 1 149 ? 7.165   -16.312 16.421  1.00 48.13 ? 231 ARG A NH2 1 
ATOM   1190 N  N   . PHE A 1 150 ? 6.365   -9.166  11.953  1.00 18.94 ? 232 PHE A N   1 
ATOM   1191 C  CA  . PHE A 1 150 ? 6.055   -9.011  10.528  1.00 17.52 ? 232 PHE A CA  1 
ATOM   1192 C  C   . PHE A 1 150 ? 7.217   -9.356  9.618   1.00 17.68 ? 232 PHE A C   1 
ATOM   1193 O  O   . PHE A 1 150 ? 8.328   -8.861  9.757   1.00 16.68 ? 232 PHE A O   1 
ATOM   1194 C  CB  . PHE A 1 150 ? 5.532   -7.593  10.194  1.00 15.38 ? 232 PHE A CB  1 
ATOM   1195 C  CG  . PHE A 1 150 ? 5.212   -7.457  8.711   1.00 14.13 ? 232 PHE A CG  1 
ATOM   1196 C  CD1 . PHE A 1 150 ? 4.003   -7.979  8.204   1.00 14.65 ? 232 PHE A CD1 1 
ATOM   1197 C  CD2 . PHE A 1 150 ? 6.144   -6.824  7.854   1.00 14.64 ? 232 PHE A CD2 1 
ATOM   1198 C  CE1 . PHE A 1 150 ? 3.737   -7.899  6.820   1.00 15.47 ? 232 PHE A CE1 1 
ATOM   1199 C  CE2 . PHE A 1 150 ? 5.876   -6.736  6.477   1.00 15.71 ? 232 PHE A CE2 1 
ATOM   1200 C  CZ  . PHE A 1 150 ? 4.681   -7.283  5.971   1.00 15.59 ? 232 PHE A CZ  1 
ATOM   1201 N  N   . ARG A 1 151 ? 6.849   -10.218 8.657   1.00 18.93 ? 233 ARG A N   1 
ATOM   1202 C  CA  . ARG A 1 151 ? 7.745   -10.493 7.542   1.00 19.34 ? 233 ARG A CA  1 
ATOM   1203 C  C   . ARG A 1 151 ? 6.941   -10.744 6.291   1.00 18.39 ? 233 ARG A C   1 
ATOM   1204 O  O   . ARG A 1 151 ? 5.968   -11.485 6.288   1.00 17.71 ? 233 ARG A O   1 
ATOM   1205 C  CB  . ARG A 1 151 ? 8.630   -11.699 7.839   1.00 19.29 ? 233 ARG A CB  1 
ATOM   1206 C  CG  . ARG A 1 151 ? 10.103  -11.310 7.852   1.00 20.99 ? 233 ARG A CG  1 
ATOM   1207 C  CD  . ARG A 1 151 ? 10.950  -12.382 8.537   1.00 23.55 ? 233 ARG A CD  1 
ATOM   1208 N  NE  . ARG A 1 151 ? 10.911  -13.679 7.841   1.00 24.32 ? 233 ARG A NE  1 
ATOM   1209 C  CZ  . ARG A 1 151 ? 11.556  -14.755 8.367   1.00 24.18 ? 233 ARG A CZ  1 
ATOM   1210 N  NH1 . ARG A 1 151 ? 12.160  -14.705 9.568   1.00 26.97 ? 233 ARG A NH1 1 
ATOM   1211 N  NH2 . ARG A 1 151 ? 11.589  -15.901 7.686   1.00 24.00 ? 233 ARG A NH2 1 
ATOM   1212 N  N   . LEU A 1 152 ? 7.433   -10.092 5.222   1.00 17.56 ? 234 LEU A N   1 
ATOM   1213 C  CA  . LEU A 1 152 ? 6.945   -10.319 3.867   1.00 15.25 ? 234 LEU A CA  1 
ATOM   1214 C  C   . LEU A 1 152 ? 7.157   -11.785 3.531   1.00 14.06 ? 234 LEU A C   1 
ATOM   1215 O  O   . LEU A 1 152 ? 8.244   -12.309 3.757   1.00 14.23 ? 234 LEU A O   1 
ATOM   1216 C  CB  . LEU A 1 152 ? 7.782   -9.421  2.951   1.00 16.69 ? 234 LEU A CB  1 
ATOM   1217 C  CG  . LEU A 1 152 ? 7.235   -9.210  1.552   1.00 16.15 ? 234 LEU A CG  1 
ATOM   1218 C  CD1 . LEU A 1 152 ? 5.840   -8.593  1.608   1.00 16.40 ? 234 LEU A CD1 1 
ATOM   1219 C  CD2 . LEU A 1 152 ? 8.203   -8.402  0.681   1.00 15.37 ? 234 LEU A CD2 1 
ATOM   1220 N  N   . SER A 1 153 ? 6.077   -12.418 3.027   1.00 12.44 ? 235 SER A N   1 
ATOM   1221 C  CA  . SER A 1 153 ? 6.211   -13.834 2.678   1.00 11.27 ? 235 SER A CA  1 
ATOM   1222 C  C   . SER A 1 153 ? 7.046   -14.064 1.419   1.00 11.12 ? 235 SER A C   1 
ATOM   1223 O  O   . SER A 1 153 ? 7.225   -13.197 0.575   1.00 9.91  ? 235 SER A O   1 
ATOM   1224 C  CB  . SER A 1 153 ? 4.837   -14.512 2.568   1.00 10.36 ? 235 SER A CB  1 
ATOM   1225 O  OG  . SER A 1 153 ? 4.211   -14.193 1.318   1.00 11.44 ? 235 SER A OG  1 
ATOM   1226 N  N   . GLN A 1 154 ? 7.535   -15.316 1.315   1.00 11.58 ? 236 GLN A N   1 
ATOM   1227 C  CA  . GLN A 1 154 ? 8.196   -15.696 0.063   1.00 11.29 ? 236 GLN A CA  1 
ATOM   1228 C  C   . GLN A 1 154 ? 7.303   -15.583 -1.170  1.00 10.62 ? 236 GLN A C   1 
ATOM   1229 O  O   . GLN A 1 154 ? 7.760   -15.261 -2.259  1.00 12.00 ? 236 GLN A O   1 
ATOM   1230 C  CB  . GLN A 1 154 ? 8.801   -17.107 0.186   1.00 10.57 ? 236 GLN A CB  1 
ATOM   1231 C  CG  . GLN A 1 154 ? 9.683   -17.479 -1.013  1.00 12.95 ? 236 GLN A CG  1 
ATOM   1232 C  CD  . GLN A 1 154 ? 10.868  -16.538 -1.054  1.00 11.51 ? 236 GLN A CD  1 
ATOM   1233 O  OE1 . GLN A 1 154 ? 11.461  -16.232 -0.030  1.00 14.86 ? 236 GLN A OE1 1 
ATOM   1234 N  NE2 . GLN A 1 154 ? 11.185  -16.087 -2.281  1.00 12.49 ? 236 GLN A NE2 1 
ATOM   1235 N  N   . ASP A 1 155 ? 6.003   -15.828 -0.936  1.00 9.68  ? 237 ASP A N   1 
ATOM   1236 C  CA  . ASP A 1 155 ? 5.016   -15.645 -1.999  1.00 9.94  ? 237 ASP A CA  1 
ATOM   1237 C  C   . ASP A 1 155 ? 4.925   -14.216 -2.513  1.00 9.57  ? 237 ASP A C   1 
ATOM   1238 O  O   . ASP A 1 155 ? 4.862   -13.984 -3.715  1.00 9.75  ? 237 ASP A O   1 
ATOM   1239 C  CB  . ASP A 1 155 ? 3.637   -16.126 -1.529  1.00 10.28 ? 237 ASP A CB  1 
ATOM   1240 C  CG  . ASP A 1 155 ? 2.639   -16.052 -2.668  1.00 11.84 ? 237 ASP A CG  1 
ATOM   1241 O  OD1 . ASP A 1 155 ? 2.777   -16.828 -3.608  1.00 11.90 ? 237 ASP A OD1 1 
ATOM   1242 O  OD2 . ASP A 1 155 ? 1.747   -15.214 -2.626  1.00 10.31 ? 237 ASP A OD2 1 
ATOM   1243 N  N   . ASP A 1 156 ? 4.951   -13.280 -1.547  1.00 8.88  ? 238 ASP A N   1 
ATOM   1244 C  CA  . ASP A 1 156 ? 4.995   -11.871 -1.966  1.00 8.83  ? 238 ASP A CA  1 
ATOM   1245 C  C   . ASP A 1 156 ? 6.246   -11.454 -2.710  1.00 9.11  ? 238 ASP A C   1 
ATOM   1246 O  O   . ASP A 1 156 ? 6.175   -10.682 -3.666  1.00 10.67 ? 238 ASP A O   1 
ATOM   1247 C  CB  . ASP A 1 156 ? 4.838   -10.928 -0.786  1.00 10.18 ? 238 ASP A CB  1 
ATOM   1248 C  CG  . ASP A 1 156 ? 3.570   -11.188 0.014   1.00 9.58  ? 238 ASP A CG  1 
ATOM   1249 O  OD1 . ASP A 1 156 ? 2.473   -10.977 -0.495  1.00 7.81  ? 238 ASP A OD1 1 
ATOM   1250 O  OD2 . ASP A 1 156 ? 3.700   -11.566 1.170   1.00 11.37 ? 238 ASP A OD2 1 
ATOM   1251 N  N   . ILE A 1 157 ? 7.384   -12.013 -2.225  1.00 8.08  ? 239 ILE A N   1 
ATOM   1252 C  CA  . ILE A 1 157 ? 8.681   -11.755 -2.850  1.00 8.63  ? 239 ILE A CA  1 
ATOM   1253 C  C   . ILE A 1 157 ? 8.736   -12.294 -4.256  1.00 9.65  ? 239 ILE A C   1 
ATOM   1254 O  O   . ILE A 1 157 ? 9.171   -11.622 -5.179  1.00 8.82  ? 239 ILE A O   1 
ATOM   1255 C  CB  . ILE A 1 157 ? 9.825   -12.334 -2.006  1.00 9.53  ? 239 ILE A CB  1 
ATOM   1256 C  CG1 . ILE A 1 157 ? 9.795   -11.653 -0.645  1.00 9.25  ? 239 ILE A CG1 1 
ATOM   1257 C  CG2 . ILE A 1 157 ? 11.194  -12.093 -2.669  1.00 8.91  ? 239 ILE A CG2 1 
ATOM   1258 C  CD1 . ILE A 1 157 ? 10.801  -12.251 0.311   1.00 10.06 ? 239 ILE A CD1 1 
ATOM   1259 N  N   . ASN A 1 158 ? 8.240   -13.541 -4.380  1.00 10.04 ? 240 ASN A N   1 
ATOM   1260 C  CA  . ASN A 1 158 ? 8.104   -14.108 -5.719  1.00 11.06 ? 240 ASN A CA  1 
ATOM   1261 C  C   . ASN A 1 158 ? 7.229   -13.273 -6.654  1.00 11.02 ? 240 ASN A C   1 
ATOM   1262 O  O   . ASN A 1 158 ? 7.573   -13.033 -7.802  1.00 11.83 ? 240 ASN A O   1 
ATOM   1263 C  CB  . ASN A 1 158 ? 7.561   -15.536 -5.675  1.00 10.56 ? 240 ASN A CB  1 
ATOM   1264 C  CG  . ASN A 1 158 ? 8.518   -16.465 -4.971  1.00 11.32 ? 240 ASN A CG  1 
ATOM   1265 O  OD1 . ASN A 1 158 ? 9.707   -16.202 -4.849  1.00 9.98  ? 240 ASN A OD1 1 
ATOM   1266 N  ND2 . ASN A 1 158 ? 7.920   -17.581 -4.515  1.00 8.56  ? 240 ASN A ND2 1 
ATOM   1267 N  N   . GLY A 1 159 ? 6.093   -12.816 -6.107  1.00 10.02 ? 241 GLY A N   1 
ATOM   1268 C  CA  . GLY A 1 159 ? 5.210   -12.031 -6.957  1.00 8.32  ? 241 GLY A CA  1 
ATOM   1269 C  C   . GLY A 1 159 ? 5.837   -10.747 -7.443  1.00 8.30  ? 241 GLY A C   1 
ATOM   1270 O  O   . GLY A 1 159 ? 5.780   -10.416 -8.617  1.00 8.88  ? 241 GLY A O   1 
ATOM   1271 N  N   . ILE A 1 160 ? 6.452   -10.022 -6.491  1.00 7.82  ? 242 ILE A N   1 
ATOM   1272 C  CA  . ILE A 1 160 ? 6.995   -8.718  -6.883  1.00 9.59  ? 242 ILE A CA  1 
ATOM   1273 C  C   . ILE A 1 160 ? 8.255   -8.788  -7.775  1.00 10.25 ? 242 ILE A C   1 
ATOM   1274 O  O   . ILE A 1 160 ? 8.507   -7.937  -8.628  1.00 10.44 ? 242 ILE A O   1 
ATOM   1275 C  CB  . ILE A 1 160 ? 7.210   -7.844  -5.631  1.00 8.68  ? 242 ILE A CB  1 
ATOM   1276 C  CG1 . ILE A 1 160 ? 7.265   -6.343  -5.945  1.00 7.56  ? 242 ILE A CG1 1 
ATOM   1277 C  CG2 . ILE A 1 160 ? 8.459   -8.287  -4.855  1.00 9.08  ? 242 ILE A CG2 1 
ATOM   1278 C  CD1 . ILE A 1 160 ? 5.912   -5.800  -6.411  1.00 7.16  ? 242 ILE A CD1 1 
ATOM   1279 N  N   . GLN A 1 161 ? 9.019   -9.883  -7.547  1.00 10.70 ? 243 GLN A N   1 
ATOM   1280 C  CA  . GLN A 1 161 ? 10.153  -10.130 -8.426  1.00 11.49 ? 243 GLN A CA  1 
ATOM   1281 C  C   . GLN A 1 161 ? 9.742   -10.628 -9.794  1.00 10.37 ? 243 GLN A C   1 
ATOM   1282 O  O   . GLN A 1 161 ? 10.467  -10.463 -10.761 1.00 11.15 ? 243 GLN A O   1 
ATOM   1283 C  CB  . GLN A 1 161 ? 11.158  -11.068 -7.775  1.00 11.94 ? 243 GLN A CB  1 
ATOM   1284 C  CG  . GLN A 1 161 ? 11.752  -10.404 -6.525  1.00 14.32 ? 243 GLN A CG  1 
ATOM   1285 C  CD  . GLN A 1 161 ? 12.829  -11.232 -5.831  1.00 14.64 ? 243 GLN A CD  1 
ATOM   1286 O  OE1 . GLN A 1 161 ? 13.584  -10.705 -5.020  1.00 15.95 ? 243 GLN A OE1 1 
ATOM   1287 N  NE2 . GLN A 1 161 ? 12.881  -12.537 -6.150  1.00 12.61 ? 243 GLN A NE2 1 
ATOM   1288 N  N   . SER A 1 162 ? 8.527   -11.210 -9.834  1.00 9.24  ? 244 SER A N   1 
ATOM   1289 C  CA  . SER A 1 162 ? 7.989   -11.587 -11.135 1.00 10.95 ? 244 SER A CA  1 
ATOM   1290 C  C   . SER A 1 162 ? 7.723   -10.396 -12.041 1.00 10.93 ? 244 SER A C   1 
ATOM   1291 O  O   . SER A 1 162 ? 7.869   -10.479 -13.257 1.00 11.48 ? 244 SER A O   1 
ATOM   1292 C  CB  . SER A 1 162 ? 6.771   -12.508 -11.007 1.00 9.99  ? 244 SER A CB  1 
ATOM   1293 O  OG  . SER A 1 162 ? 5.590   -11.747 -10.789 1.00 10.56 ? 244 SER A OG  1 
ATOM   1294 N  N   . LEU A 1 163 ? 7.377   -9.275  -11.358 1.00 10.82 ? 245 LEU A N   1 
ATOM   1295 C  CA  . LEU A 1 163 ? 7.228   -7.999  -12.069 1.00 10.62 ? 245 LEU A CA  1 
ATOM   1296 C  C   . LEU A 1 163 ? 8.536   -7.261  -12.368 1.00 11.63 ? 245 LEU A C   1 
ATOM   1297 O  O   . LEU A 1 163 ? 8.762   -6.831  -13.493 1.00 13.34 ? 245 LEU A O   1 
ATOM   1298 C  CB  . LEU A 1 163 ? 6.316   -7.081  -11.266 1.00 10.76 ? 245 LEU A CB  1 
ATOM   1299 C  CG  . LEU A 1 163 ? 4.797   -7.137  -11.450 1.00 12.60 ? 245 LEU A CG  1 
ATOM   1300 C  CD1 . LEU A 1 163 ? 4.303   -8.157  -12.460 1.00 14.29 ? 245 LEU A CD1 1 
ATOM   1301 C  CD2 . LEU A 1 163 ? 4.064   -7.140  -10.115 1.00 11.00 ? 245 LEU A CD2 1 
ATOM   1302 N  N   . TYR A 1 164 ? 9.364   -7.104  -11.312 1.00 10.65 ? 246 TYR A N   1 
ATOM   1303 C  CA  . TYR A 1 164 ? 10.490  -6.165  -11.365 1.00 10.81 ? 246 TYR A CA  1 
ATOM   1304 C  C   . TYR A 1 164 ? 11.887  -6.755  -11.211 1.00 11.51 ? 246 TYR A C   1 
ATOM   1305 O  O   . TYR A 1 164 ? 12.888  -6.056  -11.346 1.00 10.70 ? 246 TYR A O   1 
ATOM   1306 C  CB  . TYR A 1 164 ? 10.336  -5.061  -10.300 1.00 9.71  ? 246 TYR A CB  1 
ATOM   1307 C  CG  . TYR A 1 164 ? 9.014   -4.348  -10.448 1.00 8.79  ? 246 TYR A CG  1 
ATOM   1308 C  CD1 . TYR A 1 164 ? 8.854   -3.422  -11.498 1.00 9.12  ? 246 TYR A CD1 1 
ATOM   1309 C  CD2 . TYR A 1 164 ? 7.976   -4.634  -9.543  1.00 8.40  ? 246 TYR A CD2 1 
ATOM   1310 C  CE1 . TYR A 1 164 ? 7.611   -2.787  -11.663 1.00 8.69  ? 246 TYR A CE1 1 
ATOM   1311 C  CE2 . TYR A 1 164 ? 6.730   -4.006  -9.714  1.00 8.38  ? 246 TYR A CE2 1 
ATOM   1312 C  CZ  . TYR A 1 164 ? 6.561   -3.096  -10.784 1.00 8.05  ? 246 TYR A CZ  1 
ATOM   1313 O  OH  . TYR A 1 164 ? 5.337   -2.505  -10.978 1.00 6.44  ? 246 TYR A OH  1 
ATOM   1314 N  N   . GLY A 1 165 ? 11.914  -8.059  -10.905 1.00 11.50 ? 247 GLY A N   1 
ATOM   1315 C  CA  . GLY A 1 165 ? 13.223  -8.681  -10.687 1.00 11.71 ? 247 GLY A CA  1 
ATOM   1316 C  C   . GLY A 1 165 ? 13.678  -8.539  -9.251  1.00 12.58 ? 247 GLY A C   1 
ATOM   1317 O  O   . GLY A 1 165 ? 13.020  -7.895  -8.448  1.00 11.90 ? 247 GLY A O   1 
ATOM   1318 N  N   . PRO A 1 166 ? 14.851  -9.152  -8.953  1.00 13.65 ? 248 PRO A N   1 
ATOM   1319 C  CA  . PRO A 1 166 ? 15.422  -9.093  -7.599  1.00 14.71 ? 248 PRO A CA  1 
ATOM   1320 C  C   . PRO A 1 166 ? 16.222  -7.820  -7.455  1.00 16.24 ? 248 PRO A C   1 
ATOM   1321 O  O   . PRO A 1 166 ? 16.433  -7.131  -8.442  1.00 16.60 ? 248 PRO A O   1 
ATOM   1322 C  CB  . PRO A 1 166 ? 16.296  -10.355 -7.610  1.00 14.54 ? 248 PRO A CB  1 
ATOM   1323 C  CG  . PRO A 1 166 ? 16.813  -10.459 -9.029  1.00 13.43 ? 248 PRO A CG  1 
ATOM   1324 C  CD  . PRO A 1 166 ? 15.649  -9.960  -9.865  1.00 14.75 ? 248 PRO A CD  1 
ATOM   1325 N  N   . PRO A 1 167 ? 16.681  -7.493  -6.218  1.00 16.56 ? 249 PRO A N   1 
ATOM   1326 C  CA  . PRO A 1 167 ? 17.570  -6.329  -6.133  1.00 17.91 ? 249 PRO A CA  1 
ATOM   1327 C  C   . PRO A 1 167 ? 18.882  -6.563  -6.882  1.00 20.10 ? 249 PRO A C   1 
ATOM   1328 O  O   . PRO A 1 167 ? 19.387  -7.679  -6.973  1.00 20.72 ? 249 PRO A O   1 
ATOM   1329 C  CB  . PRO A 1 167 ? 17.695  -6.093  -4.613  1.00 18.32 ? 249 PRO A CB  1 
ATOM   1330 C  CG  . PRO A 1 167 ? 17.279  -7.395  -3.924  1.00 16.73 ? 249 PRO A CG  1 
ATOM   1331 C  CD  . PRO A 1 167 ? 16.385  -8.116  -4.932  1.00 15.95 ? 249 PRO A CD  1 
ATOM   1332 N  N   . PRO A 1 168 ? 19.381  -5.442  -7.487  1.00 21.52 ? 250 PRO A N   1 
ATOM   1333 C  CA  . PRO A 1 168 ? 20.678  -5.426  -8.190  1.00 21.44 ? 250 PRO A CA  1 
ATOM   1334 C  C   . PRO A 1 168 ? 21.878  -5.955  -7.382  1.00 20.13 ? 250 PRO A C   1 
ATOM   1335 O  O   . PRO A 1 168 ? 22.739  -6.597  -7.981  1.00 21.38 ? 250 PRO A O   1 
ATOM   1336 C  CB  . PRO A 1 168 ? 20.842  -3.943  -8.545  1.00 23.57 ? 250 PRO A CB  1 
ATOM   1337 C  CG  . PRO A 1 168 ? 19.424  -3.383  -8.636  1.00 24.80 ? 250 PRO A CG  1 
ATOM   1338 C  CD  . PRO A 1 168 ? 18.710  -4.143  -7.532  1.00 22.81 ? 250 PRO A CD  1 
ATOM   1339 O  OXT . PRO A 1 168 ? 21.934  -5.730  -6.168  1.00 22.51 ? 250 PRO A OXT 1 
HETATM 1340 ZN ZN  . ZN  B 2 .   ? -6.021  -5.927  -1.312  1.00 10.49 ? 301 ZN  A ZN  1 
HETATM 1341 ZN ZN  . ZN  C 2 .   ? -10.474 5.847   -3.702  1.00 10.96 ? 302 ZN  A ZN  1 
HETATM 1342 CA CA  . CA  D 3 .   ? -14.578 1.432   5.693   1.00 11.57 ? 303 CA  A CA  1 
HETATM 1343 CA CA  . CA  E 3 .   ? -0.881  7.827   -9.876  1.00 6.62  ? 304 CA  A CA  1 
HETATM 1344 CA CA  . CA  F 3 .   ? -9.860  8.014   10.734  1.00 21.54 ? 305 CA  A CA  1 
HETATM 1345 S  S   . SO4 G 4 .   ? 1.090   16.892  13.615  0.50 4.24  ? 306 SO4 A S   1 
HETATM 1346 O  O1  . SO4 G 4 .   ? 1.232   17.345  14.951  0.50 14.78 ? 306 SO4 A O1  1 
HETATM 1347 O  O2  . SO4 G 4 .   ? 0.349   15.682  13.594  0.50 11.80 ? 306 SO4 A O2  1 
HETATM 1348 O  O3  . SO4 G 4 .   ? 2.365   16.642  13.044  0.50 14.46 ? 306 SO4 A O3  1 
HETATM 1349 O  O4  . SO4 G 4 .   ? 0.414   17.893  12.862  0.50 14.02 ? 306 SO4 A O4  1 
HETATM 1350 N  N1  . DPS H 5 .   ? -4.581  -6.920  4.690   1.00 11.18 ? 307 DPS A N1  1 
HETATM 1351 C  C2  . DPS H 5 .   ? -6.750  -7.113  3.606   1.00 9.86  ? 307 DPS A C2  1 
HETATM 1352 C  C3  . DPS H 5 .   ? -7.914  -6.516  3.098   1.00 9.99  ? 307 DPS A C3  1 
HETATM 1353 C  C4  . DPS H 5 .   ? -8.038  -5.114  3.172   1.00 11.17 ? 307 DPS A C4  1 
HETATM 1354 C  C5  . DPS H 5 .   ? -6.983  -4.305  3.639   1.00 8.89  ? 307 DPS A C5  1 
HETATM 1355 N  N7  . DPS H 5 .   ? -11.845 -5.741  -2.570  1.00 22.83 ? 307 DPS A N7  1 
HETATM 1356 C  C8  . DPS H 5 .   ? -9.085  -3.466  0.151   1.00 10.61 ? 307 DPS A C8  1 
HETATM 1357 C  C10 . DPS H 5 .   ? 0.903   -10.045 8.128   1.00 11.91 ? 307 DPS A C10 1 
HETATM 1358 C  C11 . DPS H 5 .   ? -2.420  -8.199  6.164   1.00 10.57 ? 307 DPS A C11 1 
HETATM 1359 C  C12 . DPS H 5 .   ? 0.189   -9.015  8.785   1.00 11.84 ? 307 DPS A C12 1 
HETATM 1360 O  O1  . DPS H 5 .   ? -9.495  -2.969  3.096   1.00 9.65  ? 307 DPS A O1  1 
HETATM 1361 O  O2  . DPS H 5 .   ? -10.652 -5.135  3.255   1.00 13.10 ? 307 DPS A O2  1 
HETATM 1362 C  C1  . DPS H 5 .   ? -5.715  -6.322  4.168   1.00 10.10 ? 307 DPS A C1  1 
HETATM 1363 C  C6  . DPS H 5 .   ? -5.823  -4.911  4.137   1.00 10.59 ? 307 DPS A C6  1 
HETATM 1364 S  S   . DPS H 5 .   ? -9.581  -4.356  2.738   1.00 10.34 ? 307 DPS A S   1 
HETATM 1365 C  C7  . DPS H 5 .   ? -3.458  -9.075  5.480   1.00 11.18 ? 307 DPS A C7  1 
HETATM 1366 C  C13 . DPS H 5 .   ? -2.664  -6.716  6.358   1.00 8.35  ? 307 DPS A C13 1 
HETATM 1367 C  C15 . DPS H 5 .   ? -3.484  -6.093  5.232   1.00 8.61  ? 307 DPS A C15 1 
HETATM 1368 C  C18 . DPS H 5 .   ? -4.348  -8.362  4.459   1.00 9.87  ? 307 DPS A C18 1 
HETATM 1369 C  C14 . DPS H 5 .   ? -0.898  -8.405  8.124   1.00 10.89 ? 307 DPS A C14 1 
HETATM 1370 C  C16 . DPS H 5 .   ? -1.261  -8.829  6.823   1.00 10.75 ? 307 DPS A C16 1 
HETATM 1371 C  C17 . DPS H 5 .   ? -0.536  -9.855  6.171   1.00 10.35 ? 307 DPS A C17 1 
HETATM 1372 C  C19 . DPS H 5 .   ? 0.553   -10.468 6.824   1.00 12.77 ? 307 DPS A C19 1 
HETATM 1373 N  N   . DPS H 5 .   ? -9.848  -4.353  1.037   1.00 11.35 ? 307 DPS A N   1 
HETATM 1374 C  C20 . DPS H 5 .   ? -9.994  -2.925  -0.980  1.00 13.57 ? 307 DPS A C20 1 
HETATM 1375 C  C9  . DPS H 5 .   ? -7.857  -4.176  -0.351  1.00 11.18 ? 307 DPS A C9  1 
HETATM 1376 O  O3  . DPS H 5 .   ? -6.714  -3.499  -0.626  1.00 8.23  ? 307 DPS A O3  1 
HETATM 1377 O  O4  . DPS H 5 .   ? -7.867  -5.350  -0.533  1.00 11.33 ? 307 DPS A O4  1 
HETATM 1378 C  C21 . DPS H 5 .   ? -9.261  -6.089  -5.325  1.00 23.49 ? 307 DPS A C21 1 
HETATM 1379 C  C22 . DPS H 5 .   ? -10.432 -6.416  -4.609  1.00 24.11 ? 307 DPS A C22 1 
HETATM 1380 C  C23 . DPS H 5 .   ? -10.782 -5.660  -3.466  1.00 22.16 ? 307 DPS A C23 1 
HETATM 1381 C  C24 . DPS H 5 .   ? -9.948  -4.571  -3.055  1.00 21.00 ? 307 DPS A C24 1 
HETATM 1382 C  C25 . DPS H 5 .   ? -8.777  -4.254  -3.784  1.00 23.40 ? 307 DPS A C25 1 
HETATM 1383 C  C26 . DPS H 5 .   ? -8.438  -5.014  -4.924  1.00 24.49 ? 307 DPS A C26 1 
HETATM 1384 C  C27 . DPS H 5 .   ? -11.704 -4.774  -1.624  1.00 20.90 ? 307 DPS A C27 1 
HETATM 1385 C  C28 . DPS H 5 .   ? -10.544 -4.021  -1.858  1.00 19.33 ? 307 DPS A C28 1 
HETATM 1386 O  O   . HOH I 6 .   ? -10.749 9.924   12.115  1.00 8.12  ? 401 HOH A O   1 
HETATM 1387 O  O   . HOH I 6 .   ? -11.421 11.792  9.540   1.00 11.36 ? 402 HOH A O   1 
HETATM 1388 O  O   . HOH I 6 .   ? 0.476   7.440   -12.013 1.00 6.72  ? 403 HOH A O   1 
HETATM 1389 O  O   . HOH I 6 .   ? -0.264  10.265  -10.194 1.00 7.09  ? 404 HOH A O   1 
HETATM 1390 O  O   . HOH I 6 .   ? -7.160  -2.805  -6.776  1.00 42.49 ? 405 HOH A O   1 
HETATM 1391 O  O   . HOH I 6 .   ? -12.989 -5.120  7.326   1.00 24.30 ? 406 HOH A O   1 
HETATM 1392 O  O   . HOH I 6 .   ? -10.179 -1.001  -5.537  1.00 29.25 ? 407 HOH A O   1 
HETATM 1393 O  O   . HOH I 6 .   ? -6.025  9.797   -6.446  1.00 8.12  ? 408 HOH A O   1 
HETATM 1394 O  O   . HOH I 6 .   ? -4.297  9.598   -3.325  1.00 9.83  ? 409 HOH A O   1 
HETATM 1395 O  O   . HOH I 6 .   ? 3.115   10.149  -12.495 1.00 41.19 ? 410 HOH A O   1 
HETATM 1396 O  O   . HOH I 6 .   ? -3.334  6.182   18.576  1.00 8.06  ? 411 HOH A O   1 
HETATM 1397 O  O   . HOH I 6 .   ? 3.181   15.619  2.552   1.00 16.32 ? 412 HOH A O   1 
HETATM 1398 O  O   . HOH I 6 .   ? 4.605   14.116  0.037   1.00 5.60  ? 413 HOH A O   1 
HETATM 1399 O  O   . HOH I 6 .   ? -15.975 6.184   4.567   1.00 6.09  ? 414 HOH A O   1 
HETATM 1400 O  O   . HOH I 6 .   ? -15.130 7.718   -4.435  1.00 6.85  ? 415 HOH A O   1 
HETATM 1401 O  O   . HOH I 6 .   ? -7.122  -12.993 7.232   1.00 34.46 ? 416 HOH A O   1 
HETATM 1402 O  O   . HOH I 6 .   ? -1.924  -12.759 5.566   1.00 8.75  ? 417 HOH A O   1 
HETATM 1403 O  O   . HOH I 6 .   ? -6.510  -9.783  13.690  1.00 23.06 ? 418 HOH A O   1 
HETATM 1404 O  O   . HOH I 6 .   ? 4.042   -11.940 8.958   1.00 18.83 ? 419 HOH A O   1 
HETATM 1405 O  O   . HOH I 6 .   ? -3.723  11.174  -9.138  1.00 7.67  ? 420 HOH A O   1 
HETATM 1406 O  O   . HOH I 6 .   ? -13.190 -0.183  -2.436  1.00 13.64 ? 421 HOH A O   1 
HETATM 1407 O  O   . HOH I 6 .   ? -1.569  12.507  10.530  1.00 8.98  ? 422 HOH A O   1 
HETATM 1408 O  O   . HOH I 6 .   ? 1.741   16.794  -0.479  1.00 12.20 ? 423 HOH A O   1 
HETATM 1409 O  O   . HOH I 6 .   ? 3.920   18.667  1.395   1.00 13.72 ? 424 HOH A O   1 
HETATM 1410 O  O   . HOH I 6 .   ? 2.895   -0.262  13.351  1.00 13.62 ? 425 HOH A O   1 
HETATM 1411 O  O   . HOH I 6 .   ? 0.766   1.840   11.764  1.00 14.35 ? 426 HOH A O   1 
HETATM 1412 O  O   . HOH I 6 .   ? 11.218  7.648   0.746   1.00 49.02 ? 427 HOH A O   1 
HETATM 1413 O  O   . HOH I 6 .   ? 12.190  10.906  2.144   1.00 38.86 ? 428 HOH A O   1 
HETATM 1414 O  O   . HOH I 6 .   ? 12.153  16.999  -3.921  1.00 48.21 ? 429 HOH A O   1 
HETATM 1415 O  O   . HOH I 6 .   ? 8.808   17.998  -3.974  1.00 12.23 ? 430 HOH A O   1 
HETATM 1416 O  O   . HOH I 6 .   ? -0.282  -6.475  -12.382 1.00 9.91  ? 431 HOH A O   1 
HETATM 1417 O  O   . HOH I 6 .   ? -0.499  -11.559 -4.961  1.00 10.04 ? 432 HOH A O   1 
HETATM 1418 O  O   . HOH I 6 .   ? 4.504   -5.137  18.931  1.00 35.69 ? 433 HOH A O   1 
HETATM 1419 O  O   . HOH I 6 .   ? 9.523   -7.895  5.747   1.00 39.54 ? 434 HOH A O   1 
HETATM 1420 O  O   . HOH I 6 .   ? 10.874  -6.920  2.587   1.00 14.67 ? 435 HOH A O   1 
HETATM 1421 O  O   . HOH I 6 .   ? -3.973  12.671  -4.678  1.00 32.27 ? 436 HOH A O   1 
HETATM 1422 O  O   . HOH I 6 .   ? -5.131  13.722  -7.618  1.00 19.01 ? 437 HOH A O   1 
HETATM 1423 O  O   . HOH I 6 .   ? -3.671  16.274  -9.822  1.00 41.70 ? 438 HOH A O   1 
HETATM 1424 O  O   . HOH I 6 .   ? -8.885  10.101  -1.911  1.00 36.70 ? 439 HOH A O   1 
HETATM 1425 O  O   . HOH I 6 .   ? 5.521   -17.919 1.366   1.00 18.63 ? 440 HOH A O   1 
HETATM 1426 O  O   . HOH I 6 .   ? -11.227 1.098   12.627  1.00 19.54 ? 441 HOH A O   1 
HETATM 1427 O  O   . HOH I 6 .   ? -9.507  10.483  -5.397  1.00 25.23 ? 442 HOH A O   1 
HETATM 1428 O  O   . HOH I 6 .   ? 1.847   -12.448 -2.767  1.00 8.34  ? 443 HOH A O   1 
HETATM 1429 O  O   . HOH I 6 .   ? 5.844   -9.665  -15.581 1.00 52.03 ? 444 HOH A O   1 
HETATM 1430 O  O   . HOH I 6 .   ? 5.157   3.264   -16.135 1.00 16.16 ? 445 HOH A O   1 
HETATM 1431 O  O   . HOH I 6 .   ? 4.144   14.461  13.891  1.00 9.14  ? 446 HOH A O   1 
HETATM 1432 O  O   . HOH I 6 .   ? 6.567   15.289  11.863  1.00 10.75 ? 447 HOH A O   1 
HETATM 1433 O  O   . HOH I 6 .   ? -4.018  13.191  16.968  1.00 50.54 ? 448 HOH A O   1 
HETATM 1434 O  O   . HOH I 6 .   ? -5.372  5.918   16.730  1.00 17.45 ? 449 HOH A O   1 
HETATM 1435 O  O   . HOH I 6 .   ? -1.755  3.845   17.923  1.00 8.98  ? 450 HOH A O   1 
HETATM 1436 O  O   . HOH I 6 .   ? -3.261  -8.179  17.002  1.00 31.09 ? 451 HOH A O   1 
HETATM 1437 O  O   . HOH I 6 .   ? -2.827  16.783  -13.164 1.00 45.40 ? 452 HOH A O   1 
HETATM 1438 O  O   . HOH I 6 .   ? -12.784 -1.744  10.956  1.00 47.66 ? 453 HOH A O   1 
HETATM 1439 O  O   . HOH I 6 .   ? -19.121 0.091   6.846   1.00 15.45 ? 454 HOH A O   1 
HETATM 1440 O  O   . HOH I 6 .   ? -8.820  9.794   16.515  1.00 23.66 ? 455 HOH A O   1 
HETATM 1441 O  O   . HOH I 6 .   ? -2.491  8.907   18.053  1.00 12.07 ? 456 HOH A O   1 
HETATM 1442 O  O   . HOH I 6 .   ? 0.516   -13.819 8.489   1.00 33.47 ? 457 HOH A O   1 
HETATM 1443 O  O   . HOH I 6 .   ? 14.281  3.340   -14.537 1.00 24.69 ? 458 HOH A O   1 
HETATM 1444 O  O   . HOH I 6 .   ? 3.052   4.226   12.398  1.00 19.61 ? 459 HOH A O   1 
HETATM 1445 O  O   . HOH I 6 .   ? -6.642  -1.235  -10.725 1.00 20.79 ? 460 HOH A O   1 
HETATM 1446 O  O   . HOH I 6 .   ? 12.468  4.079   5.382   1.00 40.77 ? 461 HOH A O   1 
HETATM 1447 O  O   . HOH I 6 .   ? 4.869   -18.204 -4.909  1.00 15.81 ? 462 HOH A O   1 
HETATM 1448 O  O   . HOH I 6 .   ? 3.596   -6.621  -17.670 1.00 9.76  ? 463 HOH A O   1 
HETATM 1449 O  O   . HOH I 6 .   ? -13.646 12.340  1.111   1.00 20.81 ? 464 HOH A O   1 
HETATM 1450 O  O   . HOH I 6 .   ? -15.449 1.276   -0.466  1.00 19.43 ? 465 HOH A O   1 
HETATM 1451 O  O   . HOH I 6 .   ? 14.367  10.641  -1.500  1.00 48.81 ? 466 HOH A O   1 
HETATM 1452 O  O   . HOH I 6 .   ? -1.618  -17.330 -4.878  1.00 7.72  ? 467 HOH A O   1 
HETATM 1453 O  O   . HOH I 6 .   ? -8.801  1.094   15.329  1.00 20.10 ? 468 HOH A O   1 
HETATM 1454 O  O   . HOH I 6 .   ? 8.236   10.143  4.001   1.00 16.47 ? 469 HOH A O   1 
HETATM 1455 O  O   . HOH I 6 .   ? -9.546  -3.317  11.490  1.00 43.18 ? 470 HOH A O   1 
HETATM 1456 O  O   . HOH I 6 .   ? -9.934  -7.523  -0.031  1.00 14.86 ? 471 HOH A O   1 
HETATM 1457 O  O   . HOH I 6 .   ? 3.661   -11.624 4.690   1.00 28.05 ? 472 HOH A O   1 
HETATM 1458 O  O   . HOH I 6 .   ? -20.677 4.671   0.369   1.00 28.64 ? 473 HOH A O   1 
HETATM 1459 O  O   . HOH I 6 .   ? -11.608 -6.126  10.482  1.00 60.99 ? 474 HOH A O   1 
HETATM 1460 O  O   . HOH I 6 .   ? 1.912   -18.248 -7.624  1.00 19.60 ? 475 HOH A O   1 
HETATM 1461 O  O   . HOH I 6 .   ? 6.953   11.650  -10.627 1.00 30.18 ? 476 HOH A O   1 
HETATM 1462 O  O   . HOH I 6 .   ? -6.952  9.244   -13.835 1.00 25.65 ? 477 HOH A O   1 
HETATM 1463 O  O   . HOH I 6 .   ? -0.806  18.383  -8.913  1.00 54.58 ? 478 HOH A O   1 
HETATM 1464 O  O   . HOH I 6 .   ? -8.734  13.056  0.362   1.00 23.33 ? 479 HOH A O   1 
HETATM 1465 O  O   . HOH I 6 .   ? 6.271   6.250   14.284  1.00 33.50 ? 480 HOH A O   1 
HETATM 1466 O  O   . HOH I 6 .   ? -17.970 0.961   -3.598  1.00 38.55 ? 481 HOH A O   1 
HETATM 1467 O  O   . HOH I 6 .   ? -18.057 -1.050  0.086   1.00 39.53 ? 482 HOH A O   1 
HETATM 1468 O  O   . HOH I 6 .   ? 15.820  -1.259  -4.387  1.00 16.85 ? 483 HOH A O   1 
HETATM 1469 O  O   . HOH I 6 .   ? 9.542   -10.276 19.919  1.00 70.93 ? 484 HOH A O   1 
HETATM 1470 O  O   . HOH I 6 .   ? 9.470   20.042  -6.780  1.00 40.72 ? 485 HOH A O   1 
HETATM 1471 O  O   . HOH I 6 .   ? -5.985  11.982  -11.681 1.00 35.44 ? 486 HOH A O   1 
HETATM 1472 O  O   . HOH I 6 .   ? 13.569  14.183  -4.492  1.00 61.91 ? 487 HOH A O   1 
HETATM 1473 O  O   . HOH I 6 .   ? -10.633 -7.541  4.864   1.00 14.03 ? 488 HOH A O   1 
HETATM 1474 O  O   . HOH I 6 .   ? 11.030  4.021   2.024   1.00 34.19 ? 489 HOH A O   1 
HETATM 1475 O  O   . HOH I 6 .   ? -3.287  -11.282 -17.815 1.00 24.07 ? 490 HOH A O   1 
HETATM 1476 O  O   . HOH I 6 .   ? -14.188 3.128   13.213  1.00 21.00 ? 491 HOH A O   1 
HETATM 1477 O  O   . HOH I 6 .   ? 12.442  14.082  -1.542  1.00 25.43 ? 492 HOH A O   1 
HETATM 1478 O  O   . HOH I 6 .   ? -11.908 4.639   -10.017 1.00 40.34 ? 493 HOH A O   1 
HETATM 1479 O  O   . HOH I 6 .   ? -10.329 -10.495 -4.370  1.00 40.62 ? 494 HOH A O   1 
HETATM 1480 O  O   . HOH I 6 .   ? 8.254   -12.831 -14.830 1.00 35.18 ? 495 HOH A O   1 
HETATM 1481 O  O   . HOH I 6 .   ? -2.345  -20.845 2.325   1.00 19.73 ? 496 HOH A O   1 
HETATM 1482 O  O   . HOH I 6 .   ? -20.321 10.845  0.387   1.00 26.04 ? 497 HOH A O   1 
HETATM 1483 O  O   . HOH I 6 .   ? 10.633  4.739   8.503   1.00 31.09 ? 498 HOH A O   1 
HETATM 1484 O  O   . HOH I 6 .   ? -12.349 8.905   16.278  1.00 45.26 ? 499 HOH A O   1 
HETATM 1485 O  O   . HOH I 6 .   ? 1.962   21.571  -2.233  1.00 33.68 ? 500 HOH A O   1 
HETATM 1486 O  O   . HOH I 6 .   ? 6.696   18.891  11.120  1.00 52.10 ? 501 HOH A O   1 
HETATM 1487 O  O   . HOH I 6 .   ? 4.482   -9.621  -19.045 1.00 30.00 ? 502 HOH A O   1 
HETATM 1488 O  O   . HOH I 6 .   ? -2.771  -11.494 -14.167 1.00 25.47 ? 503 HOH A O   1 
HETATM 1489 O  O   . HOH I 6 .   ? -9.108  -11.990 -19.500 1.00 36.61 ? 504 HOH A O   1 
HETATM 1490 O  O   . HOH I 6 .   ? 18.372  -6.427  -10.464 1.00 45.75 ? 505 HOH A O   1 
HETATM 1491 O  O   . HOH I 6 .   ? -17.504 12.652  1.036   1.00 14.90 ? 506 HOH A O   1 
HETATM 1492 O  O   . HOH I 6 .   ? -4.744  -15.434 7.469   1.00 31.58 ? 507 HOH A O   1 
HETATM 1493 O  O   . HOH I 6 .   ? 0.642   13.287  19.345  1.00 77.84 ? 508 HOH A O   1 
HETATM 1494 O  O   . HOH I 6 .   ? 20.257  -9.727  -8.605  1.00 32.99 ? 509 HOH A O   1 
HETATM 1495 O  O   . HOH I 6 .   ? 4.951   7.705   20.067  1.00 37.81 ? 510 HOH A O   1 
HETATM 1496 O  O   . HOH I 6 .   ? -2.468  -14.855 10.250  1.00 75.37 ? 511 HOH A O   1 
HETATM 1497 O  O   . HOH I 6 .   ? 3.984   11.457  19.040  1.00 66.10 ? 512 HOH A O   1 
HETATM 1498 O  O   . HOH I 6 .   ? -6.243  -14.013 11.007  1.00 36.98 ? 513 HOH A O   1 
HETATM 1499 O  O   . HOH I 6 .   ? 10.509  -6.874  9.021   1.00 40.82 ? 514 HOH A O   1 
HETATM 1500 O  O   . HOH I 6 .   ? -0.116  10.981  -13.929 1.00 17.24 ? 515 HOH A O   1 
HETATM 1501 O  O   . HOH I 6 .   ? 4.137   18.735  13.534  1.00 59.08 ? 516 HOH A O   1 
HETATM 1502 O  O   . HOH I 6 .   ? 18.644  -0.963  -6.287  1.00 31.96 ? 517 HOH A O   1 
HETATM 1503 O  O   . HOH I 6 .   ? 10.816  -11.312 4.415   1.00 23.23 ? 518 HOH A O   1 
HETATM 1504 O  O   . HOH I 6 .   ? 4.186   8.797   16.640  1.00 33.72 ? 519 HOH A O   1 
HETATM 1505 O  O   . HOH I 6 .   ? -3.386  -3.657  14.746  1.00 14.05 ? 520 HOH A O   1 
HETATM 1506 O  O   . HOH I 6 .   ? -0.693  -21.625 5.420   1.00 19.08 ? 521 HOH A O   1 
HETATM 1507 O  O   . HOH I 6 .   ? -9.667  10.692  -9.221  1.00 29.03 ? 522 HOH A O   1 
HETATM 1508 O  O   . HOH I 6 .   ? 2.047   -20.372 3.787   1.00 18.57 ? 523 HOH A O   1 
HETATM 1509 O  O   . HOH I 6 .   ? 10.046  -1.752  6.433   1.00 22.59 ? 524 HOH A O   1 
HETATM 1510 O  O   . HOH I 6 .   ? 0.953   -13.090 -13.272 1.00 26.09 ? 525 HOH A O   1 
HETATM 1511 O  O   . HOH I 6 .   ? -1.566  -18.069 8.076   1.00 32.06 ? 526 HOH A O   1 
HETATM 1512 O  O   . HOH I 6 .   ? 4.267   -12.001 -13.285 1.00 16.61 ? 527 HOH A O   1 
HETATM 1513 O  O   . HOH I 6 .   ? 13.259  -9.585  2.464   1.00 31.80 ? 528 HOH A O   1 
HETATM 1514 O  O   . HOH I 6 .   ? 9.721   -14.436 -9.089  1.00 17.99 ? 529 HOH A O   1 
HETATM 1515 O  O   . HOH I 6 .   ? -5.938  14.968  -0.768  1.00 89.60 ? 530 HOH A O   1 
HETATM 1516 O  O   . HOH I 6 .   ? 6.453   16.840  15.466  1.00 24.08 ? 531 HOH A O   1 
HETATM 1517 O  O   . HOH I 6 .   ? -18.379 7.351   -7.423  1.00 23.21 ? 532 HOH A O   1 
HETATM 1518 O  O   . HOH I 6 .   ? -6.991  12.753  -3.150  1.00 44.89 ? 533 HOH A O   1 
HETATM 1519 O  O   . HOH I 6 .   ? 6.844   17.854  -8.115  1.00 17.99 ? 534 HOH A O   1 
HETATM 1520 O  O   . HOH I 6 .   ? -15.409 -2.644  -3.521  1.00 46.03 ? 535 HOH A O   1 
HETATM 1521 O  O   . HOH I 6 .   ? 11.589  -4.860  6.067   1.00 52.05 ? 536 HOH A O   1 
HETATM 1522 O  O   . HOH I 6 .   ? -12.596 -3.471  -5.720  1.00 48.03 ? 537 HOH A O   1 
HETATM 1523 O  O   . HOH I 6 .   ? -4.368  17.915  0.580   1.00 43.16 ? 538 HOH A O   1 
HETATM 1524 O  O   . HOH I 6 .   ? -8.532  -20.009 3.356   1.00 35.03 ? 539 HOH A O   1 
HETATM 1525 O  O   . HOH I 6 .   ? 11.988  8.034   -12.961 1.00 35.58 ? 540 HOH A O   1 
HETATM 1526 O  O   . HOH I 6 .   ? -6.427  -19.545 0.370   1.00 26.10 ? 541 HOH A O   1 
HETATM 1527 O  O   . HOH I 6 .   ? 1.087   -16.392 -10.850 1.00 34.69 ? 542 HOH A O   1 
HETATM 1528 O  O   . HOH I 6 .   ? -12.162 5.190   17.317  1.00 48.25 ? 543 HOH A O   1 
HETATM 1529 O  O   . HOH I 6 .   ? -12.160 14.136  -1.362  1.00 28.80 ? 544 HOH A O   1 
HETATM 1530 O  O   . HOH I 6 .   ? 5.666   -14.525 6.711   1.00 52.73 ? 545 HOH A O   1 
HETATM 1531 O  O   . HOH I 6 .   ? -9.904  -1.243  -8.987  1.00 38.36 ? 546 HOH A O   1 
HETATM 1532 O  O   . HOH I 6 .   ? -0.696  -13.017 15.364  1.00 26.07 ? 547 HOH A O   1 
# 
loop_
_pdbx_poly_seq_scheme.asym_id 
_pdbx_poly_seq_scheme.entity_id 
_pdbx_poly_seq_scheme.seq_id 
_pdbx_poly_seq_scheme.mon_id 
_pdbx_poly_seq_scheme.ndb_seq_num 
_pdbx_poly_seq_scheme.pdb_seq_num 
_pdbx_poly_seq_scheme.auth_seq_num 
_pdbx_poly_seq_scheme.pdb_mon_id 
_pdbx_poly_seq_scheme.auth_mon_id 
_pdbx_poly_seq_scheme.pdb_strand_id 
_pdbx_poly_seq_scheme.pdb_ins_code 
_pdbx_poly_seq_scheme.hetero 
A 1 1   PHE 1   83  83  PHE PHE A . n 
A 1 2   ARG 2   84  84  ARG ARG A . n 
A 1 3   THR 3   85  85  THR THR A . n 
A 1 4   PHE 4   86  86  PHE PHE A . n 
A 1 5   PRO 5   87  87  PRO PRO A . n 
A 1 6   GLY 6   88  88  GLY GLY A . n 
A 1 7   ILE 7   89  89  ILE ILE A . n 
A 1 8   PRO 8   90  90  PRO PRO A . n 
A 1 9   LYS 9   91  91  LYS LYS A . n 
A 1 10  TRP 10  92  92  TRP TRP A . n 
A 1 11  ARG 11  93  93  ARG ARG A . n 
A 1 12  LYS 12  94  94  LYS LYS A . n 
A 1 13  THR 13  95  95  THR THR A . n 
A 1 14  HIS 14  96  96  HIS HIS A . n 
A 1 15  LEU 15  97  97  LEU LEU A . n 
A 1 16  THR 16  98  98  THR THR A . n 
A 1 17  TYR 17  99  99  TYR TYR A . n 
A 1 18  ARG 18  100 100 ARG ARG A . n 
A 1 19  ILE 19  101 101 ILE ILE A . n 
A 1 20  VAL 20  102 102 VAL VAL A . n 
A 1 21  ASN 21  103 103 ASN ASN A . n 
A 1 22  TYR 22  104 104 TYR TYR A . n 
A 1 23  THR 23  105 105 THR THR A . n 
A 1 24  PRO 24  106 106 PRO PRO A . n 
A 1 25  ASP 25  107 107 ASP ASP A . n 
A 1 26  LEU 26  108 108 LEU LEU A . n 
A 1 27  PRO 27  109 109 PRO PRO A . n 
A 1 28  LYS 28  110 110 LYS LYS A . n 
A 1 29  ASP 29  111 111 ASP ASP A . n 
A 1 30  ALA 30  112 112 ALA ALA A . n 
A 1 31  VAL 31  113 113 VAL VAL A . n 
A 1 32  ASP 32  114 114 ASP ASP A . n 
A 1 33  SER 33  115 115 SER SER A . n 
A 1 34  ALA 34  116 116 ALA ALA A . n 
A 1 35  VAL 35  117 117 VAL VAL A . n 
A 1 36  GLU 36  118 118 GLU GLU A . n 
A 1 37  LYS 37  119 119 LYS LYS A . n 
A 1 38  ALA 38  120 120 ALA ALA A . n 
A 1 39  LEU 39  121 121 LEU LEU A . n 
A 1 40  LYS 40  122 122 LYS LYS A . n 
A 1 41  VAL 41  123 123 VAL VAL A . n 
A 1 42  TRP 42  124 124 TRP TRP A . n 
A 1 43  GLU 43  125 125 GLU GLU A . n 
A 1 44  GLU 44  126 126 GLU GLU A . n 
A 1 45  VAL 45  127 127 VAL VAL A . n 
A 1 46  THR 46  128 128 THR THR A . n 
A 1 47  PRO 47  129 129 PRO PRO A . n 
A 1 48  LEU 48  130 130 LEU LEU A . n 
A 1 49  THR 49  131 131 THR THR A . n 
A 1 50  PHE 50  132 132 PHE PHE A . n 
A 1 51  SER 51  133 133 SER SER A . n 
A 1 52  ARG 52  134 134 ARG ARG A . n 
A 1 53  LEU 53  135 135 LEU LEU A . n 
A 1 54  TYR 54  136 136 TYR TYR A . n 
A 1 55  GLU 55  137 137 GLU GLU A . n 
A 1 56  GLY 56  138 138 GLY GLY A . n 
A 1 57  GLU 57  139 139 GLU GLU A . n 
A 1 58  ALA 58  140 140 ALA ALA A . n 
A 1 59  ASP 59  141 141 ASP ASP A . n 
A 1 60  ILE 60  142 142 ILE ILE A . n 
A 1 61  MET 61  143 143 MET MET A . n 
A 1 62  ILE 62  144 144 ILE ILE A . n 
A 1 63  SER 63  145 145 SER SER A . n 
A 1 64  PHE 64  146 146 PHE PHE A . n 
A 1 65  ALA 65  147 147 ALA ALA A . n 
A 1 66  VAL 66  148 148 VAL VAL A . n 
A 1 67  ARG 67  149 149 ARG ARG A . n 
A 1 68  GLU 68  150 150 GLU GLU A . n 
A 1 69  HIS 69  151 151 HIS HIS A . n 
A 1 70  GLY 70  152 152 GLY GLY A . n 
A 1 71  ASP 71  153 153 ASP ASP A . n 
A 1 72  PHE 72  154 154 PHE PHE A . n 
A 1 73  TYR 73  155 155 TYR TYR A . n 
A 1 74  PRO 74  156 156 PRO PRO A . n 
A 1 75  PHE 75  157 157 PHE PHE A . n 
A 1 76  ASP 76  158 158 ASP ASP A . n 
A 1 77  GLY 77  159 159 GLY GLY A . n 
A 1 78  PRO 78  160 160 PRO PRO A . n 
A 1 79  GLY 79  161 161 GLY GLY A . n 
A 1 80  ASN 80  162 162 ASN ASN A . n 
A 1 81  VAL 81  163 163 VAL VAL A . n 
A 1 82  LEU 82  164 164 LEU LEU A . n 
A 1 83  ALA 83  165 165 ALA ALA A . n 
A 1 84  HIS 84  166 166 HIS HIS A . n 
A 1 85  ALA 85  167 167 ALA ALA A . n 
A 1 86  TYR 86  168 168 TYR TYR A . n 
A 1 87  ALA 87  169 169 ALA ALA A . n 
A 1 88  PRO 88  170 170 PRO PRO A . n 
A 1 89  GLY 89  171 171 GLY GLY A . n 
A 1 90  PRO 90  172 172 PRO PRO A . n 
A 1 91  GLY 91  173 173 GLY GLY A . n 
A 1 92  ILE 92  174 174 ILE ILE A . n 
A 1 93  ASN 93  175 175 ASN ASN A . n 
A 1 94  GLY 94  176 176 GLY GLY A . n 
A 1 95  ASP 95  177 177 ASP ASP A . n 
A 1 96  ALA 96  178 178 ALA ALA A . n 
A 1 97  HIS 97  179 179 HIS HIS A . n 
A 1 98  PHE 98  180 180 PHE PHE A . n 
A 1 99  ASP 99  181 181 ASP ASP A . n 
A 1 100 ASP 100 182 182 ASP ASP A . n 
A 1 101 ASP 101 183 183 ASP ASP A . n 
A 1 102 GLU 102 184 184 GLU GLU A . n 
A 1 103 GLN 103 185 185 GLN GLN A . n 
A 1 104 TRP 104 186 186 TRP TRP A . n 
A 1 105 THR 105 187 187 THR THR A . n 
A 1 106 LYS 106 188 188 LYS LYS A . n 
A 1 107 ASP 107 189 189 ASP ASP A . n 
A 1 108 THR 108 190 190 THR THR A . n 
A 1 109 THR 109 191 191 THR THR A . n 
A 1 110 GLY 110 192 192 GLY GLY A . n 
A 1 111 THR 111 193 193 THR THR A . n 
A 1 112 ASN 112 194 194 ASN ASN A . n 
A 1 113 LEU 113 195 195 LEU LEU A . n 
A 1 114 PHE 114 196 196 PHE PHE A . n 
A 1 115 LEU 115 197 197 LEU LEU A . n 
A 1 116 VAL 116 198 198 VAL VAL A . n 
A 1 117 ALA 117 199 199 ALA ALA A . n 
A 1 118 ALA 118 200 200 ALA ALA A . n 
A 1 119 HIS 119 201 201 HIS HIS A . n 
A 1 120 GLU 120 202 202 GLU GLU A . n 
A 1 121 ILE 121 203 203 ILE ILE A . n 
A 1 122 GLY 122 204 204 GLY GLY A . n 
A 1 123 HIS 123 205 205 HIS HIS A . n 
A 1 124 SER 124 206 206 SER SER A . n 
A 1 125 LEU 125 207 207 LEU LEU A . n 
A 1 126 GLY 126 208 208 GLY GLY A . n 
A 1 127 LEU 127 209 209 LEU LEU A . n 
A 1 128 PHE 128 210 210 PHE PHE A . n 
A 1 129 HIS 129 211 211 HIS HIS A . n 
A 1 130 SER 130 212 212 SER SER A . n 
A 1 131 ALA 131 213 213 ALA ALA A . n 
A 1 132 ASN 132 214 214 ASN ASN A . n 
A 1 133 THR 133 215 215 THR THR A . n 
A 1 134 GLU 134 216 216 GLU GLU A . n 
A 1 135 ALA 135 217 217 ALA ALA A . n 
A 1 136 LEU 136 218 218 LEU LEU A . n 
A 1 137 MET 137 219 219 MET MET A . n 
A 1 138 TYR 138 220 220 TYR TYR A . n 
A 1 139 PRO 139 221 221 PRO PRO A . n 
A 1 140 LEU 140 222 222 LEU LEU A . n 
A 1 141 TYR 141 223 223 TYR TYR A . n 
A 1 142 HIS 142 224 224 HIS HIS A . n 
A 1 143 SER 143 225 225 SER SER A . n 
A 1 144 LEU 144 226 226 LEU LEU A . n 
A 1 145 THR 145 227 227 THR THR A . n 
A 1 146 ASP 146 228 228 ASP ASP A . n 
A 1 147 LEU 147 229 229 LEU LEU A . n 
A 1 148 THR 148 230 230 THR THR A . n 
A 1 149 ARG 149 231 231 ARG ARG A . n 
A 1 150 PHE 150 232 232 PHE PHE A . n 
A 1 151 ARG 151 233 233 ARG ARG A . n 
A 1 152 LEU 152 234 234 LEU LEU A . n 
A 1 153 SER 153 235 235 SER SER A . n 
A 1 154 GLN 154 236 236 GLN GLN A . n 
A 1 155 ASP 155 237 237 ASP ASP A . n 
A 1 156 ASP 156 238 238 ASP ASP A . n 
A 1 157 ILE 157 239 239 ILE ILE A . n 
A 1 158 ASN 158 240 240 ASN ASN A . n 
A 1 159 GLY 159 241 241 GLY GLY A . n 
A 1 160 ILE 160 242 242 ILE ILE A . n 
A 1 161 GLN 161 243 243 GLN GLN A . n 
A 1 162 SER 162 244 244 SER SER A . n 
A 1 163 LEU 163 245 245 LEU LEU A . n 
A 1 164 TYR 164 246 246 TYR TYR A . n 
A 1 165 GLY 165 247 247 GLY GLY A . n 
A 1 166 PRO 166 248 248 PRO PRO A . n 
A 1 167 PRO 167 249 249 PRO PRO A . n 
A 1 168 PRO 168 250 250 PRO PRO A . n 
# 
loop_
_pdbx_nonpoly_scheme.asym_id 
_pdbx_nonpoly_scheme.entity_id 
_pdbx_nonpoly_scheme.mon_id 
_pdbx_nonpoly_scheme.ndb_seq_num 
_pdbx_nonpoly_scheme.pdb_seq_num 
_pdbx_nonpoly_scheme.auth_seq_num 
_pdbx_nonpoly_scheme.pdb_mon_id 
_pdbx_nonpoly_scheme.auth_mon_id 
_pdbx_nonpoly_scheme.pdb_strand_id 
_pdbx_nonpoly_scheme.pdb_ins_code 
B 2 ZN  1   301 301 ZN  ZN  A . 
C 2 ZN  1   302 302 ZN  ZN  A . 
D 3 CA  1   303 303 CA  CA  A . 
E 3 CA  1   304 304 CA  CA  A . 
F 3 CA  1   305 305 CA  CA  A . 
G 4 SO4 1   306 1   SO4 SO4 A . 
H 5 DPS 1   307 2   DPS IN3 A . 
I 6 HOH 1   401 401 HOH HOH A . 
I 6 HOH 2   402 402 HOH HOH A . 
I 6 HOH 3   403 403 HOH HOH A . 
I 6 HOH 4   404 404 HOH HOH A . 
I 6 HOH 5   405 405 HOH HOH A . 
I 6 HOH 6   406 406 HOH HOH A . 
I 6 HOH 7   407 407 HOH HOH A . 
I 6 HOH 8   408 408 HOH HOH A . 
I 6 HOH 9   409 409 HOH HOH A . 
I 6 HOH 10  410 410 HOH HOH A . 
I 6 HOH 11  411 411 HOH HOH A . 
I 6 HOH 12  412 412 HOH HOH A . 
I 6 HOH 13  413 413 HOH HOH A . 
I 6 HOH 14  414 414 HOH HOH A . 
I 6 HOH 15  415 415 HOH HOH A . 
I 6 HOH 16  416 416 HOH HOH A . 
I 6 HOH 17  417 417 HOH HOH A . 
I 6 HOH 18  418 418 HOH HOH A . 
I 6 HOH 19  419 419 HOH HOH A . 
I 6 HOH 20  420 420 HOH HOH A . 
I 6 HOH 21  421 421 HOH HOH A . 
I 6 HOH 22  422 422 HOH HOH A . 
I 6 HOH 23  423 423 HOH HOH A . 
I 6 HOH 24  424 424 HOH HOH A . 
I 6 HOH 25  425 425 HOH HOH A . 
I 6 HOH 26  426 426 HOH HOH A . 
I 6 HOH 27  427 427 HOH HOH A . 
I 6 HOH 28  428 428 HOH HOH A . 
I 6 HOH 29  429 429 HOH HOH A . 
I 6 HOH 30  430 430 HOH HOH A . 
I 6 HOH 31  431 431 HOH HOH A . 
I 6 HOH 32  432 432 HOH HOH A . 
I 6 HOH 33  433 433 HOH HOH A . 
I 6 HOH 34  434 434 HOH HOH A . 
I 6 HOH 35  435 435 HOH HOH A . 
I 6 HOH 36  436 436 HOH HOH A . 
I 6 HOH 37  437 437 HOH HOH A . 
I 6 HOH 38  438 438 HOH HOH A . 
I 6 HOH 39  439 439 HOH HOH A . 
I 6 HOH 40  440 440 HOH HOH A . 
I 6 HOH 41  441 441 HOH HOH A . 
I 6 HOH 42  442 442 HOH HOH A . 
I 6 HOH 43  443 443 HOH HOH A . 
I 6 HOH 44  444 444 HOH HOH A . 
I 6 HOH 45  445 445 HOH HOH A . 
I 6 HOH 46  446 446 HOH HOH A . 
I 6 HOH 47  447 447 HOH HOH A . 
I 6 HOH 48  448 448 HOH HOH A . 
I 6 HOH 49  449 449 HOH HOH A . 
I 6 HOH 50  450 450 HOH HOH A . 
I 6 HOH 51  451 451 HOH HOH A . 
I 6 HOH 52  452 452 HOH HOH A . 
I 6 HOH 53  453 453 HOH HOH A . 
I 6 HOH 54  454 454 HOH HOH A . 
I 6 HOH 55  455 455 HOH HOH A . 
I 6 HOH 56  456 456 HOH HOH A . 
I 6 HOH 57  457 457 HOH HOH A . 
I 6 HOH 58  458 458 HOH HOH A . 
I 6 HOH 59  459 459 HOH HOH A . 
I 6 HOH 60  460 460 HOH HOH A . 
I 6 HOH 61  461 461 HOH HOH A . 
I 6 HOH 62  462 462 HOH HOH A . 
I 6 HOH 63  463 463 HOH HOH A . 
I 6 HOH 64  464 464 HOH HOH A . 
I 6 HOH 65  465 465 HOH HOH A . 
I 6 HOH 66  466 466 HOH HOH A . 
I 6 HOH 67  467 467 HOH HOH A . 
I 6 HOH 68  468 468 HOH HOH A . 
I 6 HOH 69  469 469 HOH HOH A . 
I 6 HOH 70  470 470 HOH HOH A . 
I 6 HOH 71  471 471 HOH HOH A . 
I 6 HOH 72  472 472 HOH HOH A . 
I 6 HOH 73  473 473 HOH HOH A . 
I 6 HOH 74  474 474 HOH HOH A . 
I 6 HOH 75  475 475 HOH HOH A . 
I 6 HOH 76  476 476 HOH HOH A . 
I 6 HOH 77  477 477 HOH HOH A . 
I 6 HOH 78  478 478 HOH HOH A . 
I 6 HOH 79  479 479 HOH HOH A . 
I 6 HOH 80  480 480 HOH HOH A . 
I 6 HOH 81  481 481 HOH HOH A . 
I 6 HOH 82  482 482 HOH HOH A . 
I 6 HOH 83  483 483 HOH HOH A . 
I 6 HOH 84  484 484 HOH HOH A . 
I 6 HOH 85  485 485 HOH HOH A . 
I 6 HOH 86  486 486 HOH HOH A . 
I 6 HOH 87  487 487 HOH HOH A . 
I 6 HOH 88  488 488 HOH HOH A . 
I 6 HOH 89  489 489 HOH HOH A . 
I 6 HOH 90  490 490 HOH HOH A . 
I 6 HOH 91  491 491 HOH HOH A . 
I 6 HOH 92  492 492 HOH HOH A . 
I 6 HOH 93  493 493 HOH HOH A . 
I 6 HOH 94  494 494 HOH HOH A . 
I 6 HOH 95  495 495 HOH HOH A . 
I 6 HOH 96  496 496 HOH HOH A . 
I 6 HOH 97  497 497 HOH HOH A . 
I 6 HOH 98  498 498 HOH HOH A . 
I 6 HOH 99  499 499 HOH HOH A . 
I 6 HOH 100 500 500 HOH HOH A . 
I 6 HOH 101 501 501 HOH HOH A . 
I 6 HOH 102 502 502 HOH HOH A . 
I 6 HOH 103 503 503 HOH HOH A . 
I 6 HOH 104 504 504 HOH HOH A . 
I 6 HOH 105 505 505 HOH HOH A . 
I 6 HOH 106 506 506 HOH HOH A . 
I 6 HOH 107 507 507 HOH HOH A . 
I 6 HOH 108 508 508 HOH HOH A . 
I 6 HOH 109 509 509 HOH HOH A . 
I 6 HOH 110 510 510 HOH HOH A . 
I 6 HOH 111 511 511 HOH HOH A . 
I 6 HOH 112 512 512 HOH HOH A . 
I 6 HOH 113 513 513 HOH HOH A . 
I 6 HOH 114 514 514 HOH HOH A . 
I 6 HOH 115 515 515 HOH HOH A . 
I 6 HOH 116 516 516 HOH HOH A . 
I 6 HOH 117 517 517 HOH HOH A . 
I 6 HOH 118 518 518 HOH HOH A . 
I 6 HOH 119 519 519 HOH HOH A . 
I 6 HOH 120 520 520 HOH HOH A . 
I 6 HOH 121 521 521 HOH HOH A . 
I 6 HOH 122 522 522 HOH HOH A . 
I 6 HOH 123 523 523 HOH HOH A . 
I 6 HOH 124 524 524 HOH HOH A . 
I 6 HOH 125 525 525 HOH HOH A . 
I 6 HOH 126 526 526 HOH HOH A . 
I 6 HOH 127 527 527 HOH HOH A . 
I 6 HOH 128 528 528 HOH HOH A . 
I 6 HOH 129 529 529 HOH HOH A . 
I 6 HOH 130 530 530 HOH HOH A . 
I 6 HOH 131 531 531 HOH HOH A . 
I 6 HOH 132 532 532 HOH HOH A . 
I 6 HOH 133 533 533 HOH HOH A . 
I 6 HOH 134 534 534 HOH HOH A . 
I 6 HOH 135 535 535 HOH HOH A . 
I 6 HOH 136 536 536 HOH HOH A . 
I 6 HOH 137 537 537 HOH HOH A . 
I 6 HOH 138 538 538 HOH HOH A . 
I 6 HOH 139 539 539 HOH HOH A . 
I 6 HOH 140 540 540 HOH HOH A . 
I 6 HOH 141 541 541 HOH HOH A . 
I 6 HOH 142 542 542 HOH HOH A . 
I 6 HOH 143 543 543 HOH HOH A . 
I 6 HOH 144 544 544 HOH HOH A . 
I 6 HOH 145 545 545 HOH HOH A . 
I 6 HOH 146 546 546 HOH HOH A . 
I 6 HOH 147 547 547 HOH HOH A . 
# 
loop_
_pdbx_struct_assembly.id 
_pdbx_struct_assembly.details 
_pdbx_struct_assembly.method_details 
_pdbx_struct_assembly.oligomeric_details 
_pdbx_struct_assembly.oligomeric_count 
1 author_defined_assembly   ?        monomeric 1 
2 software_defined_assembly PISA,PQS dimeric   2 
# 
loop_
_pdbx_struct_assembly_gen.assembly_id 
_pdbx_struct_assembly_gen.oper_expression 
_pdbx_struct_assembly_gen.asym_id_list 
1 1   A,B,C,D,E,F,G,H,I 
2 1,2 A,B,C,D,E,F,G,H,I 
# 
loop_
_pdbx_struct_assembly_prop.biol_id 
_pdbx_struct_assembly_prop.type 
_pdbx_struct_assembly_prop.value 
_pdbx_struct_assembly_prop.details 
2 'ABSA (A^2)' 4370  ? 
2 MORE         -168  ? 
2 'SSA (A^2)'  15130 ? 
# 
loop_
_pdbx_struct_oper_list.id 
_pdbx_struct_oper_list.type 
_pdbx_struct_oper_list.name 
_pdbx_struct_oper_list.symmetry_operation 
_pdbx_struct_oper_list.matrix[1][1] 
_pdbx_struct_oper_list.matrix[1][2] 
_pdbx_struct_oper_list.matrix[1][3] 
_pdbx_struct_oper_list.vector[1] 
_pdbx_struct_oper_list.matrix[2][1] 
_pdbx_struct_oper_list.matrix[2][2] 
_pdbx_struct_oper_list.matrix[2][3] 
_pdbx_struct_oper_list.vector[2] 
_pdbx_struct_oper_list.matrix[3][1] 
_pdbx_struct_oper_list.matrix[3][2] 
_pdbx_struct_oper_list.matrix[3][3] 
_pdbx_struct_oper_list.vector[3] 
1 'identity operation'         1_555 x,y,z            1.0000000000  0.0000000000 0.0000000000 0.0000000000   0.0000000000 1.0000000000  0.0000000000 0.0000000000  0.0000000000 0.0000000000 1.0000000000 0.0000000000 
2 'crystal symmetry operation' 8_665 -y+1,-x+1,-z+1/2 -0.2266240302 0.2049754617 0.9521694225 -14.9764749786 0.2049754617 -0.9456733315 0.2523628540 28.8622281391 0.9521694225 0.2523628540 0.1722973617 5.9510389526 
# 
_pdbx_struct_special_symmetry.id              1 
_pdbx_struct_special_symmetry.PDB_model_num   1 
_pdbx_struct_special_symmetry.auth_asym_id    A 
_pdbx_struct_special_symmetry.auth_comp_id    SO4 
_pdbx_struct_special_symmetry.auth_seq_id     306 
_pdbx_struct_special_symmetry.PDB_ins_code    ? 
_pdbx_struct_special_symmetry.label_asym_id   G 
_pdbx_struct_special_symmetry.label_comp_id   SO4 
_pdbx_struct_special_symmetry.label_seq_id    . 
# 
loop_
_pdbx_struct_conn_angle.id 
_pdbx_struct_conn_angle.ptnr1_label_atom_id 
_pdbx_struct_conn_angle.ptnr1_label_alt_id 
_pdbx_struct_conn_angle.ptnr1_label_asym_id 
_pdbx_struct_conn_angle.ptnr1_label_comp_id 
_pdbx_struct_conn_angle.ptnr1_label_seq_id 
_pdbx_struct_conn_angle.ptnr1_auth_atom_id 
_pdbx_struct_conn_angle.ptnr1_auth_asym_id 
_pdbx_struct_conn_angle.ptnr1_auth_comp_id 
_pdbx_struct_conn_angle.ptnr1_auth_seq_id 
_pdbx_struct_conn_angle.ptnr1_PDB_ins_code 
_pdbx_struct_conn_angle.ptnr1_symmetry 
_pdbx_struct_conn_angle.ptnr2_label_atom_id 
_pdbx_struct_conn_angle.ptnr2_label_alt_id 
_pdbx_struct_conn_angle.ptnr2_label_asym_id 
_pdbx_struct_conn_angle.ptnr2_label_comp_id 
_pdbx_struct_conn_angle.ptnr2_label_seq_id 
_pdbx_struct_conn_angle.ptnr2_auth_atom_id 
_pdbx_struct_conn_angle.ptnr2_auth_asym_id 
_pdbx_struct_conn_angle.ptnr2_auth_comp_id 
_pdbx_struct_conn_angle.ptnr2_auth_seq_id 
_pdbx_struct_conn_angle.ptnr2_PDB_ins_code 
_pdbx_struct_conn_angle.ptnr2_symmetry 
_pdbx_struct_conn_angle.ptnr3_label_atom_id 
_pdbx_struct_conn_angle.ptnr3_label_alt_id 
_pdbx_struct_conn_angle.ptnr3_label_asym_id 
_pdbx_struct_conn_angle.ptnr3_label_comp_id 
_pdbx_struct_conn_angle.ptnr3_label_seq_id 
_pdbx_struct_conn_angle.ptnr3_auth_atom_id 
_pdbx_struct_conn_angle.ptnr3_auth_asym_id 
_pdbx_struct_conn_angle.ptnr3_auth_comp_id 
_pdbx_struct_conn_angle.ptnr3_auth_seq_id 
_pdbx_struct_conn_angle.ptnr3_PDB_ins_code 
_pdbx_struct_conn_angle.ptnr3_symmetry 
_pdbx_struct_conn_angle.value 
_pdbx_struct_conn_angle.value_esd 
1  OD2 ? A ASP 25  ? A ASP 107 ? 1_555 CA ? F CA . ? A CA 305 ? 1_555 OD1 ? A ASP 25  ? A ASP 107 ? 1_555 40.0  ? 
2  OD2 ? A ASP 25  ? A ASP 107 ? 1_555 CA ? F CA . ? A CA 305 ? 1_555 O   ? A ASP 100 ? A ASP 182 ? 1_555 171.9 ? 
3  OD1 ? A ASP 25  ? A ASP 107 ? 1_555 CA ? F CA . ? A CA 305 ? 1_555 O   ? A ASP 100 ? A ASP 182 ? 1_555 137.6 ? 
4  OD2 ? A ASP 25  ? A ASP 107 ? 1_555 CA ? F CA . ? A CA 305 ? 1_555 OD1 ? A ASP 100 ? A ASP 182 ? 1_555 102.5 ? 
5  OD1 ? A ASP 25  ? A ASP 107 ? 1_555 CA ? F CA . ? A CA 305 ? 1_555 OD1 ? A ASP 100 ? A ASP 182 ? 1_555 106.3 ? 
6  O   ? A ASP 100 ? A ASP 182 ? 1_555 CA ? F CA . ? A CA 305 ? 1_555 OD1 ? A ASP 100 ? A ASP 182 ? 1_555 85.6  ? 
7  OD2 ? A ASP 25  ? A ASP 107 ? 1_555 CA ? F CA . ? A CA 305 ? 1_555 O   ? A GLU 102 ? A GLU 184 ? 1_555 84.2  ? 
8  OD1 ? A ASP 25  ? A ASP 107 ? 1_555 CA ? F CA . ? A CA 305 ? 1_555 O   ? A GLU 102 ? A GLU 184 ? 1_555 113.4 ? 
9  O   ? A ASP 100 ? A ASP 182 ? 1_555 CA ? F CA . ? A CA 305 ? 1_555 O   ? A GLU 102 ? A GLU 184 ? 1_555 91.9  ? 
10 OD1 ? A ASP 100 ? A ASP 182 ? 1_555 CA ? F CA . ? A CA 305 ? 1_555 O   ? A GLU 102 ? A GLU 184 ? 1_555 122.0 ? 
11 OD2 ? A ASP 25  ? A ASP 107 ? 1_555 CA ? F CA . ? A CA 305 ? 1_555 O   ? I HOH .   ? A HOH 401 ? 1_555 91.7  ? 
12 OD1 ? A ASP 25  ? A ASP 107 ? 1_555 CA ? F CA . ? A CA 305 ? 1_555 O   ? I HOH .   ? A HOH 401 ? 1_555 52.3  ? 
13 O   ? A ASP 100 ? A ASP 182 ? 1_555 CA ? F CA . ? A CA 305 ? 1_555 O   ? I HOH .   ? A HOH 401 ? 1_555 85.3  ? 
14 OD1 ? A ASP 100 ? A ASP 182 ? 1_555 CA ? F CA . ? A CA 305 ? 1_555 O   ? I HOH .   ? A HOH 401 ? 1_555 108.6 ? 
15 O   ? A GLU 102 ? A GLU 184 ? 1_555 CA ? F CA . ? A CA 305 ? 1_555 O   ? I HOH .   ? A HOH 401 ? 1_555 129.0 ? 
16 O   ? A ASP 59  ? A ASP 141 ? 1_555 CA ? E CA . ? A CA 304 ? 1_555 O   ? A GLY 91  ? A GLY 173 ? 1_555 174.2 ? 
17 O   ? A ASP 59  ? A ASP 141 ? 1_555 CA ? E CA . ? A CA 304 ? 1_555 O   ? A ASN 93  ? A ASN 175 ? 1_555 100.7 ? 
18 O   ? A GLY 91  ? A GLY 173 ? 1_555 CA ? E CA . ? A CA 304 ? 1_555 O   ? A ASN 93  ? A ASN 175 ? 1_555 84.9  ? 
19 O   ? A ASP 59  ? A ASP 141 ? 1_555 CA ? E CA . ? A CA 304 ? 1_555 OD1 ? A ASP 95  ? A ASP 177 ? 1_555 85.8  ? 
20 O   ? A GLY 91  ? A GLY 173 ? 1_555 CA ? E CA . ? A CA 304 ? 1_555 OD1 ? A ASP 95  ? A ASP 177 ? 1_555 95.0  ? 
21 O   ? A ASN 93  ? A ASN 175 ? 1_555 CA ? E CA . ? A CA 304 ? 1_555 OD1 ? A ASP 95  ? A ASP 177 ? 1_555 98.2  ? 
22 O   ? A ASP 59  ? A ASP 141 ? 1_555 CA ? E CA . ? A CA 304 ? 1_555 O   ? I HOH .   ? A HOH 403 ? 1_555 84.1  ? 
23 O   ? A GLY 91  ? A GLY 173 ? 1_555 CA ? E CA . ? A CA 304 ? 1_555 O   ? I HOH .   ? A HOH 403 ? 1_555 95.5  ? 
24 O   ? A ASN 93  ? A ASN 175 ? 1_555 CA ? E CA . ? A CA 304 ? 1_555 O   ? I HOH .   ? A HOH 403 ? 1_555 79.1  ? 
25 OD1 ? A ASP 95  ? A ASP 177 ? 1_555 CA ? E CA . ? A CA 304 ? 1_555 O   ? I HOH .   ? A HOH 403 ? 1_555 168.8 ? 
26 O   ? A ASP 59  ? A ASP 141 ? 1_555 CA ? E CA . ? A CA 304 ? 1_555 O   ? I HOH .   ? A HOH 404 ? 1_555 92.8  ? 
27 O   ? A GLY 91  ? A GLY 173 ? 1_555 CA ? E CA . ? A CA 304 ? 1_555 O   ? I HOH .   ? A HOH 404 ? 1_555 81.5  ? 
28 O   ? A ASN 93  ? A ASN 175 ? 1_555 CA ? E CA . ? A CA 304 ? 1_555 O   ? I HOH .   ? A HOH 404 ? 1_555 157.8 ? 
29 OD1 ? A ASP 95  ? A ASP 177 ? 1_555 CA ? E CA . ? A CA 304 ? 1_555 O   ? I HOH .   ? A HOH 404 ? 1_555 100.3 ? 
30 O   ? I HOH .   ? A HOH 403 ? 1_555 CA ? E CA . ? A CA 304 ? 1_555 O   ? I HOH .   ? A HOH 404 ? 1_555 84.9  ? 
31 NE2 ? A HIS 69  ? A HIS 151 ? 1_555 ZN ? C ZN . ? A ZN 302 ? 1_555 OD2 ? A ASP 71  ? A ASP 153 ? 1_555 109.1 ? 
32 NE2 ? A HIS 69  ? A HIS 151 ? 1_555 ZN ? C ZN . ? A ZN 302 ? 1_555 NE2 ? A HIS 84  ? A HIS 166 ? 1_555 119.7 ? 
33 OD2 ? A ASP 71  ? A ASP 153 ? 1_555 ZN ? C ZN . ? A ZN 302 ? 1_555 NE2 ? A HIS 84  ? A HIS 166 ? 1_555 111.4 ? 
34 NE2 ? A HIS 69  ? A HIS 151 ? 1_555 ZN ? C ZN . ? A ZN 302 ? 1_555 ND1 ? A HIS 97  ? A HIS 179 ? 1_555 107.4 ? 
35 OD2 ? A ASP 71  ? A ASP 153 ? 1_555 ZN ? C ZN . ? A ZN 302 ? 1_555 ND1 ? A HIS 97  ? A HIS 179 ? 1_555 95.7  ? 
36 NE2 ? A HIS 84  ? A HIS 166 ? 1_555 ZN ? C ZN . ? A ZN 302 ? 1_555 ND1 ? A HIS 97  ? A HIS 179 ? 1_555 110.7 ? 
37 OD1 ? A ASP 76  ? A ASP 158 ? 1_555 CA ? D CA . ? A CA 303 ? 1_555 O   ? A GLY 77  ? A GLY 159 ? 1_555 86.8  ? 
38 OD1 ? A ASP 76  ? A ASP 158 ? 1_555 CA ? D CA . ? A CA 303 ? 1_555 O   ? A GLY 79  ? A GLY 161 ? 1_555 84.4  ? 
39 O   ? A GLY 77  ? A GLY 159 ? 1_555 CA ? D CA . ? A CA 303 ? 1_555 O   ? A GLY 79  ? A GLY 161 ? 1_555 89.1  ? 
40 OD1 ? A ASP 76  ? A ASP 158 ? 1_555 CA ? D CA . ? A CA 303 ? 1_555 O   ? A VAL 81  ? A VAL 163 ? 1_555 88.7  ? 
41 O   ? A GLY 77  ? A GLY 159 ? 1_555 CA ? D CA . ? A CA 303 ? 1_555 O   ? A VAL 81  ? A VAL 163 ? 1_555 174.9 ? 
42 O   ? A GLY 79  ? A GLY 161 ? 1_555 CA ? D CA . ? A CA 303 ? 1_555 O   ? A VAL 81  ? A VAL 163 ? 1_555 92.8  ? 
43 OD1 ? A ASP 76  ? A ASP 158 ? 1_555 CA ? D CA . ? A CA 303 ? 1_555 OD2 ? A ASP 99  ? A ASP 181 ? 1_555 92.0  ? 
44 O   ? A GLY 77  ? A GLY 159 ? 1_555 CA ? D CA . ? A CA 303 ? 1_555 OD2 ? A ASP 99  ? A ASP 181 ? 1_555 87.0  ? 
45 O   ? A GLY 79  ? A GLY 161 ? 1_555 CA ? D CA . ? A CA 303 ? 1_555 OD2 ? A ASP 99  ? A ASP 181 ? 1_555 174.8 ? 
46 O   ? A VAL 81  ? A VAL 163 ? 1_555 CA ? D CA . ? A CA 303 ? 1_555 OD2 ? A ASP 99  ? A ASP 181 ? 1_555 90.8  ? 
47 OD1 ? A ASP 76  ? A ASP 158 ? 1_555 CA ? D CA . ? A CA 303 ? 1_555 OE2 ? A GLU 102 ? A GLU 184 ? 1_555 175.2 ? 
48 O   ? A GLY 77  ? A GLY 159 ? 1_555 CA ? D CA . ? A CA 303 ? 1_555 OE2 ? A GLU 102 ? A GLU 184 ? 1_555 97.4  ? 
49 O   ? A GLY 79  ? A GLY 161 ? 1_555 CA ? D CA . ? A CA 303 ? 1_555 OE2 ? A GLU 102 ? A GLU 184 ? 1_555 93.4  ? 
50 O   ? A VAL 81  ? A VAL 163 ? 1_555 CA ? D CA . ? A CA 303 ? 1_555 OE2 ? A GLU 102 ? A GLU 184 ? 1_555 87.2  ? 
51 OD2 ? A ASP 99  ? A ASP 181 ? 1_555 CA ? D CA . ? A CA 303 ? 1_555 OE2 ? A GLU 102 ? A GLU 184 ? 1_555 90.5  ? 
52 NE2 ? A HIS 119 ? A HIS 201 ? 1_555 ZN ? B ZN . ? A ZN 301 ? 1_555 NE2 ? A HIS 123 ? A HIS 205 ? 1_555 105.6 ? 
53 NE2 ? A HIS 119 ? A HIS 201 ? 1_555 ZN ? B ZN . ? A ZN 301 ? 1_555 NE2 ? A HIS 129 ? A HIS 211 ? 1_555 110.9 ? 
54 NE2 ? A HIS 123 ? A HIS 205 ? 1_555 ZN ? B ZN . ? A ZN 301 ? 1_555 NE2 ? A HIS 129 ? A HIS 211 ? 1_555 98.4  ? 
55 NE2 ? A HIS 119 ? A HIS 201 ? 1_555 ZN ? B ZN . ? A ZN 301 ? 1_555 O4  ? H DPS .   ? A DPS 307 ? 1_555 109.3 ? 
56 NE2 ? A HIS 123 ? A HIS 205 ? 1_555 ZN ? B ZN . ? A ZN 301 ? 1_555 O4  ? H DPS .   ? A DPS 307 ? 1_555 128.9 ? 
57 NE2 ? A HIS 129 ? A HIS 211 ? 1_555 ZN ? B ZN . ? A ZN 301 ? 1_555 O4  ? H DPS .   ? A DPS 307 ? 1_555 102.4 ? 
58 NE2 ? A HIS 119 ? A HIS 201 ? 1_555 ZN ? B ZN . ? A ZN 301 ? 1_555 O3  ? H DPS .   ? A DPS 307 ? 1_555 93.6  ? 
59 NE2 ? A HIS 123 ? A HIS 205 ? 1_555 ZN ? B ZN . ? A ZN 301 ? 1_555 O3  ? H DPS .   ? A DPS 307 ? 1_555 88.4  ? 
60 NE2 ? A HIS 129 ? A HIS 211 ? 1_555 ZN ? B ZN . ? A ZN 301 ? 1_555 O3  ? H DPS .   ? A DPS 307 ? 1_555 151.4 ? 
61 O4  ? H DPS .   ? A DPS 307 ? 1_555 ZN ? B ZN . ? A ZN 301 ? 1_555 O3  ? H DPS .   ? A DPS 307 ? 1_555 53.9  ? 
# 
loop_
_pdbx_audit_revision_history.ordinal 
_pdbx_audit_revision_history.data_content_type 
_pdbx_audit_revision_history.major_revision 
_pdbx_audit_revision_history.minor_revision 
_pdbx_audit_revision_history.revision_date 
1 'Structure model' 1 0 1999-09-01 
2 'Structure model' 1 1 2007-10-16 
3 'Structure model' 1 2 2011-07-13 
4 'Structure model' 1 3 2018-01-24 
5 'Structure model' 1 4 2018-01-31 
6 'Structure model' 1 5 2023-08-09 
# 
_pdbx_audit_revision_details.ordinal             1 
_pdbx_audit_revision_details.revision_ordinal    1 
_pdbx_audit_revision_details.data_content_type   'Structure model' 
_pdbx_audit_revision_details.provider            repository 
_pdbx_audit_revision_details.type                'Initial release' 
_pdbx_audit_revision_details.description         ? 
_pdbx_audit_revision_details.details             ? 
# 
loop_
_pdbx_audit_revision_group.ordinal 
_pdbx_audit_revision_group.revision_ordinal 
_pdbx_audit_revision_group.data_content_type 
_pdbx_audit_revision_group.group 
1 2 'Structure model' 'Version format compliance' 
2 3 'Structure model' 'Derived calculations'      
3 3 'Structure model' 'Version format compliance' 
4 4 'Structure model' 'Database references'       
5 5 'Structure model' 'Database references'       
6 6 'Structure model' 'Data collection'           
7 6 'Structure model' 'Database references'       
8 6 'Structure model' 'Derived calculations'      
9 6 'Structure model' 'Refinement description'    
# 
loop_
_pdbx_audit_revision_category.ordinal 
_pdbx_audit_revision_category.revision_ordinal 
_pdbx_audit_revision_category.data_content_type 
_pdbx_audit_revision_category.category 
1  4 'Structure model' citation_author               
2  5 'Structure model' citation_author               
3  6 'Structure model' chem_comp_atom                
4  6 'Structure model' chem_comp_bond                
5  6 'Structure model' database_2                    
6  6 'Structure model' pdbx_initial_refinement_model 
7  6 'Structure model' pdbx_struct_conn_angle        
8  6 'Structure model' pdbx_struct_special_symmetry  
9  6 'Structure model' struct_conn                   
10 6 'Structure model' struct_site                   
# 
loop_
_pdbx_audit_revision_item.ordinal 
_pdbx_audit_revision_item.revision_ordinal 
_pdbx_audit_revision_item.data_content_type 
_pdbx_audit_revision_item.item 
1  4 'Structure model' '_citation_author.name'                       
2  5 'Structure model' '_citation_author.name'                       
3  6 'Structure model' '_database_2.pdbx_DOI'                        
4  6 'Structure model' '_database_2.pdbx_database_accession'         
5  6 'Structure model' '_pdbx_struct_conn_angle.ptnr1_auth_comp_id'  
6  6 'Structure model' '_pdbx_struct_conn_angle.ptnr1_auth_seq_id'   
7  6 'Structure model' '_pdbx_struct_conn_angle.ptnr1_label_asym_id' 
8  6 'Structure model' '_pdbx_struct_conn_angle.ptnr1_label_atom_id' 
9  6 'Structure model' '_pdbx_struct_conn_angle.ptnr1_label_comp_id' 
10 6 'Structure model' '_pdbx_struct_conn_angle.ptnr1_label_seq_id'  
11 6 'Structure model' '_pdbx_struct_conn_angle.ptnr3_auth_comp_id'  
12 6 'Structure model' '_pdbx_struct_conn_angle.ptnr3_auth_seq_id'   
13 6 'Structure model' '_pdbx_struct_conn_angle.ptnr3_label_asym_id' 
14 6 'Structure model' '_pdbx_struct_conn_angle.ptnr3_label_atom_id' 
15 6 'Structure model' '_pdbx_struct_conn_angle.ptnr3_label_comp_id' 
16 6 'Structure model' '_pdbx_struct_conn_angle.ptnr3_label_seq_id'  
17 6 'Structure model' '_pdbx_struct_conn_angle.value'               
18 6 'Structure model' '_struct_conn.pdbx_dist_value'                
19 6 'Structure model' '_struct_conn.ptnr1_auth_comp_id'             
20 6 'Structure model' '_struct_conn.ptnr1_auth_seq_id'              
21 6 'Structure model' '_struct_conn.ptnr1_label_asym_id'            
22 6 'Structure model' '_struct_conn.ptnr1_label_atom_id'            
23 6 'Structure model' '_struct_conn.ptnr1_label_comp_id'            
24 6 'Structure model' '_struct_conn.ptnr1_label_seq_id'             
25 6 'Structure model' '_struct_conn.ptnr2_auth_comp_id'             
26 6 'Structure model' '_struct_conn.ptnr2_auth_seq_id'              
27 6 'Structure model' '_struct_conn.ptnr2_label_asym_id'            
28 6 'Structure model' '_struct_conn.ptnr2_label_atom_id'            
29 6 'Structure model' '_struct_conn.ptnr2_label_comp_id'            
30 6 'Structure model' '_struct_conn.ptnr2_label_seq_id'             
31 6 'Structure model' '_struct_site.pdbx_auth_asym_id'              
32 6 'Structure model' '_struct_site.pdbx_auth_comp_id'              
33 6 'Structure model' '_struct_site.pdbx_auth_seq_id'               
# 
loop_
_software.name 
_software.classification 
_software.version 
_software.citation_id 
_software.pdbx_ordinal 
AMoRE     phasing          .   ? 1 
X-PLOR    refinement       3.1 ? 2 
DENZO     'data reduction' .   ? 3 
SCALEPACK 'data scaling'   .   ? 4 
# 
loop_
_pdbx_validate_symm_contact.id 
_pdbx_validate_symm_contact.PDB_model_num 
_pdbx_validate_symm_contact.auth_atom_id_1 
_pdbx_validate_symm_contact.auth_asym_id_1 
_pdbx_validate_symm_contact.auth_comp_id_1 
_pdbx_validate_symm_contact.auth_seq_id_1 
_pdbx_validate_symm_contact.PDB_ins_code_1 
_pdbx_validate_symm_contact.label_alt_id_1 
_pdbx_validate_symm_contact.site_symmetry_1 
_pdbx_validate_symm_contact.auth_atom_id_2 
_pdbx_validate_symm_contact.auth_asym_id_2 
_pdbx_validate_symm_contact.auth_comp_id_2 
_pdbx_validate_symm_contact.auth_seq_id_2 
_pdbx_validate_symm_contact.PDB_ins_code_2 
_pdbx_validate_symm_contact.label_alt_id_2 
_pdbx_validate_symm_contact.site_symmetry_2 
_pdbx_validate_symm_contact.dist 
1 1 OD2 A ASP 182 ? ? 1_555 O A HOH 538 ? ? 8_665 1.93 
2 1 CB  A ASP 182 ? ? 1_555 O A HOH 538 ? ? 8_665 2.02 
# 
_pdbx_validate_rmsd_bond.id                        1 
_pdbx_validate_rmsd_bond.PDB_model_num             1 
_pdbx_validate_rmsd_bond.auth_atom_id_1            CG 
_pdbx_validate_rmsd_bond.auth_asym_id_1            A 
_pdbx_validate_rmsd_bond.auth_comp_id_1            HIS 
_pdbx_validate_rmsd_bond.auth_seq_id_1             96 
_pdbx_validate_rmsd_bond.PDB_ins_code_1            ? 
_pdbx_validate_rmsd_bond.label_alt_id_1            ? 
_pdbx_validate_rmsd_bond.auth_atom_id_2            CD2 
_pdbx_validate_rmsd_bond.auth_asym_id_2            A 
_pdbx_validate_rmsd_bond.auth_comp_id_2            HIS 
_pdbx_validate_rmsd_bond.auth_seq_id_2             96 
_pdbx_validate_rmsd_bond.PDB_ins_code_2            ? 
_pdbx_validate_rmsd_bond.label_alt_id_2            ? 
_pdbx_validate_rmsd_bond.bond_value                1.410 
_pdbx_validate_rmsd_bond.bond_target_value         1.354 
_pdbx_validate_rmsd_bond.bond_deviation            0.056 
_pdbx_validate_rmsd_bond.bond_standard_deviation   0.009 
_pdbx_validate_rmsd_bond.linker_flag               N 
# 
loop_
_pdbx_validate_torsion.id 
_pdbx_validate_torsion.PDB_model_num 
_pdbx_validate_torsion.auth_comp_id 
_pdbx_validate_torsion.auth_asym_id 
_pdbx_validate_torsion.auth_seq_id 
_pdbx_validate_torsion.PDB_ins_code 
_pdbx_validate_torsion.label_alt_id 
_pdbx_validate_torsion.phi 
_pdbx_validate_torsion.psi 
1 1 ILE A 89  ? ? 35.96   62.28   
2 1 ARG A 93  ? ? -112.24 57.54   
3 1 LYS A 94  ? ? -175.03 148.48  
4 1 ARG A 149 ? ? 54.03   -127.63 
5 1 ASN A 162 ? ? 59.77   -127.60 
6 1 PHE A 210 ? ? -88.37  -153.17 
7 1 SER A 225 ? ? -117.79 -162.33 
# 
_pdbx_validate_chiral.id              1 
_pdbx_validate_chiral.PDB_model_num   1 
_pdbx_validate_chiral.auth_atom_id    C8 
_pdbx_validate_chiral.label_alt_id    ? 
_pdbx_validate_chiral.auth_asym_id    A 
_pdbx_validate_chiral.auth_comp_id    DPS 
_pdbx_validate_chiral.auth_seq_id     307 
_pdbx_validate_chiral.PDB_ins_code    ? 
_pdbx_validate_chiral.details         'WRONG HAND' 
_pdbx_validate_chiral.omega           . 
# 
loop_
_chem_comp_atom.comp_id 
_chem_comp_atom.atom_id 
_chem_comp_atom.type_symbol 
_chem_comp_atom.pdbx_aromatic_flag 
_chem_comp_atom.pdbx_stereo_config 
_chem_comp_atom.pdbx_ordinal 
ALA N    N  N N 1   
ALA CA   C  N S 2   
ALA C    C  N N 3   
ALA O    O  N N 4   
ALA CB   C  N N 5   
ALA OXT  O  N N 6   
ALA H    H  N N 7   
ALA H2   H  N N 8   
ALA HA   H  N N 9   
ALA HB1  H  N N 10  
ALA HB2  H  N N 11  
ALA HB3  H  N N 12  
ALA HXT  H  N N 13  
ARG N    N  N N 14  
ARG CA   C  N S 15  
ARG C    C  N N 16  
ARG O    O  N N 17  
ARG CB   C  N N 18  
ARG CG   C  N N 19  
ARG CD   C  N N 20  
ARG NE   N  N N 21  
ARG CZ   C  N N 22  
ARG NH1  N  N N 23  
ARG NH2  N  N N 24  
ARG OXT  O  N N 25  
ARG H    H  N N 26  
ARG H2   H  N N 27  
ARG HA   H  N N 28  
ARG HB2  H  N N 29  
ARG HB3  H  N N 30  
ARG HG2  H  N N 31  
ARG HG3  H  N N 32  
ARG HD2  H  N N 33  
ARG HD3  H  N N 34  
ARG HE   H  N N 35  
ARG HH11 H  N N 36  
ARG HH12 H  N N 37  
ARG HH21 H  N N 38  
ARG HH22 H  N N 39  
ARG HXT  H  N N 40  
ASN N    N  N N 41  
ASN CA   C  N S 42  
ASN C    C  N N 43  
ASN O    O  N N 44  
ASN CB   C  N N 45  
ASN CG   C  N N 46  
ASN OD1  O  N N 47  
ASN ND2  N  N N 48  
ASN OXT  O  N N 49  
ASN H    H  N N 50  
ASN H2   H  N N 51  
ASN HA   H  N N 52  
ASN HB2  H  N N 53  
ASN HB3  H  N N 54  
ASN HD21 H  N N 55  
ASN HD22 H  N N 56  
ASN HXT  H  N N 57  
ASP N    N  N N 58  
ASP CA   C  N S 59  
ASP C    C  N N 60  
ASP O    O  N N 61  
ASP CB   C  N N 62  
ASP CG   C  N N 63  
ASP OD1  O  N N 64  
ASP OD2  O  N N 65  
ASP OXT  O  N N 66  
ASP H    H  N N 67  
ASP H2   H  N N 68  
ASP HA   H  N N 69  
ASP HB2  H  N N 70  
ASP HB3  H  N N 71  
ASP HD2  H  N N 72  
ASP HXT  H  N N 73  
CA  CA   CA N N 74  
DPS N1   N  N N 75  
DPS C2   C  Y N 76  
DPS C3   C  Y N 77  
DPS C4   C  Y N 78  
DPS C5   C  Y N 79  
DPS N7   N  Y N 80  
DPS C8   C  N S 81  
DPS C10  C  Y N 82  
DPS C11  C  N N 83  
DPS C12  C  Y N 84  
DPS O1   O  N N 85  
DPS O2   O  N N 86  
DPS C1   C  Y N 87  
DPS C6   C  Y N 88  
DPS S    S  N N 89  
DPS C7   C  N N 90  
DPS C13  C  N N 91  
DPS C15  C  N N 92  
DPS C18  C  N N 93  
DPS C14  C  Y N 94  
DPS C16  C  Y N 95  
DPS C17  C  Y N 96  
DPS C19  C  Y N 97  
DPS N    N  N N 98  
DPS C20  C  N N 99  
DPS C9   C  N N 100 
DPS O3   O  N N 101 
DPS O4   O  N N 102 
DPS C21  C  Y N 103 
DPS C22  C  Y N 104 
DPS C23  C  Y N 105 
DPS C24  C  Y N 106 
DPS C25  C  Y N 107 
DPS C26  C  Y N 108 
DPS C27  C  Y N 109 
DPS C28  C  Y N 110 
DPS H2   H  N N 111 
DPS H3   H  N N 112 
DPS H5   H  N N 113 
DPS HN7  H  N N 114 
DPS H8   H  N N 115 
DPS H10  H  N N 116 
DPS H11  H  N N 117 
DPS H12  H  N N 118 
DPS H6   H  N N 119 
DPS H71  H  N N 120 
DPS H72  H  N N 121 
DPS H131 H  N N 122 
DPS H132 H  N N 123 
DPS H151 H  N N 124 
DPS H152 H  N N 125 
DPS H181 H  N N 126 
DPS H182 H  N N 127 
DPS H14  H  N N 128 
DPS H17  H  N N 129 
DPS H19  H  N N 130 
DPS HN   H  N N 131 
DPS H201 H  N N 132 
DPS H202 H  N N 133 
DPS HO4  H  N N 134 
DPS H21  H  N N 135 
DPS H22  H  N N 136 
DPS H25  H  N N 137 
DPS H26  H  N N 138 
DPS H27  H  N N 139 
GLN N    N  N N 140 
GLN CA   C  N S 141 
GLN C    C  N N 142 
GLN O    O  N N 143 
GLN CB   C  N N 144 
GLN CG   C  N N 145 
GLN CD   C  N N 146 
GLN OE1  O  N N 147 
GLN NE2  N  N N 148 
GLN OXT  O  N N 149 
GLN H    H  N N 150 
GLN H2   H  N N 151 
GLN HA   H  N N 152 
GLN HB2  H  N N 153 
GLN HB3  H  N N 154 
GLN HG2  H  N N 155 
GLN HG3  H  N N 156 
GLN HE21 H  N N 157 
GLN HE22 H  N N 158 
GLN HXT  H  N N 159 
GLU N    N  N N 160 
GLU CA   C  N S 161 
GLU C    C  N N 162 
GLU O    O  N N 163 
GLU CB   C  N N 164 
GLU CG   C  N N 165 
GLU CD   C  N N 166 
GLU OE1  O  N N 167 
GLU OE2  O  N N 168 
GLU OXT  O  N N 169 
GLU H    H  N N 170 
GLU H2   H  N N 171 
GLU HA   H  N N 172 
GLU HB2  H  N N 173 
GLU HB3  H  N N 174 
GLU HG2  H  N N 175 
GLU HG3  H  N N 176 
GLU HE2  H  N N 177 
GLU HXT  H  N N 178 
GLY N    N  N N 179 
GLY CA   C  N N 180 
GLY C    C  N N 181 
GLY O    O  N N 182 
GLY OXT  O  N N 183 
GLY H    H  N N 184 
GLY H2   H  N N 185 
GLY HA2  H  N N 186 
GLY HA3  H  N N 187 
GLY HXT  H  N N 188 
HIS N    N  N N 189 
HIS CA   C  N S 190 
HIS C    C  N N 191 
HIS O    O  N N 192 
HIS CB   C  N N 193 
HIS CG   C  Y N 194 
HIS ND1  N  Y N 195 
HIS CD2  C  Y N 196 
HIS CE1  C  Y N 197 
HIS NE2  N  Y N 198 
HIS OXT  O  N N 199 
HIS H    H  N N 200 
HIS H2   H  N N 201 
HIS HA   H  N N 202 
HIS HB2  H  N N 203 
HIS HB3  H  N N 204 
HIS HD1  H  N N 205 
HIS HD2  H  N N 206 
HIS HE1  H  N N 207 
HIS HE2  H  N N 208 
HIS HXT  H  N N 209 
HOH O    O  N N 210 
HOH H1   H  N N 211 
HOH H2   H  N N 212 
ILE N    N  N N 213 
ILE CA   C  N S 214 
ILE C    C  N N 215 
ILE O    O  N N 216 
ILE CB   C  N S 217 
ILE CG1  C  N N 218 
ILE CG2  C  N N 219 
ILE CD1  C  N N 220 
ILE OXT  O  N N 221 
ILE H    H  N N 222 
ILE H2   H  N N 223 
ILE HA   H  N N 224 
ILE HB   H  N N 225 
ILE HG12 H  N N 226 
ILE HG13 H  N N 227 
ILE HG21 H  N N 228 
ILE HG22 H  N N 229 
ILE HG23 H  N N 230 
ILE HD11 H  N N 231 
ILE HD12 H  N N 232 
ILE HD13 H  N N 233 
ILE HXT  H  N N 234 
LEU N    N  N N 235 
LEU CA   C  N S 236 
LEU C    C  N N 237 
LEU O    O  N N 238 
LEU CB   C  N N 239 
LEU CG   C  N N 240 
LEU CD1  C  N N 241 
LEU CD2  C  N N 242 
LEU OXT  O  N N 243 
LEU H    H  N N 244 
LEU H2   H  N N 245 
LEU HA   H  N N 246 
LEU HB2  H  N N 247 
LEU HB3  H  N N 248 
LEU HG   H  N N 249 
LEU HD11 H  N N 250 
LEU HD12 H  N N 251 
LEU HD13 H  N N 252 
LEU HD21 H  N N 253 
LEU HD22 H  N N 254 
LEU HD23 H  N N 255 
LEU HXT  H  N N 256 
LYS N    N  N N 257 
LYS CA   C  N S 258 
LYS C    C  N N 259 
LYS O    O  N N 260 
LYS CB   C  N N 261 
LYS CG   C  N N 262 
LYS CD   C  N N 263 
LYS CE   C  N N 264 
LYS NZ   N  N N 265 
LYS OXT  O  N N 266 
LYS H    H  N N 267 
LYS H2   H  N N 268 
LYS HA   H  N N 269 
LYS HB2  H  N N 270 
LYS HB3  H  N N 271 
LYS HG2  H  N N 272 
LYS HG3  H  N N 273 
LYS HD2  H  N N 274 
LYS HD3  H  N N 275 
LYS HE2  H  N N 276 
LYS HE3  H  N N 277 
LYS HZ1  H  N N 278 
LYS HZ2  H  N N 279 
LYS HZ3  H  N N 280 
LYS HXT  H  N N 281 
MET N    N  N N 282 
MET CA   C  N S 283 
MET C    C  N N 284 
MET O    O  N N 285 
MET CB   C  N N 286 
MET CG   C  N N 287 
MET SD   S  N N 288 
MET CE   C  N N 289 
MET OXT  O  N N 290 
MET H    H  N N 291 
MET H2   H  N N 292 
MET HA   H  N N 293 
MET HB2  H  N N 294 
MET HB3  H  N N 295 
MET HG2  H  N N 296 
MET HG3  H  N N 297 
MET HE1  H  N N 298 
MET HE2  H  N N 299 
MET HE3  H  N N 300 
MET HXT  H  N N 301 
PHE N    N  N N 302 
PHE CA   C  N S 303 
PHE C    C  N N 304 
PHE O    O  N N 305 
PHE CB   C  N N 306 
PHE CG   C  Y N 307 
PHE CD1  C  Y N 308 
PHE CD2  C  Y N 309 
PHE CE1  C  Y N 310 
PHE CE2  C  Y N 311 
PHE CZ   C  Y N 312 
PHE OXT  O  N N 313 
PHE H    H  N N 314 
PHE H2   H  N N 315 
PHE HA   H  N N 316 
PHE HB2  H  N N 317 
PHE HB3  H  N N 318 
PHE HD1  H  N N 319 
PHE HD2  H  N N 320 
PHE HE1  H  N N 321 
PHE HE2  H  N N 322 
PHE HZ   H  N N 323 
PHE HXT  H  N N 324 
PRO N    N  N N 325 
PRO CA   C  N S 326 
PRO C    C  N N 327 
PRO O    O  N N 328 
PRO CB   C  N N 329 
PRO CG   C  N N 330 
PRO CD   C  N N 331 
PRO OXT  O  N N 332 
PRO H    H  N N 333 
PRO HA   H  N N 334 
PRO HB2  H  N N 335 
PRO HB3  H  N N 336 
PRO HG2  H  N N 337 
PRO HG3  H  N N 338 
PRO HD2  H  N N 339 
PRO HD3  H  N N 340 
PRO HXT  H  N N 341 
SER N    N  N N 342 
SER CA   C  N S 343 
SER C    C  N N 344 
SER O    O  N N 345 
SER CB   C  N N 346 
SER OG   O  N N 347 
SER OXT  O  N N 348 
SER H    H  N N 349 
SER H2   H  N N 350 
SER HA   H  N N 351 
SER HB2  H  N N 352 
SER HB3  H  N N 353 
SER HG   H  N N 354 
SER HXT  H  N N 355 
SO4 S    S  N N 356 
SO4 O1   O  N N 357 
SO4 O2   O  N N 358 
SO4 O3   O  N N 359 
SO4 O4   O  N N 360 
THR N    N  N N 361 
THR CA   C  N S 362 
THR C    C  N N 363 
THR O    O  N N 364 
THR CB   C  N R 365 
THR OG1  O  N N 366 
THR CG2  C  N N 367 
THR OXT  O  N N 368 
THR H    H  N N 369 
THR H2   H  N N 370 
THR HA   H  N N 371 
THR HB   H  N N 372 
THR HG1  H  N N 373 
THR HG21 H  N N 374 
THR HG22 H  N N 375 
THR HG23 H  N N 376 
THR HXT  H  N N 377 
TRP N    N  N N 378 
TRP CA   C  N S 379 
TRP C    C  N N 380 
TRP O    O  N N 381 
TRP CB   C  N N 382 
TRP CG   C  Y N 383 
TRP CD1  C  Y N 384 
TRP CD2  C  Y N 385 
TRP NE1  N  Y N 386 
TRP CE2  C  Y N 387 
TRP CE3  C  Y N 388 
TRP CZ2  C  Y N 389 
TRP CZ3  C  Y N 390 
TRP CH2  C  Y N 391 
TRP OXT  O  N N 392 
TRP H    H  N N 393 
TRP H2   H  N N 394 
TRP HA   H  N N 395 
TRP HB2  H  N N 396 
TRP HB3  H  N N 397 
TRP HD1  H  N N 398 
TRP HE1  H  N N 399 
TRP HE3  H  N N 400 
TRP HZ2  H  N N 401 
TRP HZ3  H  N N 402 
TRP HH2  H  N N 403 
TRP HXT  H  N N 404 
TYR N    N  N N 405 
TYR CA   C  N S 406 
TYR C    C  N N 407 
TYR O    O  N N 408 
TYR CB   C  N N 409 
TYR CG   C  Y N 410 
TYR CD1  C  Y N 411 
TYR CD2  C  Y N 412 
TYR CE1  C  Y N 413 
TYR CE2  C  Y N 414 
TYR CZ   C  Y N 415 
TYR OH   O  N N 416 
TYR OXT  O  N N 417 
TYR H    H  N N 418 
TYR H2   H  N N 419 
TYR HA   H  N N 420 
TYR HB2  H  N N 421 
TYR HB3  H  N N 422 
TYR HD1  H  N N 423 
TYR HD2  H  N N 424 
TYR HE1  H  N N 425 
TYR HE2  H  N N 426 
TYR HH   H  N N 427 
TYR HXT  H  N N 428 
VAL N    N  N N 429 
VAL CA   C  N S 430 
VAL C    C  N N 431 
VAL O    O  N N 432 
VAL CB   C  N N 433 
VAL CG1  C  N N 434 
VAL CG2  C  N N 435 
VAL OXT  O  N N 436 
VAL H    H  N N 437 
VAL H2   H  N N 438 
VAL HA   H  N N 439 
VAL HB   H  N N 440 
VAL HG11 H  N N 441 
VAL HG12 H  N N 442 
VAL HG13 H  N N 443 
VAL HG21 H  N N 444 
VAL HG22 H  N N 445 
VAL HG23 H  N N 446 
VAL HXT  H  N N 447 
ZN  ZN   ZN N N 448 
# 
loop_
_chem_comp_bond.comp_id 
_chem_comp_bond.atom_id_1 
_chem_comp_bond.atom_id_2 
_chem_comp_bond.value_order 
_chem_comp_bond.pdbx_aromatic_flag 
_chem_comp_bond.pdbx_stereo_config 
_chem_comp_bond.pdbx_ordinal 
ALA N   CA   sing N N 1   
ALA N   H    sing N N 2   
ALA N   H2   sing N N 3   
ALA CA  C    sing N N 4   
ALA CA  CB   sing N N 5   
ALA CA  HA   sing N N 6   
ALA C   O    doub N N 7   
ALA C   OXT  sing N N 8   
ALA CB  HB1  sing N N 9   
ALA CB  HB2  sing N N 10  
ALA CB  HB3  sing N N 11  
ALA OXT HXT  sing N N 12  
ARG N   CA   sing N N 13  
ARG N   H    sing N N 14  
ARG N   H2   sing N N 15  
ARG CA  C    sing N N 16  
ARG CA  CB   sing N N 17  
ARG CA  HA   sing N N 18  
ARG C   O    doub N N 19  
ARG C   OXT  sing N N 20  
ARG CB  CG   sing N N 21  
ARG CB  HB2  sing N N 22  
ARG CB  HB3  sing N N 23  
ARG CG  CD   sing N N 24  
ARG CG  HG2  sing N N 25  
ARG CG  HG3  sing N N 26  
ARG CD  NE   sing N N 27  
ARG CD  HD2  sing N N 28  
ARG CD  HD3  sing N N 29  
ARG NE  CZ   sing N N 30  
ARG NE  HE   sing N N 31  
ARG CZ  NH1  sing N N 32  
ARG CZ  NH2  doub N N 33  
ARG NH1 HH11 sing N N 34  
ARG NH1 HH12 sing N N 35  
ARG NH2 HH21 sing N N 36  
ARG NH2 HH22 sing N N 37  
ARG OXT HXT  sing N N 38  
ASN N   CA   sing N N 39  
ASN N   H    sing N N 40  
ASN N   H2   sing N N 41  
ASN CA  C    sing N N 42  
ASN CA  CB   sing N N 43  
ASN CA  HA   sing N N 44  
ASN C   O    doub N N 45  
ASN C   OXT  sing N N 46  
ASN CB  CG   sing N N 47  
ASN CB  HB2  sing N N 48  
ASN CB  HB3  sing N N 49  
ASN CG  OD1  doub N N 50  
ASN CG  ND2  sing N N 51  
ASN ND2 HD21 sing N N 52  
ASN ND2 HD22 sing N N 53  
ASN OXT HXT  sing N N 54  
ASP N   CA   sing N N 55  
ASP N   H    sing N N 56  
ASP N   H2   sing N N 57  
ASP CA  C    sing N N 58  
ASP CA  CB   sing N N 59  
ASP CA  HA   sing N N 60  
ASP C   O    doub N N 61  
ASP C   OXT  sing N N 62  
ASP CB  CG   sing N N 63  
ASP CB  HB2  sing N N 64  
ASP CB  HB3  sing N N 65  
ASP CG  OD1  doub N N 66  
ASP CG  OD2  sing N N 67  
ASP OD2 HD2  sing N N 68  
ASP OXT HXT  sing N N 69  
DPS N1  C1   sing N N 70  
DPS N1  C15  sing N N 71  
DPS N1  C18  sing N N 72  
DPS C2  C3   doub Y N 73  
DPS C2  C1   sing Y N 74  
DPS C2  H2   sing N N 75  
DPS C3  C4   sing Y N 76  
DPS C3  H3   sing N N 77  
DPS C4  C5   doub Y N 78  
DPS C4  S    sing N N 79  
DPS C5  C6   sing Y N 80  
DPS C5  H5   sing N N 81  
DPS N7  C23  sing Y N 82  
DPS N7  C27  sing Y N 83  
DPS N7  HN7  sing N N 84  
DPS C8  N    sing N N 85  
DPS C8  C20  sing N N 86  
DPS C8  C9   sing N N 87  
DPS C8  H8   sing N N 88  
DPS C10 C12  doub Y N 89  
DPS C10 C19  sing Y N 90  
DPS C10 H10  sing N N 91  
DPS C11 C7   sing N N 92  
DPS C11 C13  sing N N 93  
DPS C11 C16  sing N N 94  
DPS C11 H11  sing N N 95  
DPS C12 C14  sing Y N 96  
DPS C12 H12  sing N N 97  
DPS O1  S    doub N N 98  
DPS O2  S    doub N N 99  
DPS C1  C6   doub Y N 100 
DPS C6  H6   sing N N 101 
DPS S   N    sing N N 102 
DPS C7  C18  sing N N 103 
DPS C7  H71  sing N N 104 
DPS C7  H72  sing N N 105 
DPS C13 C15  sing N N 106 
DPS C13 H131 sing N N 107 
DPS C13 H132 sing N N 108 
DPS C15 H151 sing N N 109 
DPS C15 H152 sing N N 110 
DPS C18 H181 sing N N 111 
DPS C18 H182 sing N N 112 
DPS C14 C16  doub Y N 113 
DPS C14 H14  sing N N 114 
DPS C16 C17  sing Y N 115 
DPS C17 C19  doub Y N 116 
DPS C17 H17  sing N N 117 
DPS C19 H19  sing N N 118 
DPS N   HN   sing N N 119 
DPS C20 C28  sing N N 120 
DPS C20 H201 sing N N 121 
DPS C20 H202 sing N N 122 
DPS C9  O3   doub N N 123 
DPS C9  O4   sing N N 124 
DPS O4  HO4  sing N N 125 
DPS C21 C22  doub Y N 126 
DPS C21 C26  sing Y N 127 
DPS C21 H21  sing N N 128 
DPS C22 C23  sing Y N 129 
DPS C22 H22  sing N N 130 
DPS C23 C24  doub Y N 131 
DPS C24 C25  sing Y N 132 
DPS C24 C28  sing Y N 133 
DPS C25 C26  doub Y N 134 
DPS C25 H25  sing N N 135 
DPS C26 H26  sing N N 136 
DPS C27 C28  doub Y N 137 
DPS C27 H27  sing N N 138 
GLN N   CA   sing N N 139 
GLN N   H    sing N N 140 
GLN N   H2   sing N N 141 
GLN CA  C    sing N N 142 
GLN CA  CB   sing N N 143 
GLN CA  HA   sing N N 144 
GLN C   O    doub N N 145 
GLN C   OXT  sing N N 146 
GLN CB  CG   sing N N 147 
GLN CB  HB2  sing N N 148 
GLN CB  HB3  sing N N 149 
GLN CG  CD   sing N N 150 
GLN CG  HG2  sing N N 151 
GLN CG  HG3  sing N N 152 
GLN CD  OE1  doub N N 153 
GLN CD  NE2  sing N N 154 
GLN NE2 HE21 sing N N 155 
GLN NE2 HE22 sing N N 156 
GLN OXT HXT  sing N N 157 
GLU N   CA   sing N N 158 
GLU N   H    sing N N 159 
GLU N   H2   sing N N 160 
GLU CA  C    sing N N 161 
GLU CA  CB   sing N N 162 
GLU CA  HA   sing N N 163 
GLU C   O    doub N N 164 
GLU C   OXT  sing N N 165 
GLU CB  CG   sing N N 166 
GLU CB  HB2  sing N N 167 
GLU CB  HB3  sing N N 168 
GLU CG  CD   sing N N 169 
GLU CG  HG2  sing N N 170 
GLU CG  HG3  sing N N 171 
GLU CD  OE1  doub N N 172 
GLU CD  OE2  sing N N 173 
GLU OE2 HE2  sing N N 174 
GLU OXT HXT  sing N N 175 
GLY N   CA   sing N N 176 
GLY N   H    sing N N 177 
GLY N   H2   sing N N 178 
GLY CA  C    sing N N 179 
GLY CA  HA2  sing N N 180 
GLY CA  HA3  sing N N 181 
GLY C   O    doub N N 182 
GLY C   OXT  sing N N 183 
GLY OXT HXT  sing N N 184 
HIS N   CA   sing N N 185 
HIS N   H    sing N N 186 
HIS N   H2   sing N N 187 
HIS CA  C    sing N N 188 
HIS CA  CB   sing N N 189 
HIS CA  HA   sing N N 190 
HIS C   O    doub N N 191 
HIS C   OXT  sing N N 192 
HIS CB  CG   sing N N 193 
HIS CB  HB2  sing N N 194 
HIS CB  HB3  sing N N 195 
HIS CG  ND1  sing Y N 196 
HIS CG  CD2  doub Y N 197 
HIS ND1 CE1  doub Y N 198 
HIS ND1 HD1  sing N N 199 
HIS CD2 NE2  sing Y N 200 
HIS CD2 HD2  sing N N 201 
HIS CE1 NE2  sing Y N 202 
HIS CE1 HE1  sing N N 203 
HIS NE2 HE2  sing N N 204 
HIS OXT HXT  sing N N 205 
HOH O   H1   sing N N 206 
HOH O   H2   sing N N 207 
ILE N   CA   sing N N 208 
ILE N   H    sing N N 209 
ILE N   H2   sing N N 210 
ILE CA  C    sing N N 211 
ILE CA  CB   sing N N 212 
ILE CA  HA   sing N N 213 
ILE C   O    doub N N 214 
ILE C   OXT  sing N N 215 
ILE CB  CG1  sing N N 216 
ILE CB  CG2  sing N N 217 
ILE CB  HB   sing N N 218 
ILE CG1 CD1  sing N N 219 
ILE CG1 HG12 sing N N 220 
ILE CG1 HG13 sing N N 221 
ILE CG2 HG21 sing N N 222 
ILE CG2 HG22 sing N N 223 
ILE CG2 HG23 sing N N 224 
ILE CD1 HD11 sing N N 225 
ILE CD1 HD12 sing N N 226 
ILE CD1 HD13 sing N N 227 
ILE OXT HXT  sing N N 228 
LEU N   CA   sing N N 229 
LEU N   H    sing N N 230 
LEU N   H2   sing N N 231 
LEU CA  C    sing N N 232 
LEU CA  CB   sing N N 233 
LEU CA  HA   sing N N 234 
LEU C   O    doub N N 235 
LEU C   OXT  sing N N 236 
LEU CB  CG   sing N N 237 
LEU CB  HB2  sing N N 238 
LEU CB  HB3  sing N N 239 
LEU CG  CD1  sing N N 240 
LEU CG  CD2  sing N N 241 
LEU CG  HG   sing N N 242 
LEU CD1 HD11 sing N N 243 
LEU CD1 HD12 sing N N 244 
LEU CD1 HD13 sing N N 245 
LEU CD2 HD21 sing N N 246 
LEU CD2 HD22 sing N N 247 
LEU CD2 HD23 sing N N 248 
LEU OXT HXT  sing N N 249 
LYS N   CA   sing N N 250 
LYS N   H    sing N N 251 
LYS N   H2   sing N N 252 
LYS CA  C    sing N N 253 
LYS CA  CB   sing N N 254 
LYS CA  HA   sing N N 255 
LYS C   O    doub N N 256 
LYS C   OXT  sing N N 257 
LYS CB  CG   sing N N 258 
LYS CB  HB2  sing N N 259 
LYS CB  HB3  sing N N 260 
LYS CG  CD   sing N N 261 
LYS CG  HG2  sing N N 262 
LYS CG  HG3  sing N N 263 
LYS CD  CE   sing N N 264 
LYS CD  HD2  sing N N 265 
LYS CD  HD3  sing N N 266 
LYS CE  NZ   sing N N 267 
LYS CE  HE2  sing N N 268 
LYS CE  HE3  sing N N 269 
LYS NZ  HZ1  sing N N 270 
LYS NZ  HZ2  sing N N 271 
LYS NZ  HZ3  sing N N 272 
LYS OXT HXT  sing N N 273 
MET N   CA   sing N N 274 
MET N   H    sing N N 275 
MET N   H2   sing N N 276 
MET CA  C    sing N N 277 
MET CA  CB   sing N N 278 
MET CA  HA   sing N N 279 
MET C   O    doub N N 280 
MET C   OXT  sing N N 281 
MET CB  CG   sing N N 282 
MET CB  HB2  sing N N 283 
MET CB  HB3  sing N N 284 
MET CG  SD   sing N N 285 
MET CG  HG2  sing N N 286 
MET CG  HG3  sing N N 287 
MET SD  CE   sing N N 288 
MET CE  HE1  sing N N 289 
MET CE  HE2  sing N N 290 
MET CE  HE3  sing N N 291 
MET OXT HXT  sing N N 292 
PHE N   CA   sing N N 293 
PHE N   H    sing N N 294 
PHE N   H2   sing N N 295 
PHE CA  C    sing N N 296 
PHE CA  CB   sing N N 297 
PHE CA  HA   sing N N 298 
PHE C   O    doub N N 299 
PHE C   OXT  sing N N 300 
PHE CB  CG   sing N N 301 
PHE CB  HB2  sing N N 302 
PHE CB  HB3  sing N N 303 
PHE CG  CD1  doub Y N 304 
PHE CG  CD2  sing Y N 305 
PHE CD1 CE1  sing Y N 306 
PHE CD1 HD1  sing N N 307 
PHE CD2 CE2  doub Y N 308 
PHE CD2 HD2  sing N N 309 
PHE CE1 CZ   doub Y N 310 
PHE CE1 HE1  sing N N 311 
PHE CE2 CZ   sing Y N 312 
PHE CE2 HE2  sing N N 313 
PHE CZ  HZ   sing N N 314 
PHE OXT HXT  sing N N 315 
PRO N   CA   sing N N 316 
PRO N   CD   sing N N 317 
PRO N   H    sing N N 318 
PRO CA  C    sing N N 319 
PRO CA  CB   sing N N 320 
PRO CA  HA   sing N N 321 
PRO C   O    doub N N 322 
PRO C   OXT  sing N N 323 
PRO CB  CG   sing N N 324 
PRO CB  HB2  sing N N 325 
PRO CB  HB3  sing N N 326 
PRO CG  CD   sing N N 327 
PRO CG  HG2  sing N N 328 
PRO CG  HG3  sing N N 329 
PRO CD  HD2  sing N N 330 
PRO CD  HD3  sing N N 331 
PRO OXT HXT  sing N N 332 
SER N   CA   sing N N 333 
SER N   H    sing N N 334 
SER N   H2   sing N N 335 
SER CA  C    sing N N 336 
SER CA  CB   sing N N 337 
SER CA  HA   sing N N 338 
SER C   O    doub N N 339 
SER C   OXT  sing N N 340 
SER CB  OG   sing N N 341 
SER CB  HB2  sing N N 342 
SER CB  HB3  sing N N 343 
SER OG  HG   sing N N 344 
SER OXT HXT  sing N N 345 
SO4 S   O1   doub N N 346 
SO4 S   O2   doub N N 347 
SO4 S   O3   sing N N 348 
SO4 S   O4   sing N N 349 
THR N   CA   sing N N 350 
THR N   H    sing N N 351 
THR N   H2   sing N N 352 
THR CA  C    sing N N 353 
THR CA  CB   sing N N 354 
THR CA  HA   sing N N 355 
THR C   O    doub N N 356 
THR C   OXT  sing N N 357 
THR CB  OG1  sing N N 358 
THR CB  CG2  sing N N 359 
THR CB  HB   sing N N 360 
THR OG1 HG1  sing N N 361 
THR CG2 HG21 sing N N 362 
THR CG2 HG22 sing N N 363 
THR CG2 HG23 sing N N 364 
THR OXT HXT  sing N N 365 
TRP N   CA   sing N N 366 
TRP N   H    sing N N 367 
TRP N   H2   sing N N 368 
TRP CA  C    sing N N 369 
TRP CA  CB   sing N N 370 
TRP CA  HA   sing N N 371 
TRP C   O    doub N N 372 
TRP C   OXT  sing N N 373 
TRP CB  CG   sing N N 374 
TRP CB  HB2  sing N N 375 
TRP CB  HB3  sing N N 376 
TRP CG  CD1  doub Y N 377 
TRP CG  CD2  sing Y N 378 
TRP CD1 NE1  sing Y N 379 
TRP CD1 HD1  sing N N 380 
TRP CD2 CE2  doub Y N 381 
TRP CD2 CE3  sing Y N 382 
TRP NE1 CE2  sing Y N 383 
TRP NE1 HE1  sing N N 384 
TRP CE2 CZ2  sing Y N 385 
TRP CE3 CZ3  doub Y N 386 
TRP CE3 HE3  sing N N 387 
TRP CZ2 CH2  doub Y N 388 
TRP CZ2 HZ2  sing N N 389 
TRP CZ3 CH2  sing Y N 390 
TRP CZ3 HZ3  sing N N 391 
TRP CH2 HH2  sing N N 392 
TRP OXT HXT  sing N N 393 
TYR N   CA   sing N N 394 
TYR N   H    sing N N 395 
TYR N   H2   sing N N 396 
TYR CA  C    sing N N 397 
TYR CA  CB   sing N N 398 
TYR CA  HA   sing N N 399 
TYR C   O    doub N N 400 
TYR C   OXT  sing N N 401 
TYR CB  CG   sing N N 402 
TYR CB  HB2  sing N N 403 
TYR CB  HB3  sing N N 404 
TYR CG  CD1  doub Y N 405 
TYR CG  CD2  sing Y N 406 
TYR CD1 CE1  sing Y N 407 
TYR CD1 HD1  sing N N 408 
TYR CD2 CE2  doub Y N 409 
TYR CD2 HD2  sing N N 410 
TYR CE1 CZ   doub Y N 411 
TYR CE1 HE1  sing N N 412 
TYR CE2 CZ   sing Y N 413 
TYR CE2 HE2  sing N N 414 
TYR CZ  OH   sing N N 415 
TYR OH  HH   sing N N 416 
TYR OXT HXT  sing N N 417 
VAL N   CA   sing N N 418 
VAL N   H    sing N N 419 
VAL N   H2   sing N N 420 
VAL CA  C    sing N N 421 
VAL CA  CB   sing N N 422 
VAL CA  HA   sing N N 423 
VAL C   O    doub N N 424 
VAL C   OXT  sing N N 425 
VAL CB  CG1  sing N N 426 
VAL CB  CG2  sing N N 427 
VAL CB  HB   sing N N 428 
VAL CG1 HG11 sing N N 429 
VAL CG1 HG12 sing N N 430 
VAL CG1 HG13 sing N N 431 
VAL CG2 HG21 sing N N 432 
VAL CG2 HG22 sing N N 433 
VAL CG2 HG23 sing N N 434 
VAL OXT HXT  sing N N 435 
# 
loop_
_pdbx_entity_nonpoly.entity_id 
_pdbx_entity_nonpoly.name 
_pdbx_entity_nonpoly.comp_id 
2 'ZINC ION'                                                                              ZN  
3 'CALCIUM ION'                                                                           CA  
4 'SULFATE ION'                                                                           SO4 
5 '3-(1H-INDOL-3-YL)-2-[4-(4-PHENYL-PIPERIDIN-1-YL)-BENZENESULFONYLAMINO]-PROPIONIC ACID' DPS 
6 water                                                                                   HOH 
# 
_pdbx_initial_refinement_model.id               1 
_pdbx_initial_refinement_model.entity_id_list   ? 
_pdbx_initial_refinement_model.type             'experimental model' 
_pdbx_initial_refinement_model.source_name      PDB 
_pdbx_initial_refinement_model.accession_code   1B8Y 
_pdbx_initial_refinement_model.details          'PROTEIN FROM 1B8Y' 
# 
